data_2IHW
#
_entry.id   2IHW
#
_cell.length_a   194.654
_cell.length_b   194.654
_cell.length_c   171.930
_cell.angle_alpha   90.000
_cell.angle_beta   90.000
_cell.angle_gamma   120.000
#
_symmetry.space_group_name_H-M   'H 3'
#
loop_
_entity.id
_entity.type
_entity.pdbx_description
1 polymer 'Lipoamide acyltransferase component of branched-chain alpha-keto acid dehydrogenase complex'
2 non-polymer 'ACETATE ION'
3 non-polymer 'CHLORIDE ION'
4 water water
#
_entity_poly.entity_id   1
_entity_poly.type   'polypeptide(L)'
_entity_poly.pdbx_seq_one_letter_code
;GHAEIMPPPPKPKDRTIPIPISKPPVFIGKDRTEPVKGFHKAMVKTMSAALKIPHFGYCDEVDLTELVKLREELKPIAFA
RGIKLSFMPFFLKAASLGLLQFPILNASVDENCQNITYKASHNIGIAMDTEQGLIVPNVKNVQIRSIFEIATELNRLQKL
GSAGQLSTNDLIGGTFTLSNIGSIGGTYAKPVILPPEVAIGALGTIKALPRFNEKGEVCKAQIMNVSWSADHRIIDGATV
SRFSNLWKSYLENPAFMLLDLK
;
_entity_poly.pdbx_strand_id   A,B,C,D,E,F,G,H
#
loop_
_chem_comp.id
_chem_comp.type
_chem_comp.name
_chem_comp.formula
ACT non-polymer 'ACETATE ION' 'C2 H3 O2 -1'
CL non-polymer 'CHLORIDE ION' 'Cl -1'
#
# COMPACT_ATOMS: atom_id res chain seq x y z
N GLY A 29 54.62 3.27 21.53
CA GLY A 29 55.47 2.10 21.94
C GLY A 29 55.90 2.10 23.42
N LYS A 30 55.62 3.21 24.10
CA LYS A 30 55.79 3.37 25.54
C LYS A 30 54.62 4.19 26.06
N ASP A 31 54.41 4.22 27.36
CA ASP A 31 53.33 5.02 27.95
C ASP A 31 53.63 6.56 28.00
N ARG A 32 52.74 7.37 27.43
CA ARG A 32 52.87 8.83 27.40
C ARG A 32 51.92 9.41 28.47
N THR A 33 52.36 10.30 29.35
CA THR A 33 51.41 10.96 30.31
C THR A 33 51.14 12.42 30.00
N GLU A 34 49.90 12.84 30.21
CA GLU A 34 49.48 14.14 29.78
C GLU A 34 48.46 14.87 30.65
N PRO A 35 48.46 16.20 30.60
CA PRO A 35 47.45 16.90 31.37
C PRO A 35 46.19 16.99 30.55
N VAL A 36 45.06 16.76 31.22
CA VAL A 36 43.74 17.07 30.73
C VAL A 36 43.73 18.59 30.72
N LYS A 37 43.79 19.17 29.53
CA LYS A 37 44.05 20.59 29.41
C LYS A 37 43.05 21.27 28.50
N GLY A 38 43.07 22.61 28.54
CA GLY A 38 42.23 23.45 27.69
C GLY A 38 40.76 23.12 27.84
N PHE A 39 40.13 22.77 26.73
CA PHE A 39 38.70 22.62 26.74
C PHE A 39 38.22 21.37 27.43
N HIS A 40 39.06 20.35 27.42
CA HIS A 40 38.66 19.04 27.95
C HIS A 40 38.30 19.10 29.45
N LYS A 41 38.71 20.19 30.11
CA LYS A 41 38.48 20.43 31.55
C LYS A 41 37.01 20.55 31.89
N ALA A 42 36.28 21.19 30.98
CA ALA A 42 34.82 21.35 31.11
C ALA A 42 34.04 20.03 31.14
N MET A 43 34.41 19.08 30.27
CA MET A 43 33.77 17.75 30.29
C MET A 43 34.01 17.05 31.62
N VAL A 44 35.23 17.12 32.14
CA VAL A 44 35.47 16.53 33.44
C VAL A 44 34.49 17.11 34.51
N LYS A 45 34.49 18.45 34.68
CA LYS A 45 33.58 19.15 35.60
C LYS A 45 32.12 18.71 35.44
N THR A 46 31.58 18.81 34.22
CA THR A 46 30.20 18.45 33.94
C THR A 46 29.87 17.02 34.35
N MET A 47 30.74 16.08 33.99
CA MET A 47 30.36 14.69 34.15
C MET A 47 30.57 14.26 35.58
N SER A 48 31.46 14.94 36.25
CA SER A 48 31.56 14.68 37.67
C SER A 48 30.31 15.23 38.39
N ALA A 49 29.78 16.35 37.90
CA ALA A 49 28.63 16.92 38.58
C ALA A 49 27.49 15.92 38.40
N ALA A 50 27.57 15.17 37.31
CA ALA A 50 26.48 14.35 36.92
C ALA A 50 26.33 13.15 37.85
N LEU A 51 27.40 12.78 38.55
CA LEU A 51 27.34 11.69 39.57
C LEU A 51 26.37 11.92 40.75
N LYS A 52 26.05 13.16 41.07
CA LYS A 52 25.05 13.43 42.06
C LYS A 52 23.59 13.08 41.63
N ILE A 53 23.35 12.64 40.39
CA ILE A 53 21.99 12.44 39.91
C ILE A 53 21.75 10.96 39.70
N PRO A 54 20.86 10.32 40.48
CA PRO A 54 20.53 8.92 40.23
C PRO A 54 19.81 8.68 38.88
N HIS A 55 20.54 8.17 37.89
CA HIS A 55 19.97 8.11 36.57
C HIS A 55 19.04 6.92 36.57
N PHE A 56 17.79 7.14 36.13
CA PHE A 56 16.86 6.07 35.75
C PHE A 56 16.84 5.90 34.23
N GLY A 57 16.94 4.67 33.75
CA GLY A 57 17.02 4.43 32.31
C GLY A 57 15.73 3.85 31.77
N TYR A 58 15.21 4.45 30.71
CA TYR A 58 14.05 3.86 30.08
C TYR A 58 14.22 3.92 28.54
N CYS A 59 14.20 2.76 27.88
CA CYS A 59 14.40 2.75 26.42
C CYS A 59 13.20 2.19 25.68
N ASP A 60 13.14 2.47 24.37
CA ASP A 60 12.08 1.88 23.56
C ASP A 60 12.49 1.83 22.09
N GLU A 61 11.61 1.23 21.26
CA GLU A 61 11.76 1.29 19.79
C GLU A 61 10.58 2.05 19.18
N VAL A 62 10.89 2.86 18.17
CA VAL A 62 9.94 3.77 17.51
C VAL A 62 9.91 3.42 16.02
N ASP A 63 8.72 3.26 15.44
CA ASP A 63 8.60 2.90 14.04
C ASP A 63 8.55 4.16 13.20
N LEU A 64 9.64 4.41 12.49
CA LEU A 64 9.78 5.64 11.69
C LEU A 64 9.48 5.55 10.18
N THR A 65 8.82 4.45 9.74
CA THR A 65 8.48 4.28 8.35
C THR A 65 7.72 5.46 7.79
N GLU A 66 6.70 5.92 8.52
CA GLU A 66 5.92 7.09 8.07
C GLU A 66 6.82 8.33 7.98
N LEU A 67 7.66 8.51 9.00
CA LEU A 67 8.47 9.71 9.12
C LEU A 67 9.49 9.82 7.98
N VAL A 68 10.00 8.67 7.55
CA VAL A 68 11.04 8.60 6.55
C VAL A 68 10.41 8.95 5.25
N LYS A 69 9.22 8.39 5.03
CA LYS A 69 8.38 8.73 3.88
C LYS A 69 8.14 10.24 3.89
N LEU A 70 7.60 10.71 5.02
CA LEU A 70 7.34 12.12 5.25
C LEU A 70 8.52 13.02 4.91
N ARG A 71 9.67 12.69 5.47
CA ARG A 71 10.91 13.42 5.21
C ARG A 71 11.32 13.40 3.72
N GLU A 72 11.27 12.24 3.09
CA GLU A 72 11.64 12.19 1.66
C GLU A 72 10.79 13.21 0.91
N GLU A 73 9.52 13.31 1.26
CA GLU A 73 8.66 14.27 0.55
C GLU A 73 8.79 15.73 1.00
N LEU A 74 9.40 15.96 2.16
CA LEU A 74 9.74 17.34 2.54
C LEU A 74 11.12 17.87 2.12
N LYS A 75 12.12 16.99 1.93
CA LYS A 75 13.46 17.40 1.44
C LYS A 75 13.45 18.37 0.23
N PRO A 76 12.57 18.14 -0.76
CA PRO A 76 12.56 19.00 -1.96
C PRO A 76 12.18 20.45 -1.67
N ILE A 77 11.23 20.62 -0.76
CA ILE A 77 10.77 21.93 -0.29
C ILE A 77 11.84 22.62 0.56
N ALA A 78 12.49 21.88 1.45
CA ALA A 78 13.49 22.51 2.27
C ALA A 78 14.75 22.78 1.46
N PHE A 79 15.25 21.79 0.72
CA PHE A 79 16.29 22.10 -0.26
C PHE A 79 15.92 23.39 -1.05
N ALA A 80 14.71 23.50 -1.57
CA ALA A 80 14.36 24.71 -2.33
C ALA A 80 14.38 26.02 -1.53
N ARG A 81 14.63 25.91 -0.22
CA ARG A 81 14.67 27.09 0.66
C ARG A 81 16.07 27.32 1.25
N GLY A 82 16.96 26.34 1.03
CA GLY A 82 18.37 26.46 1.37
C GLY A 82 18.76 25.76 2.65
N ILE A 83 17.96 24.76 3.02
CA ILE A 83 18.00 24.14 4.32
C ILE A 83 17.99 22.64 4.12
N LYS A 84 19.01 21.98 4.65
CA LYS A 84 18.99 20.54 4.77
C LYS A 84 18.08 20.20 5.97
N LEU A 85 17.41 19.06 5.87
CA LEU A 85 16.37 18.67 6.80
C LEU A 85 16.64 17.26 7.28
N SER A 86 17.17 17.15 8.51
CA SER A 86 17.42 15.83 9.09
C SER A 86 16.16 15.35 9.75
N PHE A 87 16.25 14.26 10.49
CA PHE A 87 15.16 13.88 11.38
C PHE A 87 15.10 14.75 12.60
N MET A 88 16.19 15.41 12.96
CA MET A 88 16.23 16.09 14.27
C MET A 88 15.09 17.13 14.50
N PRO A 89 14.78 18.01 13.50
CA PRO A 89 13.66 18.92 13.71
C PRO A 89 12.43 18.16 14.14
N PHE A 90 12.17 17.02 13.51
CA PHE A 90 10.99 16.28 13.91
C PHE A 90 11.09 15.86 15.36
N PHE A 91 12.23 15.27 15.74
CA PHE A 91 12.46 14.71 17.07
C PHE A 91 12.33 15.81 18.11
N LEU A 92 12.94 16.96 17.78
CA LEU A 92 12.96 18.12 18.65
C LEU A 92 11.57 18.68 18.90
N LYS A 93 10.77 18.84 17.84
CA LYS A 93 9.40 19.35 17.95
C LYS A 93 8.55 18.37 18.72
N ALA A 94 8.71 17.07 18.43
CA ALA A 94 7.93 16.12 19.16
C ALA A 94 8.28 16.17 20.68
N ALA A 95 9.55 16.33 21.02
CA ALA A 95 9.91 16.42 22.44
C ALA A 95 9.33 17.69 23.02
N SER A 96 9.32 18.73 22.21
CA SER A 96 8.77 19.96 22.69
C SER A 96 7.30 19.75 23.02
N LEU A 97 6.55 19.25 22.04
CA LEU A 97 5.16 18.92 22.28
C LEU A 97 5.05 18.01 23.49
N GLY A 98 5.91 17.00 23.59
CA GLY A 98 5.91 16.15 24.74
C GLY A 98 6.06 16.91 26.05
N LEU A 99 7.00 17.86 26.10
CA LEU A 99 7.31 18.57 27.36
C LEU A 99 6.19 19.55 27.78
N LEU A 100 5.31 19.93 26.85
CA LEU A 100 4.13 20.70 27.22
C LEU A 100 3.26 19.91 28.20
N GLN A 101 3.10 18.61 27.92
CA GLN A 101 2.26 17.77 28.75
C GLN A 101 2.99 17.32 30.00
N PHE A 102 4.30 17.17 29.91
CA PHE A 102 5.09 16.76 31.06
C PHE A 102 6.17 17.79 31.36
N PRO A 103 5.76 18.93 31.95
CA PRO A 103 6.65 20.03 32.16
C PRO A 103 7.79 19.65 33.12
N ILE A 104 7.55 18.76 34.09
CA ILE A 104 8.58 18.32 35.00
C ILE A 104 9.87 17.89 34.32
N LEU A 105 9.79 17.33 33.12
CA LEU A 105 11.00 16.91 32.40
C LEU A 105 11.85 18.08 31.86
N ASN A 106 11.24 19.27 31.80
CA ASN A 106 11.93 20.49 31.41
C ASN A 106 12.14 21.36 32.63
N ALA A 107 12.53 20.73 33.73
CA ALA A 107 12.80 21.48 34.93
C ALA A 107 14.27 21.38 35.33
N SER A 108 14.62 22.08 36.41
CA SER A 108 15.90 21.95 37.12
C SER A 108 15.67 21.77 38.58
N VAL A 109 16.67 21.24 39.23
CA VAL A 109 16.60 20.89 40.63
C VAL A 109 17.77 21.62 41.32
N ASP A 110 17.71 21.84 42.63
CA ASP A 110 18.83 22.57 43.26
C ASP A 110 19.91 21.70 43.97
N GLU A 111 20.65 22.32 44.89
CA GLU A 111 21.84 21.69 45.45
C GLU A 111 21.56 20.31 46.02
N ASN A 112 20.59 20.17 46.92
CA ASN A 112 20.26 18.78 47.24
C ASN A 112 18.85 18.37 46.89
N CYS A 113 18.35 18.83 45.75
CA CYS A 113 17.02 18.46 45.31
C CYS A 113 15.92 18.78 46.34
N GLN A 114 15.92 20.04 46.80
CA GLN A 114 14.89 20.57 47.70
C GLN A 114 13.87 21.44 46.97
N ASN A 115 14.27 21.96 45.82
CA ASN A 115 13.44 22.84 45.07
C ASN A 115 13.59 22.60 43.63
N ILE A 116 12.46 22.68 42.94
CA ILE A 116 12.36 22.45 41.53
C ILE A 116 11.96 23.74 40.87
N THR A 117 12.72 24.12 39.84
CA THR A 117 12.34 25.19 38.96
C THR A 117 11.89 24.65 37.61
N TYR A 118 10.59 24.87 37.35
CA TYR A 118 9.89 24.54 36.11
C TYR A 118 10.16 25.62 35.12
N LYS A 119 10.73 25.23 33.99
CA LYS A 119 11.17 26.22 33.00
C LYS A 119 10.17 26.43 31.87
N ALA A 120 9.88 27.67 31.56
CA ALA A 120 8.98 27.95 30.48
C ALA A 120 9.57 27.71 29.07
N SER A 121 10.89 27.83 28.91
CA SER A 121 11.48 27.80 27.57
C SER A 121 11.97 26.39 27.26
N HIS A 122 11.52 25.85 26.13
CA HIS A 122 12.02 24.57 25.71
C HIS A 122 13.24 24.89 24.89
N ASN A 123 14.38 24.94 25.58
CA ASN A 123 15.65 25.21 24.92
C ASN A 123 16.37 23.92 24.82
N ILE A 124 16.17 23.20 23.74
CA ILE A 124 16.70 21.86 23.64
C ILE A 124 18.12 21.82 23.10
N GLY A 125 18.99 21.15 23.84
CA GLY A 125 20.38 20.96 23.46
C GLY A 125 20.54 19.84 22.47
N ILE A 126 21.41 20.07 21.51
CA ILE A 126 21.81 19.07 20.54
C ILE A 126 23.25 18.72 20.90
N ALA A 127 23.43 17.57 21.53
CA ALA A 127 24.80 17.16 21.88
C ALA A 127 25.70 16.94 20.64
N MET A 128 26.86 17.59 20.65
CA MET A 128 27.81 17.54 19.55
C MET A 128 29.22 17.24 20.06
N ASP A 129 30.00 16.53 19.25
CA ASP A 129 31.44 16.40 19.50
C ASP A 129 32.24 17.11 18.39
N THR A 130 33.21 17.92 18.80
CA THR A 130 34.03 18.65 17.83
C THR A 130 35.48 18.09 17.81
N GLU A 131 36.42 18.79 17.16
CA GLU A 131 37.86 18.53 17.38
C GLU A 131 38.19 18.58 18.89
N GLN A 132 37.31 19.23 19.67
CA GLN A 132 37.45 19.37 21.12
C GLN A 132 36.41 18.57 21.93
N GLY A 133 35.70 17.68 21.26
CA GLY A 133 34.65 16.92 21.94
C GLY A 133 33.45 17.76 22.42
N LEU A 134 32.94 17.40 23.60
CA LEU A 134 31.54 17.71 23.99
C LEU A 134 31.23 19.17 23.95
N ILE A 135 30.20 19.52 23.16
CA ILE A 135 29.69 20.88 23.11
C ILE A 135 28.21 20.79 22.78
N VAL A 136 27.38 21.54 23.50
CA VAL A 136 25.95 21.30 23.55
C VAL A 136 25.16 22.57 23.32
N PRO A 137 25.12 23.05 22.05
CA PRO A 137 24.34 24.23 21.75
C PRO A 137 22.89 23.84 21.82
N ASN A 138 21.99 24.82 21.89
CA ASN A 138 20.56 24.50 22.06
C ASN A 138 19.76 25.35 21.15
N VAL A 139 18.64 24.83 20.70
CA VAL A 139 17.70 25.67 19.96
C VAL A 139 16.79 26.32 20.98
N LYS A 140 16.70 27.65 20.97
CA LYS A 140 15.90 28.37 21.98
C LYS A 140 14.43 28.28 21.67
N ASN A 141 13.61 28.12 22.69
CA ASN A 141 12.16 28.25 22.52
C ASN A 141 11.53 27.41 21.41
N VAL A 142 11.83 26.12 21.40
CA VAL A 142 11.29 25.22 20.39
C VAL A 142 9.78 25.26 20.50
N GLN A 143 9.26 25.52 21.70
CA GLN A 143 7.80 25.54 21.86
C GLN A 143 7.09 26.52 20.90
N ILE A 144 7.78 27.54 20.41
CA ILE A 144 7.16 28.45 19.48
C ILE A 144 7.83 28.45 18.15
N ARG A 145 8.46 27.35 17.79
CA ARG A 145 9.11 27.32 16.49
C ARG A 145 8.55 26.24 15.60
N SER A 146 8.49 26.51 14.30
CA SER A 146 8.04 25.51 13.35
C SER A 146 9.13 24.49 13.05
N ILE A 147 8.71 23.29 12.65
CA ILE A 147 9.69 22.29 12.28
C ILE A 147 10.68 22.96 11.36
N PHE A 148 10.16 23.69 10.38
CA PHE A 148 11.06 24.37 9.46
C PHE A 148 11.99 25.40 10.11
N GLU A 149 11.50 26.17 11.08
CA GLU A 149 12.42 27.09 11.79
C GLU A 149 13.59 26.40 12.55
N ILE A 150 13.28 25.21 13.09
CA ILE A 150 14.22 24.38 13.85
C ILE A 150 15.29 23.79 12.92
N ALA A 151 14.87 23.32 11.75
CA ALA A 151 15.82 22.92 10.70
C ALA A 151 16.77 24.11 10.52
N THR A 152 16.19 25.26 10.22
CA THR A 152 16.98 26.45 9.96
C THR A 152 17.97 26.67 11.12
N GLU A 153 17.47 26.50 12.34
CA GLU A 153 18.28 26.79 13.50
C GLU A 153 19.34 25.73 13.75
N LEU A 154 19.07 24.47 13.36
CA LEU A 154 20.09 23.45 13.48
C LEU A 154 21.14 23.69 12.43
N ASN A 155 20.71 24.17 11.27
CA ASN A 155 21.66 24.38 10.21
C ASN A 155 22.71 25.44 10.59
N ARG A 156 22.26 26.55 11.20
CA ARG A 156 23.14 27.58 11.77
C ARG A 156 24.09 26.98 12.80
N LEU A 157 23.53 26.18 13.72
CA LEU A 157 24.32 25.58 14.81
C LEU A 157 25.45 24.60 14.36
N GLN A 158 25.24 23.84 13.26
CA GLN A 158 26.32 23.00 12.67
C GLN A 158 27.35 23.77 11.89
N LYS A 159 26.90 24.77 11.17
CA LYS A 159 27.81 25.61 10.44
C LYS A 159 28.81 26.14 11.46
N LEU A 160 28.29 26.70 12.54
CA LEU A 160 29.11 27.36 13.54
C LEU A 160 29.93 26.40 14.36
N GLY A 161 29.29 25.33 14.83
CA GLY A 161 29.96 24.39 15.69
C GLY A 161 31.10 23.58 15.11
N SER A 162 31.01 23.25 13.83
CA SER A 162 32.12 22.59 13.19
C SER A 162 33.15 23.62 12.77
N ALA A 163 32.82 24.90 12.88
CA ALA A 163 33.76 25.95 12.49
C ALA A 163 34.54 26.35 13.73
N GLY A 164 34.18 25.75 14.85
CA GLY A 164 34.76 26.05 16.15
C GLY A 164 34.31 27.41 16.64
N GLN A 165 33.21 27.89 16.07
CA GLN A 165 32.85 29.31 16.13
C GLN A 165 31.49 29.57 16.75
N LEU A 166 31.00 28.58 17.50
CA LEU A 166 29.77 28.67 18.27
C LEU A 166 29.92 29.70 19.41
N SER A 167 28.97 30.62 19.54
CA SER A 167 29.01 31.68 20.58
C SER A 167 28.48 31.25 21.95
N THR A 168 28.73 32.08 22.96
CA THR A 168 28.26 31.83 24.32
C THR A 168 26.73 31.68 24.46
N ASN A 169 25.99 32.50 23.74
CA ASN A 169 24.53 32.57 23.85
C ASN A 169 23.90 31.28 23.37
N ASP A 170 24.52 30.68 22.35
CA ASP A 170 24.07 29.40 21.80
C ASP A 170 24.23 28.22 22.78
N LEU A 171 25.19 28.39 23.68
CA LEU A 171 25.68 27.37 24.60
C LEU A 171 25.00 27.38 25.99
N ILE A 172 24.41 28.51 26.39
CA ILE A 172 23.77 28.63 27.73
C ILE A 172 22.25 28.35 27.74
N GLY A 173 21.70 28.19 28.95
CA GLY A 173 20.27 28.18 29.14
C GLY A 173 19.52 27.00 28.56
N GLY A 174 20.21 25.90 28.28
CA GLY A 174 19.60 24.66 27.84
C GLY A 174 18.68 24.06 28.93
N THR A 175 17.63 23.35 28.54
CA THR A 175 16.68 22.95 29.54
C THR A 175 16.50 21.46 29.52
N PHE A 176 16.94 20.86 28.41
CA PHE A 176 16.67 19.46 28.07
C PHE A 176 17.59 19.12 26.89
N THR A 177 18.10 17.90 26.83
CA THR A 177 19.00 17.54 25.75
C THR A 177 18.63 16.26 25.02
N LEU A 178 18.70 16.34 23.72
CA LEU A 178 18.67 15.20 22.81
C LEU A 178 20.05 14.94 22.25
N SER A 179 20.38 13.70 21.97
CA SER A 179 21.70 13.41 21.40
C SER A 179 21.60 12.30 20.33
N ASN A 180 22.05 12.60 19.13
CA ASN A 180 21.82 11.68 18.05
C ASN A 180 23.05 10.82 17.87
N ILE A 181 23.16 9.84 18.73
CA ILE A 181 24.29 8.93 18.65
C ILE A 181 24.24 8.24 17.27
N GLY A 182 23.01 7.99 16.78
CA GLY A 182 22.72 7.30 15.50
C GLY A 182 23.24 7.94 14.21
N SER A 183 23.53 9.23 14.27
CA SER A 183 24.25 9.90 13.21
C SER A 183 25.58 9.17 12.92
N ILE A 184 26.11 8.44 13.92
CA ILE A 184 27.35 7.66 13.76
C ILE A 184 27.18 6.12 13.78
N GLY A 185 26.45 5.59 14.78
CA GLY A 185 26.03 4.18 14.87
C GLY A 185 25.20 4.00 16.15
N GLY A 186 24.79 2.77 16.45
CA GLY A 186 24.27 2.48 17.81
C GLY A 186 22.81 2.10 17.89
N THR A 187 22.44 1.25 18.85
CA THR A 187 21.02 1.03 19.06
C THR A 187 20.65 1.77 20.33
N TYR A 188 20.68 1.10 21.45
CA TYR A 188 20.45 1.74 22.76
C TYR A 188 21.71 2.43 23.35
N ALA A 189 21.51 3.27 24.35
CA ALA A 189 22.64 3.97 25.02
C ALA A 189 22.19 4.22 26.46
N LYS A 190 23.09 4.74 27.29
CA LYS A 190 22.75 5.24 28.60
C LYS A 190 23.41 6.63 28.61
N PRO A 191 22.68 7.64 28.20
CA PRO A 191 23.28 8.97 28.18
C PRO A 191 23.43 9.56 29.58
N VAL A 192 24.34 10.55 29.74
CA VAL A 192 24.59 11.15 31.05
C VAL A 192 23.83 12.45 31.10
N ILE A 193 23.12 12.69 32.19
CA ILE A 193 22.28 13.87 32.31
C ILE A 193 23.17 15.10 32.55
N LEU A 194 22.86 16.23 31.94
CA LEU A 194 23.73 17.39 32.04
C LEU A 194 23.26 18.41 33.08
N PRO A 195 23.77 18.36 34.34
CA PRO A 195 23.30 19.33 35.34
C PRO A 195 23.24 20.72 34.73
N PRO A 196 22.19 21.48 35.04
CA PRO A 196 21.10 21.25 35.96
C PRO A 196 19.86 20.60 35.33
N GLU A 197 20.00 19.97 34.18
CA GLU A 197 18.86 19.35 33.53
C GLU A 197 18.44 18.09 34.28
N VAL A 198 17.26 17.58 34.02
CA VAL A 198 16.83 16.41 34.70
C VAL A 198 16.66 15.27 33.69
N ALA A 199 16.85 15.55 32.40
CA ALA A 199 16.69 14.51 31.43
C ALA A 199 17.45 14.70 30.14
N ILE A 200 17.67 13.58 29.45
CA ILE A 200 18.34 13.51 28.17
C ILE A 200 17.84 12.25 27.46
N GLY A 201 17.81 12.30 26.13
CA GLY A 201 17.65 11.05 25.45
C GLY A 201 18.65 10.78 24.36
N ALA A 202 18.91 9.50 24.10
CA ALA A 202 19.74 9.18 22.99
C ALA A 202 19.00 8.41 21.91
N LEU A 203 19.19 8.85 20.66
CA LEU A 203 18.57 8.29 19.45
C LEU A 203 19.58 7.46 18.74
N GLY A 204 19.22 6.23 18.39
CA GLY A 204 20.14 5.29 17.74
C GLY A 204 19.98 5.41 16.25
N THR A 205 20.51 4.43 15.54
CA THR A 205 20.49 4.41 14.10
C THR A 205 19.14 3.91 13.61
N ILE A 206 18.61 4.58 12.58
CA ILE A 206 17.42 4.12 11.87
C ILE A 206 17.80 2.91 11.04
N LYS A 207 17.09 1.80 11.22
CA LYS A 207 17.46 0.52 10.60
C LYS A 207 16.23 -0.22 10.06
N ALA A 208 16.35 -0.78 8.86
CA ALA A 208 15.24 -1.57 8.28
C ALA A 208 15.19 -2.94 8.94
N LEU A 209 14.08 -3.24 9.60
CA LEU A 209 13.93 -4.55 10.25
C LEU A 209 12.63 -5.22 9.84
N PRO A 210 12.60 -6.55 9.89
CA PRO A 210 11.37 -7.29 9.60
C PRO A 210 10.34 -7.17 10.74
N ARG A 211 9.18 -6.64 10.43
CA ARG A 211 8.16 -6.34 11.41
C ARG A 211 6.79 -6.71 10.90
N PHE A 212 5.91 -7.10 11.82
CA PHE A 212 4.55 -7.46 11.44
C PHE A 212 3.72 -6.20 11.33
N ASN A 213 2.74 -6.18 10.42
CA ASN A 213 1.76 -5.08 10.36
C ASN A 213 0.33 -5.54 10.78
N GLU A 214 -0.64 -4.62 10.83
CA GLU A 214 -2.00 -4.94 11.27
C GLU A 214 -2.52 -6.25 10.62
N LYS A 215 -2.16 -6.47 9.34
CA LYS A 215 -2.51 -7.69 8.58
C LYS A 215 -1.82 -8.98 9.02
N GLY A 216 -0.70 -8.86 9.74
CA GLY A 216 0.04 -10.04 10.18
C GLY A 216 1.04 -10.60 9.17
N GLU A 217 1.33 -9.80 8.13
CA GLU A 217 2.42 -10.09 7.17
C GLU A 217 3.73 -9.36 7.59
N VAL A 218 4.85 -9.84 7.06
CA VAL A 218 6.16 -9.32 7.38
C VAL A 218 6.50 -8.14 6.46
N CYS A 219 6.49 -6.93 7.00
CA CYS A 219 6.91 -5.71 6.30
C CYS A 219 8.36 -5.30 6.57
N LYS A 220 8.87 -4.42 5.69
CA LYS A 220 10.06 -3.61 5.92
C LYS A 220 9.61 -2.52 6.90
N ALA A 221 10.31 -2.38 8.01
CA ALA A 221 9.97 -1.33 8.96
C ALA A 221 11.20 -0.55 9.34
N GLN A 222 11.06 0.76 9.25
CA GLN A 222 12.13 1.66 9.56
C GLN A 222 12.17 1.92 11.07
N ILE A 223 13.06 1.25 11.79
CA ILE A 223 12.98 1.15 13.24
C ILE A 223 14.13 1.90 13.88
N MET A 224 13.84 2.65 14.94
CA MET A 224 14.86 3.39 15.67
C MET A 224 14.72 3.16 17.19
N ASN A 225 15.84 3.13 17.87
CA ASN A 225 15.79 2.98 19.30
C ASN A 225 15.98 4.33 19.99
N VAL A 226 15.35 4.47 21.16
CA VAL A 226 15.54 5.66 21.96
C VAL A 226 15.84 5.21 23.38
N SER A 227 16.81 5.88 23.99
CA SER A 227 17.10 5.64 25.40
C SER A 227 17.00 6.93 26.16
N TRP A 228 16.22 6.96 27.24
CA TRP A 228 16.05 8.19 28.04
C TRP A 228 16.73 7.92 29.34
N SER A 229 17.45 8.91 29.86
CA SER A 229 17.92 8.90 31.25
C SER A 229 17.20 10.06 31.99
N ALA A 230 16.83 9.85 33.24
CA ALA A 230 16.14 10.92 34.00
C ALA A 230 16.56 10.91 35.44
N ASP A 231 16.47 12.07 36.09
CA ASP A 231 16.87 12.21 37.50
C ASP A 231 15.80 11.63 38.42
N HIS A 232 15.96 10.40 38.84
CA HIS A 232 14.87 9.75 39.47
C HIS A 232 14.53 10.33 40.87
N ARG A 233 15.28 11.31 41.34
CA ARG A 233 14.88 12.03 42.54
C ARG A 233 13.46 12.70 42.48
N ILE A 234 13.02 13.11 41.28
CA ILE A 234 11.86 14.01 41.10
C ILE A 234 11.01 13.66 39.89
N ILE A 235 11.58 12.86 39.00
CA ILE A 235 10.91 12.32 37.84
C ILE A 235 10.68 10.83 38.04
N ASP A 236 9.43 10.39 38.11
CA ASP A 236 9.17 8.96 38.25
C ASP A 236 9.11 8.24 36.91
N GLY A 237 8.98 6.90 36.95
CA GLY A 237 9.02 5.99 35.79
C GLY A 237 7.83 6.16 34.90
N ALA A 238 6.67 6.27 35.51
CA ALA A 238 5.48 6.58 34.74
C ALA A 238 5.63 7.88 33.96
N THR A 239 6.30 8.89 34.49
CA THR A 239 6.39 10.15 33.74
C THR A 239 7.30 9.99 32.53
N VAL A 240 8.44 9.30 32.73
CA VAL A 240 9.32 9.08 31.59
C VAL A 240 8.60 8.24 30.59
N SER A 241 7.92 7.23 31.09
CA SER A 241 7.21 6.32 30.27
C SER A 241 6.17 7.06 29.40
N ARG A 242 5.19 7.63 30.06
CA ARG A 242 4.19 8.42 29.41
C ARG A 242 4.76 9.52 28.45
N PHE A 243 5.76 10.28 28.90
CA PHE A 243 6.36 11.24 28.00
C PHE A 243 6.85 10.47 26.75
N SER A 244 7.49 9.33 26.99
CA SER A 244 8.12 8.62 25.89
C SER A 244 7.08 8.13 24.86
N ASN A 245 5.99 7.51 25.31
CA ASN A 245 4.89 7.14 24.43
C ASN A 245 4.26 8.28 23.63
N LEU A 246 4.24 9.47 24.21
CA LEU A 246 3.56 10.58 23.56
C LEU A 246 4.50 11.01 22.47
N TRP A 247 5.76 11.30 22.85
CA TRP A 247 6.82 11.65 21.92
C TRP A 247 6.77 10.66 20.78
N LYS A 248 6.68 9.37 21.14
CA LYS A 248 6.81 8.29 20.16
C LYS A 248 5.60 8.35 19.23
N SER A 249 4.43 8.53 19.82
CA SER A 249 3.22 8.55 19.01
C SER A 249 3.15 9.75 18.06
N TYR A 250 3.88 10.81 18.37
CA TYR A 250 3.97 11.94 17.45
C TYR A 250 4.80 11.60 16.21
N LEU A 251 5.66 10.60 16.31
CA LEU A 251 6.63 10.30 15.29
C LEU A 251 6.16 9.16 14.43
N GLU A 252 5.47 8.22 15.07
CA GLU A 252 4.89 7.12 14.36
C GLU A 252 3.65 7.56 13.58
N ASN A 253 3.00 8.62 14.05
CA ASN A 253 1.75 9.10 13.46
C ASN A 253 1.89 10.62 13.30
N PRO A 254 2.70 11.06 12.33
CA PRO A 254 3.04 12.47 12.28
C PRO A 254 1.84 13.42 12.11
N ALA A 255 0.67 12.85 11.81
CA ALA A 255 -0.52 13.67 11.71
C ALA A 255 -0.93 14.12 13.08
N PHE A 256 -0.65 13.29 14.08
CA PHE A 256 -0.98 13.64 15.43
C PHE A 256 -0.39 14.99 15.75
N MET A 257 0.78 15.29 15.21
CA MET A 257 1.39 16.63 15.40
C MET A 257 0.59 17.81 14.79
N LEU A 258 -0.06 17.59 13.65
CA LEU A 258 -0.87 18.58 12.95
C LEU A 258 -1.97 19.22 13.76
N LEU A 259 -2.46 18.50 14.75
CA LEU A 259 -3.69 18.84 15.43
C LEU A 259 -3.45 20.06 16.27
N ASP A 260 -2.31 20.18 16.92
CA ASP A 260 -2.16 21.32 17.82
C ASP A 260 -1.17 22.39 17.41
N LEU A 261 -0.68 22.34 16.18
CA LEU A 261 0.23 23.39 15.67
C LEU A 261 -0.51 24.57 15.04
N LYS A 262 0.10 25.76 15.15
CA LYS A 262 -0.54 27.04 14.85
C LYS A 262 0.14 27.79 13.72
N GLY B 29 14.84 -21.27 57.45
CA GLY B 29 13.63 -20.38 57.38
C GLY B 29 13.74 -19.13 58.23
N LYS B 30 14.97 -18.81 58.66
CA LYS B 30 15.28 -17.60 59.44
C LYS B 30 16.38 -16.76 58.72
N ASP B 31 16.51 -15.50 59.11
CA ASP B 31 17.48 -14.67 58.45
C ASP B 31 18.89 -14.91 58.99
N ARG B 32 19.81 -15.24 58.10
CA ARG B 32 21.21 -15.44 58.44
C ARG B 32 22.05 -14.22 58.00
N THR B 33 22.88 -13.70 58.91
CA THR B 33 23.77 -12.56 58.66
C THR B 33 25.23 -12.99 58.69
N GLU B 34 25.99 -12.55 57.70
CA GLU B 34 27.36 -13.03 57.53
C GLU B 34 28.38 -11.97 57.12
N PRO B 35 29.58 -12.02 57.73
CA PRO B 35 30.69 -11.26 57.20
C PRO B 35 30.92 -11.55 55.71
N VAL B 36 31.23 -10.49 54.98
CA VAL B 36 31.84 -10.58 53.66
C VAL B 36 33.34 -10.79 53.94
N LYS B 37 33.83 -12.01 53.70
CA LYS B 37 35.17 -12.36 54.06
C LYS B 37 36.07 -12.55 52.84
N GLY B 38 37.37 -12.31 53.06
CA GLY B 38 38.48 -12.73 52.21
C GLY B 38 38.51 -12.19 50.80
N PHE B 39 38.45 -13.12 49.85
CA PHE B 39 38.46 -12.74 48.45
C PHE B 39 37.25 -11.87 48.08
N HIS B 40 36.10 -12.11 48.70
CA HIS B 40 34.89 -11.31 48.39
C HIS B 40 35.06 -9.84 48.76
N LYS B 41 36.05 -9.53 49.60
CA LYS B 41 36.38 -8.16 50.01
C LYS B 41 36.78 -7.27 48.85
N ALA B 42 37.38 -7.85 47.83
CA ALA B 42 38.03 -7.06 46.82
C ALA B 42 37.04 -6.53 45.79
N MET B 43 35.96 -7.30 45.54
CA MET B 43 34.92 -6.88 44.62
C MET B 43 34.21 -5.64 45.21
N VAL B 44 33.91 -5.70 46.52
CA VAL B 44 33.45 -4.54 47.24
C VAL B 44 34.36 -3.33 46.98
N LYS B 45 35.67 -3.47 47.23
CA LYS B 45 36.57 -2.34 46.99
C LYS B 45 36.65 -1.97 45.47
N THR B 46 36.59 -2.93 44.55
CA THR B 46 36.68 -2.58 43.12
C THR B 46 35.44 -1.85 42.64
N MET B 47 34.28 -2.41 42.96
CA MET B 47 33.08 -1.84 42.51
C MET B 47 32.80 -0.44 43.21
N SER B 48 32.97 -0.33 44.53
CA SER B 48 32.90 0.98 45.16
C SER B 48 33.82 2.00 44.51
N ALA B 49 35.00 1.58 44.09
CA ALA B 49 35.91 2.51 43.44
C ALA B 49 35.29 2.97 42.12
N ALA B 50 34.47 2.12 41.50
CA ALA B 50 33.92 2.55 40.22
C ALA B 50 32.84 3.61 40.36
N LEU B 51 32.30 3.80 41.56
CA LEU B 51 31.35 4.88 41.76
C LEU B 51 31.95 6.23 41.38
N LYS B 52 33.26 6.41 41.42
CA LYS B 52 33.79 7.72 41.00
C LYS B 52 33.80 7.93 39.47
N ILE B 53 33.33 6.93 38.72
CA ILE B 53 33.42 7.07 37.26
C ILE B 53 32.08 7.33 36.64
N PRO B 54 31.95 8.43 35.90
CA PRO B 54 30.70 8.69 35.20
C PRO B 54 30.51 7.82 33.93
N HIS B 55 29.67 6.79 34.03
CA HIS B 55 29.55 5.78 32.96
C HIS B 55 28.63 6.27 31.84
N PHE B 56 29.13 6.32 30.61
CA PHE B 56 28.30 6.59 29.42
C PHE B 56 28.18 5.23 28.78
N GLY B 57 26.97 4.82 28.43
CA GLY B 57 26.75 3.51 27.88
C GLY B 57 26.47 3.69 26.42
N TYR B 58 27.04 2.84 25.61
CA TYR B 58 26.67 2.85 24.24
C TYR B 58 26.55 1.41 23.72
N CYS B 59 25.47 1.10 22.99
CA CYS B 59 25.17 -0.30 22.63
C CYS B 59 25.00 -0.47 21.15
N ASP B 60 25.22 -1.68 20.65
CA ASP B 60 24.90 -1.96 19.25
C ASP B 60 24.58 -3.43 19.04
N GLU B 61 24.24 -3.77 17.81
CA GLU B 61 24.06 -5.15 17.47
C GLU B 61 25.02 -5.38 16.33
N VAL B 62 25.62 -6.53 16.31
CA VAL B 62 26.69 -6.80 15.36
C VAL B 62 26.30 -8.08 14.60
N ASP B 63 26.42 -8.07 13.28
CA ASP B 63 25.98 -9.19 12.44
C ASP B 63 27.14 -10.20 12.26
N LEU B 64 27.07 -11.31 12.99
CA LEU B 64 28.22 -12.19 13.12
C LEU B 64 28.15 -13.40 12.21
N THR B 65 27.32 -13.33 11.18
CA THR B 65 27.07 -14.47 10.33
C THR B 65 28.38 -14.92 9.66
N GLU B 66 29.06 -13.97 9.00
CA GLU B 66 30.27 -14.30 8.28
C GLU B 66 31.29 -14.84 9.26
N LEU B 67 31.32 -14.29 10.48
CA LEU B 67 32.22 -14.79 11.56
C LEU B 67 31.87 -16.20 12.11
N VAL B 68 30.57 -16.53 12.15
CA VAL B 68 30.17 -17.86 12.64
C VAL B 68 30.65 -18.96 11.68
N LYS B 69 30.48 -18.67 10.40
CA LYS B 69 30.95 -19.53 9.34
C LYS B 69 32.50 -19.60 9.38
N LEU B 70 33.13 -18.43 9.54
CA LEU B 70 34.56 -18.34 9.54
C LEU B 70 35.15 -19.16 10.66
N ARG B 71 34.50 -19.10 11.82
CA ARG B 71 34.92 -19.93 12.92
C ARG B 71 34.74 -21.39 12.58
N GLU B 72 33.66 -21.80 11.89
CA GLU B 72 33.48 -23.27 11.58
C GLU B 72 34.67 -23.90 10.81
N GLU B 73 35.21 -23.14 9.87
CA GLU B 73 36.31 -23.64 9.07
C GLU B 73 37.67 -23.63 9.77
N LEU B 74 37.85 -22.72 10.73
CA LEU B 74 39.09 -22.68 11.50
C LEU B 74 39.09 -23.67 12.64
N LYS B 75 37.92 -23.96 13.19
CA LYS B 75 37.74 -24.96 14.24
C LYS B 75 38.57 -26.26 14.06
N PRO B 76 38.50 -26.95 12.89
CA PRO B 76 39.35 -28.15 12.72
C PRO B 76 40.85 -27.95 12.73
N ILE B 77 41.35 -26.80 12.26
CA ILE B 77 42.78 -26.45 12.25
C ILE B 77 43.29 -26.19 13.69
N ALA B 78 42.46 -25.52 14.47
CA ALA B 78 42.80 -25.20 15.85
C ALA B 78 42.65 -26.43 16.77
N PHE B 79 41.77 -27.35 16.39
CA PHE B 79 41.58 -28.59 17.12
C PHE B 79 42.77 -29.50 16.78
N ALA B 80 43.16 -29.53 15.51
CA ALA B 80 44.38 -30.21 15.12
C ALA B 80 45.54 -29.66 15.95
N ARG B 81 45.63 -28.33 16.09
CA ARG B 81 46.73 -27.74 16.87
C ARG B 81 46.56 -27.89 18.35
N GLY B 82 45.47 -28.52 18.79
CA GLY B 82 45.22 -28.67 20.23
C GLY B 82 44.47 -27.55 20.95
N ILE B 83 44.14 -26.47 20.25
CA ILE B 83 43.38 -25.36 20.85
C ILE B 83 41.85 -25.45 20.64
N LYS B 84 41.08 -24.90 21.59
CA LYS B 84 39.66 -24.70 21.40
C LYS B 84 39.49 -23.25 20.93
N LEU B 85 38.75 -23.05 19.84
CA LEU B 85 38.60 -21.71 19.25
C LEU B 85 37.20 -21.20 19.50
N SER B 86 37.10 -20.12 20.24
CA SER B 86 35.80 -19.58 20.57
C SER B 86 35.77 -18.25 19.79
N PHE B 87 34.93 -17.29 20.20
CA PHE B 87 34.82 -16.07 19.42
C PHE B 87 35.70 -14.97 19.99
N MET B 88 35.97 -15.10 21.29
CA MET B 88 36.85 -14.17 22.02
C MET B 88 38.15 -13.78 21.31
N PRO B 89 38.94 -14.75 20.80
CA PRO B 89 40.14 -14.31 20.13
C PRO B 89 39.78 -13.29 19.08
N PHE B 90 38.67 -13.48 18.40
CA PHE B 90 38.37 -12.53 17.36
C PHE B 90 37.97 -11.21 17.98
N PHE B 91 37.17 -11.25 19.03
CA PHE B 91 36.70 -9.98 19.64
C PHE B 91 37.90 -9.22 20.15
N LEU B 92 38.84 -9.98 20.75
CA LEU B 92 39.99 -9.39 21.36
C LEU B 92 40.90 -8.72 20.33
N LYS B 93 41.20 -9.47 19.26
CA LYS B 93 41.95 -8.95 18.16
C LYS B 93 41.25 -7.80 17.49
N ALA B 94 39.93 -7.90 17.29
CA ALA B 94 39.26 -6.72 16.74
C ALA B 94 39.32 -5.52 17.71
N ALA B 95 39.13 -5.72 19.02
CA ALA B 95 39.33 -4.65 20.00
C ALA B 95 40.72 -4.02 19.90
N SER B 96 41.75 -4.82 19.83
CA SER B 96 43.07 -4.24 19.87
C SER B 96 43.21 -3.40 18.62
N LEU B 97 42.80 -3.97 17.49
CA LEU B 97 42.95 -3.25 16.24
C LEU B 97 42.22 -1.96 16.35
N GLY B 98 41.09 -1.97 17.03
CA GLY B 98 40.29 -0.78 17.26
C GLY B 98 41.04 0.23 18.11
N LEU B 99 41.72 -0.25 19.14
CA LEU B 99 42.43 0.64 20.09
C LEU B 99 43.66 1.33 19.48
N LEU B 100 44.17 0.82 18.37
CA LEU B 100 45.25 1.52 17.64
C LEU B 100 44.81 2.90 17.19
N GLN B 101 43.55 3.03 16.78
CA GLN B 101 43.08 4.31 16.26
C GLN B 101 42.39 5.17 17.32
N PHE B 102 41.93 4.56 18.40
CA PHE B 102 41.34 5.28 19.51
C PHE B 102 42.16 4.98 20.78
N PRO B 103 43.43 5.42 20.76
CA PRO B 103 44.27 4.97 21.84
C PRO B 103 43.77 5.49 23.19
N ILE B 104 43.02 6.58 23.21
CA ILE B 104 42.46 7.08 24.44
C ILE B 104 41.52 6.13 25.21
N LEU B 105 41.04 5.08 24.56
CA LEU B 105 40.24 4.03 25.23
C LEU B 105 41.09 2.99 25.96
N ASN B 106 42.38 2.97 25.63
CA ASN B 106 43.38 2.17 26.31
C ASN B 106 44.16 3.18 27.08
N ALA B 107 43.51 3.94 27.96
CA ALA B 107 44.27 4.85 28.83
C ALA B 107 43.83 4.79 30.31
N SER B 108 44.50 5.57 31.15
CA SER B 108 44.13 5.72 32.53
C SER B 108 44.04 7.19 32.92
N VAL B 109 43.35 7.43 34.01
CA VAL B 109 43.23 8.78 34.57
C VAL B 109 43.56 8.75 36.08
N ASP B 110 43.93 9.89 36.65
CA ASP B 110 44.38 9.91 38.08
C ASP B 110 43.24 10.15 39.06
N GLU B 111 43.57 10.44 40.33
CA GLU B 111 42.58 10.57 41.40
C GLU B 111 41.43 11.48 40.94
N ASN B 112 41.74 12.66 40.45
CA ASN B 112 40.62 13.51 39.98
C ASN B 112 40.55 13.83 38.47
N CYS B 113 41.11 12.95 37.62
CA CYS B 113 41.04 13.13 36.18
C CYS B 113 41.71 14.41 35.78
N GLN B 114 42.94 14.51 36.23
CA GLN B 114 43.79 15.66 35.94
C GLN B 114 44.72 15.31 34.79
N ASN B 115 45.13 14.05 34.77
CA ASN B 115 46.18 13.59 33.89
C ASN B 115 45.83 12.24 33.33
N ILE B 116 45.95 12.12 32.02
CA ILE B 116 45.73 10.85 31.36
C ILE B 116 47.05 10.21 30.94
N THR B 117 47.22 8.93 31.27
CA THR B 117 48.30 8.08 30.74
C THR B 117 47.74 7.16 29.62
N TYR B 118 48.26 7.35 28.40
CA TYR B 118 47.92 6.49 27.25
C TYR B 118 48.83 5.28 27.29
N LYS B 119 48.26 4.09 27.32
CA LYS B 119 49.08 2.89 27.51
C LYS B 119 49.42 2.26 26.16
N ALA B 120 50.68 1.90 25.94
CA ALA B 120 51.02 1.39 24.64
C ALA B 120 50.57 -0.08 24.43
N SER B 121 50.70 -0.91 25.47
CA SER B 121 50.43 -2.33 25.41
C SER B 121 48.96 -2.53 25.50
N HIS B 122 48.43 -3.49 24.75
CA HIS B 122 47.03 -3.77 24.89
C HIS B 122 46.84 -4.93 25.80
N ASN B 123 46.68 -4.69 27.07
CA ASN B 123 46.55 -5.84 27.98
C ASN B 123 45.10 -6.00 28.30
N ILE B 124 44.42 -6.83 27.50
CA ILE B 124 43.01 -6.84 27.56
C ILE B 124 42.49 -7.88 28.56
N GLY B 125 41.74 -7.40 29.55
CA GLY B 125 41.22 -8.24 30.63
C GLY B 125 39.99 -8.97 30.17
N ILE B 126 39.82 -10.16 30.71
CA ILE B 126 38.68 -11.01 30.41
C ILE B 126 38.06 -11.24 31.74
N ALA B 127 36.82 -10.86 31.93
CA ALA B 127 36.19 -11.02 33.25
C ALA B 127 35.74 -12.44 33.50
N MET B 128 35.91 -12.95 34.71
CA MET B 128 35.32 -14.24 35.01
C MET B 128 34.79 -14.23 36.40
N ASP B 129 33.81 -15.07 36.62
CA ASP B 129 33.41 -15.33 37.99
C ASP B 129 33.89 -16.71 38.32
N THR B 130 34.26 -16.87 39.57
CA THR B 130 34.91 -18.06 40.10
C THR B 130 34.11 -18.38 41.38
N GLU B 131 34.35 -19.54 42.00
CA GLU B 131 33.69 -19.76 43.29
C GLU B 131 34.03 -18.59 44.22
N GLN B 132 35.22 -18.04 44.04
CA GLN B 132 35.78 -17.03 44.93
C GLN B 132 35.36 -15.57 44.51
N GLY B 133 34.43 -15.45 43.55
CA GLY B 133 33.97 -14.13 43.07
C GLY B 133 34.56 -13.68 41.73
N LEU B 134 34.65 -12.36 41.51
CA LEU B 134 35.20 -11.75 40.28
C LEU B 134 36.70 -11.78 40.13
N ILE B 135 37.14 -12.44 39.07
CA ILE B 135 38.54 -12.41 38.70
C ILE B 135 38.73 -11.98 37.20
N VAL B 136 39.74 -11.13 36.94
CA VAL B 136 39.97 -10.49 35.62
C VAL B 136 41.45 -10.56 35.16
N PRO B 137 41.89 -11.72 34.62
CA PRO B 137 43.27 -11.81 34.11
C PRO B 137 43.32 -11.12 32.78
N ASN B 138 44.49 -10.73 32.30
CA ASN B 138 44.55 -10.11 30.99
C ASN B 138 45.57 -10.84 30.11
N VAL B 139 45.28 -10.83 28.80
CA VAL B 139 46.20 -11.30 27.80
C VAL B 139 47.13 -10.13 27.48
N LYS B 140 48.43 -10.25 27.70
CA LYS B 140 49.35 -9.16 27.37
C LYS B 140 49.54 -8.87 25.89
N ASN B 141 49.68 -7.60 25.58
CA ASN B 141 50.21 -7.20 24.30
C ASN B 141 49.52 -7.86 23.12
N VAL B 142 48.19 -7.72 23.07
CA VAL B 142 47.39 -8.29 22.04
C VAL B 142 47.77 -7.62 20.73
N GLN B 143 48.34 -6.42 20.79
CA GLN B 143 48.65 -5.69 19.57
C GLN B 143 49.71 -6.43 18.75
N ILE B 144 50.45 -7.33 19.38
CA ILE B 144 51.51 -8.05 18.67
C ILE B 144 51.26 -9.54 18.72
N ARG B 145 50.01 -9.94 18.92
CA ARG B 145 49.66 -11.37 18.96
C ARG B 145 48.58 -11.75 17.94
N SER B 146 48.81 -12.85 17.23
CA SER B 146 47.82 -13.39 16.30
C SER B 146 46.64 -13.98 17.03
N ILE B 147 45.54 -14.15 16.30
CA ILE B 147 44.31 -14.66 16.87
C ILE B 147 44.56 -16.01 17.49
N PHE B 148 45.46 -16.76 16.87
CA PHE B 148 45.69 -18.11 17.35
C PHE B 148 46.43 -18.09 18.69
N GLU B 149 47.43 -17.22 18.83
CA GLU B 149 48.12 -17.07 20.11
C GLU B 149 47.17 -16.61 21.22
N ILE B 150 46.28 -15.72 20.84
CA ILE B 150 45.27 -15.23 21.73
C ILE B 150 44.39 -16.40 22.16
N ALA B 151 44.07 -17.28 21.22
CA ALA B 151 43.26 -18.41 21.59
C ALA B 151 44.00 -19.15 22.69
N THR B 152 45.26 -19.50 22.42
CA THR B 152 46.11 -20.21 23.38
C THR B 152 46.19 -19.55 24.77
N GLU B 153 46.38 -18.24 24.79
CA GLU B 153 46.55 -17.57 26.03
C GLU B 153 45.23 -17.60 26.81
N LEU B 154 44.09 -17.42 26.13
CA LEU B 154 42.76 -17.63 26.75
C LEU B 154 42.58 -18.97 27.45
N ASN B 155 42.85 -20.10 26.76
CA ASN B 155 42.75 -21.43 27.37
C ASN B 155 43.64 -21.49 28.61
N ARG B 156 44.87 -20.99 28.47
CA ARG B 156 45.78 -20.92 29.59
C ARG B 156 45.13 -20.16 30.72
N LEU B 157 44.61 -18.96 30.44
CA LEU B 157 44.05 -18.17 31.51
C LEU B 157 42.77 -18.80 32.12
N GLN B 158 41.94 -19.41 31.28
CA GLN B 158 40.74 -20.10 31.73
C GLN B 158 41.05 -21.32 32.67
N LYS B 159 41.96 -22.18 32.21
CA LYS B 159 42.39 -23.31 33.00
C LYS B 159 42.83 -22.85 34.38
N LEU B 160 43.81 -21.98 34.39
CA LEU B 160 44.37 -21.39 35.59
C LEU B 160 43.33 -20.73 36.47
N GLY B 161 42.53 -19.86 35.86
CA GLY B 161 41.45 -19.18 36.53
C GLY B 161 40.61 -20.15 37.33
N SER B 162 40.15 -21.21 36.66
CA SER B 162 39.24 -22.16 37.30
C SER B 162 39.99 -23.12 38.22
N ALA B 163 41.30 -23.11 38.17
CA ALA B 163 42.09 -23.98 39.02
C ALA B 163 42.57 -23.20 40.22
N GLY B 164 42.22 -21.91 40.26
CA GLY B 164 42.67 -20.99 41.28
C GLY B 164 44.18 -20.75 41.31
N GLN B 165 44.80 -20.64 40.14
CA GLN B 165 46.25 -20.68 40.03
C GLN B 165 46.79 -19.56 39.19
N LEU B 166 46.00 -18.52 39.01
CA LEU B 166 46.43 -17.32 38.29
C LEU B 166 47.63 -16.63 39.03
N SER B 167 48.66 -16.20 38.31
CA SER B 167 49.73 -15.52 39.00
C SER B 167 49.39 -14.06 39.10
N THR B 168 50.12 -13.35 39.94
CA THR B 168 50.04 -11.89 40.03
C THR B 168 50.21 -11.22 38.65
N ASN B 169 51.19 -11.64 37.85
CA ASN B 169 51.39 -10.97 36.57
C ASN B 169 50.21 -11.21 35.66
N ASP B 170 49.51 -12.32 35.86
CA ASP B 170 48.30 -12.56 35.07
C ASP B 170 47.18 -11.52 35.36
N LEU B 171 47.19 -11.01 36.59
CA LEU B 171 46.18 -10.05 37.04
C LEU B 171 46.63 -8.59 36.93
N ILE B 172 47.90 -8.28 37.10
CA ILE B 172 48.17 -6.85 37.10
C ILE B 172 48.26 -6.29 35.68
N GLY B 173 48.27 -4.95 35.58
CA GLY B 173 48.51 -4.29 34.33
C GLY B 173 47.41 -4.30 33.29
N GLY B 174 46.17 -4.64 33.66
CA GLY B 174 45.12 -4.68 32.66
C GLY B 174 44.86 -3.30 32.08
N THR B 175 44.60 -3.15 30.78
CA THR B 175 44.34 -1.81 30.23
C THR B 175 42.95 -1.57 29.65
N PHE B 176 42.09 -2.60 29.64
CA PHE B 176 40.81 -2.65 28.87
C PHE B 176 40.18 -4.02 29.09
N THR B 177 38.87 -4.10 29.14
CA THR B 177 38.24 -5.33 29.63
C THR B 177 37.09 -5.75 28.73
N LEU B 178 37.04 -7.04 28.44
CA LEU B 178 35.87 -7.58 27.75
C LEU B 178 35.21 -8.60 28.67
N SER B 179 33.90 -8.76 28.50
CA SER B 179 33.18 -9.57 29.46
C SER B 179 32.17 -10.35 28.69
N ASN B 180 32.34 -11.65 28.64
CA ASN B 180 31.45 -12.41 27.82
C ASN B 180 30.26 -12.98 28.59
N ILE B 181 29.30 -12.11 28.83
CA ILE B 181 28.11 -12.50 29.58
C ILE B 181 27.38 -13.56 28.75
N GLY B 182 27.59 -13.48 27.45
CA GLY B 182 27.04 -14.38 26.47
C GLY B 182 27.39 -15.84 26.67
N SER B 183 28.55 -16.13 27.25
CA SER B 183 28.77 -17.51 27.69
C SER B 183 27.61 -17.99 28.56
N ILE B 184 26.86 -17.13 29.21
CA ILE B 184 25.72 -17.63 30.02
C ILE B 184 24.34 -17.30 29.42
N GLY B 185 24.15 -16.03 28.99
CA GLY B 185 22.94 -15.59 28.27
C GLY B 185 22.97 -14.08 28.22
N GLY B 186 21.88 -13.45 27.82
CA GLY B 186 21.80 -11.98 27.87
C GLY B 186 21.85 -11.38 26.48
N THR B 187 21.36 -10.16 26.37
CA THR B 187 21.44 -9.41 25.14
C THR B 187 22.30 -8.21 25.51
N TYR B 188 21.68 -7.19 26.07
CA TYR B 188 22.42 -5.97 26.41
C TYR B 188 22.80 -6.01 27.87
N ALA B 189 23.80 -5.20 28.24
CA ALA B 189 24.21 -5.08 29.66
C ALA B 189 24.72 -3.68 30.00
N LYS B 190 24.94 -3.38 31.27
CA LYS B 190 25.65 -2.17 31.67
C LYS B 190 26.86 -2.63 32.50
N PRO B 191 27.98 -2.83 31.84
CA PRO B 191 29.07 -3.37 32.62
C PRO B 191 29.73 -2.24 33.44
N VAL B 192 30.47 -2.59 34.48
CA VAL B 192 31.06 -1.64 35.35
C VAL B 192 32.54 -1.49 35.00
N ILE B 193 32.98 -0.30 34.61
CA ILE B 193 34.41 0.01 34.33
C ILE B 193 35.25 -0.31 35.54
N LEU B 194 36.42 -0.91 35.33
CA LEU B 194 37.39 -1.28 36.36
C LEU B 194 38.50 -0.25 36.59
N PRO B 195 38.41 0.56 37.63
CA PRO B 195 39.53 1.52 37.87
C PRO B 195 40.86 0.74 37.88
N PRO B 196 41.93 1.28 37.25
CA PRO B 196 42.00 2.61 36.66
C PRO B 196 41.70 2.64 35.17
N GLU B 197 40.96 1.70 34.63
CA GLU B 197 40.71 1.77 33.20
C GLU B 197 39.62 2.77 32.88
N VAL B 198 39.41 3.04 31.60
CA VAL B 198 38.35 3.94 31.15
C VAL B 198 37.22 3.29 30.32
N ALA B 199 37.25 1.98 30.05
CA ALA B 199 36.18 1.40 29.24
C ALA B 199 36.08 -0.06 29.46
N ILE B 200 34.89 -0.63 29.28
CA ILE B 200 34.67 -2.09 29.33
C ILE B 200 33.59 -2.40 28.34
N GLY B 201 33.64 -3.55 27.66
CA GLY B 201 32.55 -3.98 26.79
C GLY B 201 31.93 -5.30 27.19
N ALA B 202 30.62 -5.46 27.17
CA ALA B 202 30.00 -6.78 27.48
C ALA B 202 29.41 -7.37 26.19
N LEU B 203 29.58 -8.68 25.95
CA LEU B 203 29.14 -9.36 24.72
C LEU B 203 28.09 -10.37 25.11
N GLY B 204 27.01 -10.38 24.32
CA GLY B 204 25.79 -11.07 24.65
C GLY B 204 25.68 -12.31 23.81
N THR B 205 24.58 -13.01 23.92
CA THR B 205 24.45 -14.27 23.27
C THR B 205 24.32 -14.10 21.80
N ILE B 206 24.98 -14.97 21.03
CA ILE B 206 24.71 -15.09 19.61
C ILE B 206 23.35 -15.76 19.35
N LYS B 207 22.48 -15.05 18.63
CA LYS B 207 21.09 -15.44 18.42
C LYS B 207 20.75 -15.38 16.93
N ALA B 208 20.11 -16.41 16.41
CA ALA B 208 19.68 -16.35 15.01
C ALA B 208 18.37 -15.57 14.93
N LEU B 209 18.39 -14.41 14.25
CA LEU B 209 17.17 -13.59 14.04
C LEU B 209 16.89 -13.32 12.58
N PRO B 210 15.63 -13.09 12.22
CA PRO B 210 15.38 -12.80 10.80
C PRO B 210 15.73 -11.36 10.46
N ARG B 211 16.53 -11.18 9.41
CA ARG B 211 16.97 -9.85 8.99
C ARG B 211 17.02 -9.76 7.49
N PHE B 212 16.85 -8.56 6.96
CA PHE B 212 17.00 -8.30 5.52
C PHE B 212 18.44 -8.34 5.09
N ASN B 213 18.67 -8.85 3.87
CA ASN B 213 19.94 -8.68 3.18
C ASN B 213 19.82 -7.56 2.14
N GLU B 214 20.76 -7.45 1.20
CA GLU B 214 20.68 -6.36 0.22
C GLU B 214 19.46 -6.49 -0.70
N LYS B 215 19.12 -7.73 -1.08
CA LYS B 215 17.99 -7.97 -2.01
C LYS B 215 16.61 -7.75 -1.37
N GLY B 216 16.59 -7.33 -0.10
CA GLY B 216 15.35 -7.08 0.62
C GLY B 216 14.61 -8.31 1.07
N GLU B 217 15.29 -9.47 1.13
CA GLU B 217 14.70 -10.75 1.57
C GLU B 217 15.06 -11.08 3.00
N VAL B 218 14.17 -11.78 3.69
CA VAL B 218 14.37 -12.27 5.05
C VAL B 218 15.37 -13.43 5.17
N CYS B 219 16.43 -13.23 5.97
CA CYS B 219 17.57 -14.16 6.11
C CYS B 219 17.68 -14.75 7.49
N LYS B 220 18.45 -15.83 7.61
CA LYS B 220 18.91 -16.23 8.93
C LYS B 220 20.12 -15.33 9.15
N ALA B 221 20.11 -14.56 10.23
CA ALA B 221 21.28 -13.76 10.62
C ALA B 221 21.66 -14.05 12.07
N GLN B 222 22.96 -14.19 12.30
CA GLN B 222 23.50 -14.45 13.62
C GLN B 222 23.83 -13.10 14.21
N ILE B 223 23.11 -12.72 15.26
CA ILE B 223 23.20 -11.35 15.75
C ILE B 223 23.70 -11.34 17.18
N MET B 224 24.70 -10.53 17.43
CA MET B 224 25.17 -10.41 18.79
C MET B 224 25.04 -8.98 19.20
N ASN B 225 24.60 -8.74 20.43
CA ASN B 225 24.61 -7.40 21.00
C ASN B 225 25.90 -7.15 21.79
N VAL B 226 26.36 -5.90 21.75
CA VAL B 226 27.54 -5.45 22.48
C VAL B 226 27.15 -4.24 23.32
N SER B 227 27.60 -4.16 24.57
CA SER B 227 27.41 -2.96 25.42
C SER B 227 28.76 -2.37 25.89
N TRP B 228 29.04 -1.14 25.51
CA TRP B 228 30.23 -0.49 26.08
C TRP B 228 29.86 0.46 27.22
N SER B 229 30.75 0.57 28.20
CA SER B 229 30.64 1.61 29.22
C SER B 229 31.97 2.37 29.19
N ALA B 230 31.92 3.69 29.29
CA ALA B 230 33.14 4.51 29.15
C ALA B 230 33.11 5.64 30.17
N ASP B 231 34.29 6.05 30.61
CA ASP B 231 34.46 7.15 31.54
C ASP B 231 34.27 8.43 30.75
N HIS B 232 33.11 9.04 30.96
CA HIS B 232 32.75 10.14 30.13
C HIS B 232 33.47 11.45 30.52
N ARG B 233 34.23 11.44 31.61
CA ARG B 233 35.09 12.58 31.88
C ARG B 233 36.15 12.81 30.77
N ILE B 234 36.66 11.73 30.15
CA ILE B 234 37.65 11.93 29.14
C ILE B 234 37.41 11.29 27.82
N ILE B 235 36.39 10.43 27.76
CA ILE B 235 35.94 9.75 26.53
C ILE B 235 34.56 10.24 26.13
N ASP B 236 34.45 10.81 24.93
CA ASP B 236 33.18 11.31 24.44
C ASP B 236 32.47 10.32 23.50
N GLY B 237 31.24 10.61 23.09
CA GLY B 237 30.37 9.60 22.49
C GLY B 237 30.83 9.15 21.12
N ALA B 238 31.23 10.13 20.34
CA ALA B 238 31.82 9.92 19.06
C ALA B 238 32.97 8.97 19.17
N THR B 239 33.89 9.20 20.11
CA THR B 239 34.98 8.28 20.27
C THR B 239 34.42 6.88 20.49
N VAL B 240 33.53 6.70 21.46
CA VAL B 240 33.17 5.34 21.80
C VAL B 240 32.38 4.69 20.65
N SER B 241 31.72 5.54 19.91
CA SER B 241 30.88 5.10 18.82
C SER B 241 31.67 4.67 17.60
N ARG B 242 32.70 5.45 17.28
CA ARG B 242 33.44 5.24 16.05
C ARG B 242 34.28 3.97 16.29
N PHE B 243 34.83 3.88 17.48
CA PHE B 243 35.49 2.67 17.93
C PHE B 243 34.58 1.49 17.74
N SER B 244 33.33 1.62 18.17
CA SER B 244 32.40 0.47 18.13
C SER B 244 32.17 0.11 16.67
N ASN B 245 31.87 1.11 15.85
CA ASN B 245 31.81 0.87 14.41
C ASN B 245 33.01 0.11 13.86
N LEU B 246 34.21 0.52 14.24
CA LEU B 246 35.42 -0.04 13.63
C LEU B 246 35.55 -1.49 14.07
N TRP B 247 35.60 -1.68 15.38
CA TRP B 247 35.49 -3.00 15.95
C TRP B 247 34.41 -3.82 15.22
N LYS B 248 33.25 -3.21 15.05
CA LYS B 248 32.13 -3.90 14.50
C LYS B 248 32.39 -4.29 13.03
N SER B 249 33.09 -3.45 12.29
CA SER B 249 33.31 -3.79 10.90
C SER B 249 34.36 -4.88 10.76
N TYR B 250 35.41 -4.87 11.58
CA TYR B 250 36.35 -5.97 11.59
C TYR B 250 35.65 -7.32 11.76
N LEU B 251 34.59 -7.41 12.55
CA LEU B 251 33.96 -8.69 12.78
C LEU B 251 32.89 -9.06 11.73
N GLU B 252 32.08 -8.10 11.31
CA GLU B 252 31.06 -8.36 10.30
C GLU B 252 31.70 -8.67 8.94
N ASN B 253 32.87 -8.10 8.66
CA ASN B 253 33.62 -8.41 7.47
C ASN B 253 35.02 -8.81 7.95
N PRO B 254 35.14 -10.07 8.40
CA PRO B 254 36.37 -10.48 9.04
C PRO B 254 37.62 -10.14 8.25
N ALA B 255 37.52 -10.13 6.93
CA ALA B 255 38.70 -10.06 6.10
C ALA B 255 39.33 -8.65 6.11
N PHE B 256 38.56 -7.68 6.62
CA PHE B 256 39.07 -6.36 6.85
C PHE B 256 40.31 -6.43 7.73
N MET B 257 40.26 -7.25 8.78
CA MET B 257 41.40 -7.46 9.68
C MET B 257 42.67 -7.84 8.97
N LEU B 258 42.54 -8.75 8.01
CA LEU B 258 43.60 -9.31 7.18
C LEU B 258 44.45 -8.30 6.44
N LEU B 259 44.02 -7.04 6.41
CA LEU B 259 44.68 -6.04 5.60
C LEU B 259 45.95 -5.55 6.24
N ASP B 260 45.92 -5.38 7.56
CA ASP B 260 47.04 -4.77 8.24
C ASP B 260 47.77 -5.69 9.20
N LEU B 261 47.47 -6.98 9.16
CA LEU B 261 48.15 -7.92 10.01
C LEU B 261 49.41 -8.39 9.31
N LYS B 262 50.50 -8.60 10.06
CA LYS B 262 51.81 -8.88 9.47
C LYS B 262 52.33 -10.27 9.85
N GLY C 29 4.34 30.57 30.14
CA GLY C 29 5.28 31.57 29.54
C GLY C 29 6.24 32.08 30.60
N LYS C 30 6.00 31.66 31.85
CA LYS C 30 6.84 32.07 32.99
C LYS C 30 7.54 30.89 33.68
N ASP C 31 8.73 31.11 34.23
CA ASP C 31 9.33 30.13 35.15
C ASP C 31 8.62 30.11 36.52
N ARG C 32 8.68 28.95 37.16
CA ARG C 32 8.09 28.84 38.47
C ARG C 32 9.00 27.95 39.32
N THR C 33 9.35 28.42 40.52
CA THR C 33 10.11 27.61 41.47
C THR C 33 9.24 27.16 42.61
N GLU C 34 9.15 25.86 42.80
CA GLU C 34 8.42 25.29 43.91
C GLU C 34 9.26 24.33 44.72
N PRO C 35 8.95 24.22 46.02
CA PRO C 35 9.70 23.25 46.81
C PRO C 35 9.22 21.83 46.52
N VAL C 36 10.10 20.86 46.75
CA VAL C 36 9.74 19.46 46.82
C VAL C 36 9.10 19.24 48.18
N LYS C 37 7.84 18.82 48.21
CA LYS C 37 7.28 18.65 49.55
C LYS C 37 6.59 17.34 49.89
N GLY C 38 6.67 17.05 51.20
CA GLY C 38 5.98 15.99 51.89
C GLY C 38 6.24 14.64 51.32
N PHE C 39 5.23 14.13 50.65
CA PHE C 39 5.25 12.81 50.01
C PHE C 39 6.18 12.73 48.79
N HIS C 40 6.89 13.79 48.48
CA HIS C 40 7.86 13.75 47.39
C HIS C 40 9.27 13.68 47.93
N LYS C 41 9.49 14.18 49.15
CA LYS C 41 10.79 14.20 49.81
C LYS C 41 11.37 12.80 49.87
N ALA C 42 10.49 11.80 50.00
CA ALA C 42 10.87 10.40 50.20
C ALA C 42 11.54 9.79 48.98
N MET C 43 11.00 10.07 47.81
CA MET C 43 11.66 9.65 46.60
C MET C 43 12.99 10.35 46.51
N VAL C 44 13.12 11.59 46.97
CA VAL C 44 14.43 12.17 46.87
C VAL C 44 15.46 11.34 47.68
N LYS C 45 15.12 11.00 48.92
CA LYS C 45 16.02 10.28 49.81
C LYS C 45 16.37 8.85 49.35
N THR C 46 15.35 8.13 48.88
CA THR C 46 15.53 6.77 48.44
C THR C 46 16.53 6.74 47.31
N MET C 47 16.24 7.52 46.28
CA MET C 47 17.00 7.50 45.07
C MET C 47 18.44 7.97 45.27
N SER C 48 18.61 8.95 46.15
CA SER C 48 19.91 9.39 46.55
C SER C 48 20.67 8.34 47.38
N ALA C 49 19.98 7.51 48.17
CA ALA C 49 20.69 6.47 48.91
C ALA C 49 21.08 5.34 47.98
N ALA C 50 20.54 5.35 46.76
CA ALA C 50 20.90 4.33 45.80
C ALA C 50 22.20 4.69 45.13
N LEU C 51 22.71 5.91 45.32
CA LEU C 51 23.94 6.27 44.61
C LEU C 51 25.16 5.56 45.21
N LYS C 52 25.06 5.08 46.44
CA LYS C 52 26.12 4.31 47.04
C LYS C 52 26.19 2.90 46.47
N ILE C 53 25.30 2.55 45.55
CA ILE C 53 25.33 1.19 45.00
C ILE C 53 25.89 1.16 43.59
N PRO C 54 26.98 0.41 43.33
CA PRO C 54 27.49 0.17 42.00
C PRO C 54 26.54 -0.75 41.24
N HIS C 55 25.86 -0.20 40.23
CA HIS C 55 24.80 -0.95 39.59
C HIS C 55 25.40 -1.70 38.42
N PHE C 56 25.18 -3.01 38.40
CA PHE C 56 25.53 -3.78 37.22
C PHE C 56 24.26 -4.00 36.40
N GLY C 57 24.34 -3.80 35.07
CA GLY C 57 23.18 -4.00 34.25
C GLY C 57 23.24 -5.25 33.41
N TYR C 58 22.18 -6.08 33.51
CA TYR C 58 22.08 -7.23 32.63
C TYR C 58 20.68 -7.38 32.04
N CYS C 59 20.61 -7.60 30.74
CA CYS C 59 19.33 -7.66 30.05
C CYS C 59 19.16 -8.86 29.16
N ASP C 60 17.91 -9.23 28.89
CA ASP C 60 17.61 -10.35 28.04
C ASP C 60 16.26 -10.17 27.36
N GLU C 61 15.93 -11.10 26.47
CA GLU C 61 14.64 -11.10 25.85
C GLU C 61 14.06 -12.46 26.19
N VAL C 62 12.76 -12.48 26.49
CA VAL C 62 12.03 -13.69 26.87
C VAL C 62 10.96 -13.94 25.83
N ASP C 63 10.78 -15.18 25.48
CA ASP C 63 9.73 -15.56 24.59
C ASP C 63 8.46 -15.91 25.36
N LEU C 64 7.46 -15.06 25.30
CA LEU C 64 6.32 -15.29 26.19
C LEU C 64 5.12 -15.96 25.50
N THR C 65 5.36 -16.50 24.30
CA THR C 65 4.34 -17.09 23.45
C THR C 65 3.57 -18.22 24.16
N GLU C 66 4.24 -19.14 24.83
CA GLU C 66 3.47 -20.12 25.56
C GLU C 66 2.69 -19.47 26.75
N LEU C 67 3.24 -18.42 27.39
CA LEU C 67 2.59 -17.82 28.58
C LEU C 67 1.32 -17.04 28.25
N VAL C 68 1.36 -16.31 27.14
CA VAL C 68 0.19 -15.62 26.66
C VAL C 68 -0.94 -16.60 26.43
N LYS C 69 -0.62 -17.70 25.75
CA LYS C 69 -1.58 -18.78 25.47
C LYS C 69 -2.08 -19.33 26.79
N LEU C 70 -1.18 -19.83 27.60
CA LEU C 70 -1.50 -20.24 28.95
C LEU C 70 -2.38 -19.25 29.70
N ARG C 71 -1.99 -17.98 29.71
CA ARG C 71 -2.84 -16.99 30.37
C ARG C 71 -4.28 -16.95 29.77
N GLU C 72 -4.40 -16.99 28.46
CA GLU C 72 -5.74 -16.97 27.86
C GLU C 72 -6.66 -18.04 28.44
N GLU C 73 -6.11 -19.24 28.62
CA GLU C 73 -6.83 -20.39 29.18
C GLU C 73 -7.30 -20.26 30.65
N LEU C 74 -6.48 -19.64 31.48
CA LEU C 74 -6.82 -19.42 32.88
C LEU C 74 -7.72 -18.22 33.16
N LYS C 75 -7.75 -17.25 32.23
CA LYS C 75 -8.57 -16.02 32.36
C LYS C 75 -10.02 -16.23 32.77
N PRO C 76 -10.74 -17.15 32.09
CA PRO C 76 -12.11 -17.45 32.54
C PRO C 76 -12.23 -18.34 33.77
N ILE C 77 -11.14 -18.54 34.51
CA ILE C 77 -11.19 -19.32 35.75
C ILE C 77 -10.92 -18.33 36.88
N ALA C 78 -10.19 -17.28 36.53
CA ALA C 78 -9.91 -16.21 37.45
C ALA C 78 -11.08 -15.24 37.48
N PHE C 79 -11.61 -14.88 36.32
CA PHE C 79 -12.79 -14.03 36.30
C PHE C 79 -13.92 -14.68 37.10
N ALA C 80 -14.06 -16.00 37.03
CA ALA C 80 -15.06 -16.71 37.82
C ALA C 80 -14.73 -16.81 39.32
N ARG C 81 -13.53 -16.41 39.74
CA ARG C 81 -13.22 -16.42 41.17
C ARG C 81 -13.03 -15.01 41.70
N GLY C 82 -13.39 -14.03 40.88
CA GLY C 82 -13.32 -12.60 41.25
C GLY C 82 -12.03 -11.87 40.91
N ILE C 83 -11.06 -12.59 40.34
CA ILE C 83 -9.70 -12.11 40.17
C ILE C 83 -9.30 -11.69 38.73
N LYS C 84 -8.92 -10.44 38.52
CA LYS C 84 -8.21 -10.10 37.29
C LYS C 84 -6.87 -10.83 37.36
N LEU C 85 -6.45 -11.47 36.27
CA LEU C 85 -5.12 -12.10 36.21
C LEU C 85 -4.29 -11.48 35.11
N SER C 86 -3.16 -10.90 35.49
CA SER C 86 -2.18 -10.41 34.52
C SER C 86 -1.02 -11.39 34.40
N PHE C 87 0.12 -10.93 33.91
CA PHE C 87 1.34 -11.74 33.86
C PHE C 87 2.11 -11.69 35.14
N MET C 88 1.92 -10.62 35.91
CA MET C 88 2.74 -10.38 37.11
C MET C 88 2.82 -11.57 38.09
N PRO C 89 1.68 -12.23 38.36
CA PRO C 89 1.83 -13.33 39.32
C PRO C 89 2.78 -14.40 38.81
N PHE C 90 2.82 -14.64 37.51
CA PHE C 90 3.81 -15.59 36.96
C PHE C 90 5.21 -15.07 37.15
N PHE C 91 5.41 -13.81 36.78
CA PHE C 91 6.68 -13.15 37.00
C PHE C 91 7.02 -13.27 38.48
N LEU C 92 6.09 -12.99 39.39
CA LEU C 92 6.45 -13.12 40.81
C LEU C 92 6.86 -14.56 41.19
N LYS C 93 6.11 -15.55 40.74
CA LYS C 93 6.40 -16.95 41.12
C LYS C 93 7.72 -17.42 40.53
N ALA C 94 7.93 -17.13 39.25
CA ALA C 94 9.21 -17.42 38.60
C ALA C 94 10.42 -16.69 39.25
N ALA C 95 10.30 -15.40 39.57
CA ALA C 95 11.32 -14.80 40.43
C ALA C 95 11.53 -15.52 41.77
N SER C 96 10.46 -15.96 42.44
CA SER C 96 10.65 -16.58 43.76
C SER C 96 11.37 -17.88 43.64
N LEU C 97 10.99 -18.67 42.63
CA LEU C 97 11.73 -19.92 42.36
C LEU C 97 13.20 -19.63 42.07
N GLY C 98 13.47 -18.66 41.19
CA GLY C 98 14.85 -18.22 40.96
C GLY C 98 15.59 -17.97 42.27
N LEU C 99 14.94 -17.26 43.19
CA LEU C 99 15.56 -16.78 44.44
C LEU C 99 15.89 -17.86 45.43
N LEU C 100 15.13 -18.93 45.38
CA LEU C 100 15.44 -20.11 46.19
C LEU C 100 16.79 -20.70 45.76
N GLN C 101 17.08 -20.62 44.46
CA GLN C 101 18.29 -21.18 43.91
C GLN C 101 19.46 -20.23 44.15
N PHE C 102 19.14 -18.92 44.04
CA PHE C 102 20.15 -17.84 44.17
C PHE C 102 19.84 -16.88 45.34
N PRO C 103 19.81 -17.41 46.59
CA PRO C 103 19.33 -16.63 47.73
C PRO C 103 20.07 -15.33 47.94
N ILE C 104 21.27 -15.21 47.41
CA ILE C 104 22.00 -13.98 47.60
C ILE C 104 21.33 -12.75 46.91
N LEU C 105 20.39 -12.98 46.00
CA LEU C 105 19.70 -11.90 45.32
C LEU C 105 18.50 -11.34 46.12
N ASN C 106 18.12 -12.07 47.19
CA ASN C 106 17.07 -11.69 48.13
C ASN C 106 17.75 -11.42 49.46
N ALA C 107 18.75 -10.53 49.42
CA ALA C 107 19.64 -10.33 50.57
C ALA C 107 19.90 -8.87 50.73
N SER C 108 20.45 -8.51 51.87
CA SER C 108 20.73 -7.11 52.15
C SER C 108 22.15 -6.92 52.60
N VAL C 109 22.58 -5.69 52.55
CA VAL C 109 23.98 -5.43 52.80
C VAL C 109 24.06 -4.19 53.72
N ASP C 110 25.05 -4.11 54.60
CA ASP C 110 25.08 -3.02 55.59
C ASP C 110 25.66 -1.67 55.10
N GLU C 111 25.85 -0.78 56.08
CA GLU C 111 26.30 0.61 55.88
C GLU C 111 27.43 0.79 54.88
N ASN C 112 28.49 -0.01 54.95
CA ASN C 112 29.54 0.09 53.90
C ASN C 112 29.90 -1.22 53.21
N CYS C 113 28.93 -2.14 53.29
CA CYS C 113 28.96 -3.46 52.68
C CYS C 113 30.00 -4.36 53.33
N GLN C 114 29.72 -4.76 54.56
CA GLN C 114 30.63 -5.65 55.29
C GLN C 114 29.93 -6.86 55.84
N ASN C 115 28.61 -6.87 55.80
CA ASN C 115 27.89 -8.08 56.18
C ASN C 115 26.72 -8.28 55.25
N ILE C 116 26.44 -9.53 54.90
CA ILE C 116 25.28 -9.88 54.09
C ILE C 116 24.23 -10.48 55.02
N THR C 117 22.98 -9.99 54.94
CA THR C 117 21.87 -10.66 55.59
C THR C 117 21.08 -11.33 54.49
N TYR C 118 21.03 -12.65 54.55
CA TYR C 118 20.26 -13.49 53.62
C TYR C 118 18.84 -13.58 54.18
N LYS C 119 17.86 -13.15 53.39
CA LYS C 119 16.50 -13.03 53.88
C LYS C 119 15.58 -14.22 53.52
N ALA C 120 14.97 -14.84 54.54
CA ALA C 120 14.05 -15.96 54.33
C ALA C 120 12.90 -15.57 53.38
N SER C 121 12.00 -14.69 53.80
CA SER C 121 10.79 -14.43 53.06
C SER C 121 11.09 -13.75 51.73
N HIS C 122 10.34 -14.11 50.70
CA HIS C 122 10.43 -13.44 49.44
C HIS C 122 9.34 -12.42 49.40
N ASN C 123 9.59 -11.29 50.04
CA ASN C 123 8.67 -10.20 49.98
C ASN C 123 9.00 -9.41 48.76
N ILE C 124 8.26 -9.62 47.66
CA ILE C 124 8.58 -8.99 46.39
C ILE C 124 7.74 -7.77 46.13
N GLY C 125 8.43 -6.66 45.91
CA GLY C 125 7.75 -5.37 45.70
C GLY C 125 7.36 -5.23 44.25
N ILE C 126 6.28 -4.50 44.06
CA ILE C 126 5.75 -4.20 42.76
C ILE C 126 5.84 -2.70 42.72
N ALA C 127 6.60 -2.18 41.79
CA ALA C 127 6.85 -0.74 41.80
C ALA C 127 5.73 -0.03 41.09
N MET C 128 5.14 0.95 41.76
CA MET C 128 3.94 1.68 41.32
C MET C 128 4.19 3.19 41.35
N ASP C 129 3.57 3.90 40.43
CA ASP C 129 3.54 5.35 40.54
C ASP C 129 2.13 5.82 40.82
N THR C 130 2.02 6.69 41.80
CA THR C 130 0.73 7.23 42.17
C THR C 130 0.70 8.69 41.74
N GLU C 131 -0.49 9.31 41.83
CA GLU C 131 -0.65 10.78 41.77
C GLU C 131 0.06 11.38 42.99
N GLN C 132 0.92 10.56 43.60
CA GLN C 132 1.67 10.84 44.81
C GLN C 132 3.15 10.44 44.57
N GLY C 133 3.47 9.95 43.37
CA GLY C 133 4.85 9.52 43.11
C GLY C 133 5.14 8.04 43.39
N LEU C 134 6.30 7.74 43.96
CA LEU C 134 6.81 6.38 43.92
C LEU C 134 6.43 5.57 45.11
N ILE C 135 5.55 4.60 44.90
CA ILE C 135 5.18 3.70 45.99
C ILE C 135 5.45 2.24 45.62
N VAL C 136 5.94 1.48 46.61
CA VAL C 136 6.45 0.16 46.31
C VAL C 136 5.91 -0.81 47.33
N PRO C 137 4.68 -1.30 47.11
CA PRO C 137 4.12 -2.35 48.01
C PRO C 137 4.68 -3.70 47.63
N ASN C 138 4.76 -4.62 48.60
CA ASN C 138 5.27 -5.97 48.30
C ASN C 138 4.25 -7.07 48.63
N VAL C 139 4.31 -8.18 47.91
CA VAL C 139 3.62 -9.41 48.28
C VAL C 139 4.47 -10.20 49.26
N LYS C 140 3.94 -10.46 50.45
CA LYS C 140 4.72 -11.16 51.45
C LYS C 140 4.75 -12.63 51.08
N ASN C 141 5.93 -13.24 51.08
CA ASN C 141 6.02 -14.70 51.19
C ASN C 141 5.60 -15.50 49.96
N VAL C 142 6.15 -15.08 48.83
CA VAL C 142 5.75 -15.57 47.55
C VAL C 142 6.11 -17.02 47.45
N GLN C 143 7.14 -17.43 48.15
CA GLN C 143 7.61 -18.84 48.12
C GLN C 143 6.58 -19.80 48.69
N ILE C 144 5.60 -19.29 49.45
CA ILE C 144 4.54 -20.17 49.95
C ILE C 144 3.18 -19.84 49.37
N ARG C 145 3.16 -19.15 48.23
CA ARG C 145 1.90 -18.76 47.63
C ARG C 145 1.70 -19.32 46.20
N SER C 146 0.48 -19.71 45.84
CA SER C 146 0.15 -20.12 44.46
C SER C 146 0.13 -18.91 43.59
N ILE C 147 0.32 -19.09 42.29
CA ILE C 147 0.08 -18.02 41.34
C ILE C 147 -1.24 -17.30 41.68
N PHE C 148 -2.24 -18.07 42.13
CA PHE C 148 -3.59 -17.53 42.36
C PHE C 148 -3.64 -16.62 43.55
N GLU C 149 -2.99 -17.05 44.61
CA GLU C 149 -2.97 -16.23 45.80
C GLU C 149 -2.13 -14.97 45.55
N ILE C 150 -1.11 -15.11 44.71
CA ILE C 150 -0.33 -13.95 44.29
C ILE C 150 -1.24 -13.01 43.52
N ALA C 151 -2.02 -13.53 42.56
CA ALA C 151 -2.93 -12.67 41.79
C ALA C 151 -3.85 -11.93 42.73
N THR C 152 -4.45 -12.67 43.67
CA THR C 152 -5.32 -12.10 44.68
C THR C 152 -4.65 -10.97 45.45
N GLU C 153 -3.42 -11.19 45.90
CA GLU C 153 -2.71 -10.18 46.62
C GLU C 153 -2.40 -8.93 45.73
N LEU C 154 -2.11 -9.14 44.44
CA LEU C 154 -1.83 -8.02 43.53
C LEU C 154 -3.01 -7.10 43.29
N ASN C 155 -4.15 -7.69 42.97
CA ASN C 155 -5.46 -7.02 42.88
C ASN C 155 -5.69 -6.17 44.09
N ARG C 156 -5.54 -6.78 45.28
CA ARG C 156 -5.83 -6.10 46.54
C ARG C 156 -4.97 -4.81 46.63
N LEU C 157 -3.68 -4.97 46.32
CA LEU C 157 -2.71 -3.93 46.48
C LEU C 157 -2.93 -2.85 45.43
N GLN C 158 -3.60 -3.22 44.34
CA GLN C 158 -3.93 -2.26 43.28
C GLN C 158 -5.17 -1.40 43.63
N LYS C 159 -6.20 -2.03 44.20
CA LYS C 159 -7.38 -1.32 44.67
C LYS C 159 -6.92 -0.28 45.67
N LEU C 160 -6.22 -0.74 46.70
CA LEU C 160 -5.64 0.09 47.73
C LEU C 160 -4.64 1.14 47.25
N GLY C 161 -3.75 0.74 46.34
CA GLY C 161 -2.75 1.64 45.80
C GLY C 161 -3.30 2.79 44.98
N SER C 162 -4.30 2.49 44.15
CA SER C 162 -4.88 3.52 43.28
C SER C 162 -5.94 4.35 44.02
N ALA C 163 -6.12 4.09 45.30
CA ALA C 163 -7.07 4.85 46.10
C ALA C 163 -6.27 5.50 47.22
N GLY C 164 -4.94 5.37 47.18
CA GLY C 164 -4.08 6.04 48.14
C GLY C 164 -4.24 5.59 49.59
N GLN C 165 -4.70 4.35 49.77
CA GLN C 165 -4.94 3.78 51.10
C GLN C 165 -4.04 2.60 51.45
N LEU C 166 -2.86 2.50 50.88
CA LEU C 166 -1.98 1.36 51.24
C LEU C 166 -1.54 1.47 52.69
N SER C 167 -1.67 0.37 53.45
CA SER C 167 -1.26 0.39 54.88
C SER C 167 0.28 0.43 55.05
N THR C 168 0.75 0.64 56.26
CA THR C 168 2.17 0.61 56.52
C THR C 168 2.77 -0.82 56.28
N ASN C 169 2.07 -1.86 56.69
CA ASN C 169 2.58 -3.24 56.53
C ASN C 169 2.69 -3.71 55.06
N ASP C 170 1.95 -3.09 54.16
CA ASP C 170 2.03 -3.46 52.75
C ASP C 170 3.31 -2.84 52.21
N LEU C 171 3.72 -1.79 52.92
CA LEU C 171 4.80 -0.93 52.44
C LEU C 171 6.20 -1.37 52.88
N ILE C 172 6.30 -1.90 54.10
CA ILE C 172 7.58 -2.19 54.69
C ILE C 172 8.02 -3.61 54.28
N GLY C 173 9.25 -3.94 54.67
CA GLY C 173 9.79 -5.29 54.62
C GLY C 173 10.10 -5.95 53.29
N GLY C 174 10.15 -5.20 52.18
CA GLY C 174 10.39 -5.82 50.88
C GLY C 174 11.81 -6.42 50.80
N THR C 175 12.02 -7.52 50.07
CA THR C 175 13.38 -8.06 49.95
C THR C 175 14.00 -7.95 48.57
N PHE C 176 13.15 -7.64 47.57
CA PHE C 176 13.42 -7.75 46.13
C PHE C 176 12.31 -7.07 45.27
N THR C 177 12.67 -6.46 44.16
CA THR C 177 11.70 -5.67 43.44
C THR C 177 11.63 -5.91 41.90
N LEU C 178 10.39 -5.85 41.44
CA LEU C 178 10.05 -6.03 40.07
C LEU C 178 9.18 -4.86 39.75
N SER C 179 9.26 -4.44 38.51
CA SER C 179 8.71 -3.19 38.14
C SER C 179 8.21 -3.28 36.72
N ASN C 180 6.90 -3.13 36.55
CA ASN C 180 6.34 -3.37 35.26
C ASN C 180 6.28 -2.13 34.39
N ILE C 181 7.41 -1.53 34.08
CA ILE C 181 7.36 -0.38 33.16
C ILE C 181 6.42 -0.63 31.95
N GLY C 182 6.42 -1.87 31.44
CA GLY C 182 5.66 -2.26 30.25
C GLY C 182 4.13 -2.22 30.29
N SER C 183 3.54 -2.18 31.49
CA SER C 183 2.12 -1.80 31.55
C SER C 183 1.93 -0.42 30.90
N ILE C 184 2.98 0.38 30.75
CA ILE C 184 2.85 1.64 30.00
C ILE C 184 3.50 1.60 28.62
N GLY C 185 4.75 1.20 28.53
CA GLY C 185 5.42 1.03 27.22
C GLY C 185 6.84 0.64 27.56
N GLY C 186 7.75 0.65 26.58
CA GLY C 186 9.18 0.33 26.84
C GLY C 186 9.70 -1.05 26.40
N THR C 187 10.99 -1.12 26.15
CA THR C 187 11.70 -2.36 25.91
C THR C 187 12.70 -2.62 27.06
N TYR C 188 13.91 -2.05 27.01
CA TYR C 188 14.86 -2.22 28.12
C TYR C 188 14.87 -1.01 29.05
N ALA C 189 15.52 -1.14 30.20
CA ALA C 189 15.47 -0.05 31.19
C ALA C 189 16.75 -0.05 32.05
N LYS C 190 17.02 0.96 32.84
CA LYS C 190 18.01 0.78 33.90
C LYS C 190 17.29 1.09 35.22
N PRO C 191 16.62 0.08 35.80
CA PRO C 191 15.95 0.36 37.07
C PRO C 191 16.98 0.65 38.16
N VAL C 192 16.57 1.42 39.15
CA VAL C 192 17.37 1.87 40.24
C VAL C 192 17.05 0.97 41.43
N ILE C 193 18.06 0.27 41.95
CA ILE C 193 17.89 -0.61 43.13
C ILE C 193 17.41 0.17 44.37
N LEU C 194 16.39 -0.34 45.06
CA LEU C 194 15.94 0.26 46.32
C LEU C 194 16.66 -0.28 47.57
N PRO C 195 17.58 0.49 48.17
CA PRO C 195 18.13 0.00 49.44
C PRO C 195 17.11 -0.26 50.59
N PRO C 196 17.34 -1.30 51.39
CA PRO C 196 18.57 -2.07 51.39
C PRO C 196 18.56 -3.33 50.47
N GLU C 197 17.66 -3.37 49.52
CA GLU C 197 17.69 -4.49 48.58
C GLU C 197 18.97 -4.50 47.72
N VAL C 198 19.23 -5.59 47.02
CA VAL C 198 20.42 -5.70 46.13
C VAL C 198 20.13 -5.88 44.61
N ALA C 199 18.86 -6.02 44.27
CA ALA C 199 18.51 -6.23 42.88
C ALA C 199 17.11 -5.77 42.55
N ILE C 200 16.91 -5.56 41.27
CA ILE C 200 15.61 -5.18 40.78
C ILE C 200 15.57 -5.54 39.30
N GLY C 201 14.37 -5.96 38.87
CA GLY C 201 14.04 -6.15 37.47
C GLY C 201 12.98 -5.21 36.92
N ALA C 202 13.14 -4.87 35.64
CA ALA C 202 12.13 -4.15 34.91
C ALA C 202 11.67 -4.96 33.73
N LEU C 203 10.36 -5.01 33.53
CA LEU C 203 9.74 -5.77 32.42
C LEU C 203 9.14 -4.84 31.41
N GLY C 204 9.41 -5.11 30.13
CA GLY C 204 9.00 -4.25 29.05
C GLY C 204 7.67 -4.67 28.46
N THR C 205 7.35 -4.08 27.32
CA THR C 205 6.12 -4.40 26.61
C THR C 205 6.21 -5.73 25.87
N ILE C 206 5.15 -6.52 25.99
CA ILE C 206 5.07 -7.80 25.31
C ILE C 206 4.65 -7.46 23.90
N LYS C 207 5.55 -7.66 22.97
CA LYS C 207 5.40 -7.22 21.61
C LYS C 207 5.56 -8.41 20.64
N ALA C 208 4.63 -8.55 19.70
CA ALA C 208 4.68 -9.67 18.79
C ALA C 208 5.73 -9.36 17.74
N LEU C 209 6.79 -10.19 17.71
CA LEU C 209 7.90 -10.04 16.75
C LEU C 209 8.16 -11.28 15.87
N PRO C 210 8.66 -11.06 14.64
CA PRO C 210 9.01 -12.20 13.84
C PRO C 210 10.27 -12.85 14.40
N ARG C 211 10.20 -14.17 14.58
CA ARG C 211 11.23 -15.02 15.19
C ARG C 211 11.23 -16.41 14.52
N PHE C 212 12.40 -17.04 14.47
CA PHE C 212 12.57 -18.37 13.94
C PHE C 212 12.11 -19.41 14.95
N ASN C 213 11.52 -20.50 14.45
CA ASN C 213 11.17 -21.66 15.27
C ASN C 213 12.17 -22.78 15.04
N GLU C 214 12.01 -23.91 15.76
CA GLU C 214 12.86 -25.10 15.54
C GLU C 214 13.12 -25.39 14.04
N LYS C 215 12.05 -25.61 13.26
CA LYS C 215 12.15 -25.87 11.81
C LYS C 215 12.81 -24.76 10.94
N GLY C 216 13.21 -23.65 11.56
CA GLY C 216 13.84 -22.52 10.83
C GLY C 216 12.90 -21.73 9.91
N GLU C 217 11.64 -21.63 10.33
CA GLU C 217 10.57 -20.90 9.65
C GLU C 217 10.11 -19.68 10.50
N VAL C 218 9.66 -18.63 9.83
CA VAL C 218 9.34 -17.38 10.49
C VAL C 218 8.00 -17.36 11.25
N CYS C 219 8.06 -17.19 12.58
CA CYS C 219 6.87 -17.23 13.47
C CYS C 219 6.55 -15.93 14.12
N LYS C 220 5.29 -15.83 14.53
CA LYS C 220 4.81 -14.76 15.42
C LYS C 220 5.25 -15.19 16.84
N ALA C 221 6.19 -14.44 17.41
CA ALA C 221 6.63 -14.67 18.78
C ALA C 221 6.28 -13.48 19.67
N GLN C 222 5.67 -13.78 20.83
CA GLN C 222 5.35 -12.78 21.83
C GLN C 222 6.63 -12.55 22.64
N ILE C 223 7.29 -11.42 22.38
CA ILE C 223 8.60 -11.10 22.96
C ILE C 223 8.50 -10.03 24.06
N MET C 224 9.05 -10.31 25.24
CA MET C 224 9.20 -9.28 26.28
C MET C 224 10.66 -9.03 26.66
N ASN C 225 11.11 -7.80 26.74
CA ASN C 225 12.43 -7.56 27.33
C ASN C 225 12.46 -7.49 28.87
N VAL C 226 13.52 -8.01 29.51
CA VAL C 226 13.71 -7.88 30.96
C VAL C 226 15.09 -7.24 31.26
N SER C 227 15.16 -6.39 32.29
CA SER C 227 16.39 -5.64 32.62
C SER C 227 16.58 -5.71 34.10
N TRP C 228 17.69 -6.28 34.56
CA TRP C 228 17.98 -6.33 36.00
C TRP C 228 19.16 -5.44 36.31
N SER C 229 19.09 -4.77 37.45
CA SER C 229 20.23 -4.10 38.02
C SER C 229 20.57 -4.80 39.30
N ALA C 230 21.85 -4.90 39.62
CA ALA C 230 22.28 -5.59 40.82
C ALA C 230 23.51 -4.95 41.45
N ASP C 231 23.47 -4.93 42.78
CA ASP C 231 24.56 -4.40 43.58
C ASP C 231 25.82 -5.23 43.38
N HIS C 232 26.70 -4.73 42.51
CA HIS C 232 27.83 -5.51 42.13
C HIS C 232 28.87 -5.69 43.29
N ARG C 233 28.66 -5.01 44.41
CA ARG C 233 29.53 -5.24 45.53
C ARG C 233 29.52 -6.74 46.01
N ILE C 234 28.32 -7.35 46.01
CA ILE C 234 28.12 -8.71 46.47
C ILE C 234 27.56 -9.67 45.43
N ILE C 235 27.12 -9.14 44.30
CA ILE C 235 26.52 -9.95 43.24
C ILE C 235 27.34 -9.88 41.96
N ASP C 236 27.90 -11.02 41.57
CA ASP C 236 28.66 -11.11 40.33
C ASP C 236 27.75 -11.30 39.14
N GLY C 237 28.34 -11.20 37.93
CA GLY C 237 27.57 -11.27 36.69
C GLY C 237 26.97 -12.63 36.47
N ALA C 238 27.70 -13.66 36.88
CA ALA C 238 27.31 -15.06 36.73
C ALA C 238 25.99 -15.28 37.42
N THR C 239 25.84 -14.76 38.63
CA THR C 239 24.68 -15.04 39.42
C THR C 239 23.54 -14.26 38.85
N VAL C 240 23.75 -13.03 38.39
CA VAL C 240 22.59 -12.36 37.83
C VAL C 240 22.13 -13.03 36.51
N SER C 241 23.07 -13.52 35.74
CA SER C 241 22.81 -14.17 34.48
C SER C 241 22.18 -15.58 34.58
N ARG C 242 22.73 -16.41 35.48
CA ARG C 242 22.11 -17.69 35.79
C ARG C 242 20.73 -17.49 36.42
N PHE C 243 20.51 -16.44 37.18
CA PHE C 243 19.25 -16.33 37.84
C PHE C 243 18.29 -16.01 36.75
N SER C 244 18.66 -15.04 35.91
CA SER C 244 17.82 -14.60 34.83
C SER C 244 17.39 -15.79 33.99
N ASN C 245 18.37 -16.62 33.64
CA ASN C 245 18.15 -17.76 32.79
C ASN C 245 17.11 -18.71 33.39
N LEU C 246 17.24 -18.98 34.68
CA LEU C 246 16.33 -19.83 35.38
C LEU C 246 14.91 -19.18 35.33
N TRP C 247 14.83 -17.93 35.78
CA TRP C 247 13.59 -17.16 35.76
C TRP C 247 12.98 -17.30 34.39
N LYS C 248 13.83 -17.16 33.38
CA LYS C 248 13.35 -17.07 32.02
C LYS C 248 12.86 -18.40 31.47
N SER C 249 13.45 -19.50 31.93
CA SER C 249 13.00 -20.78 31.46
C SER C 249 11.69 -21.17 32.15
N TYR C 250 11.41 -20.60 33.33
CA TYR C 250 10.15 -20.90 33.99
C TYR C 250 9.05 -20.27 33.16
N LEU C 251 9.34 -19.12 32.56
CA LEU C 251 8.34 -18.39 31.82
C LEU C 251 8.21 -18.86 30.38
N GLU C 252 9.33 -19.14 29.72
CA GLU C 252 9.31 -19.66 28.35
C GLU C 252 8.71 -21.06 28.27
N ASN C 253 8.96 -21.91 29.26
CA ASN C 253 8.36 -23.25 29.33
C ASN C 253 7.68 -23.45 30.72
N PRO C 254 6.45 -22.97 30.90
CA PRO C 254 5.81 -22.93 32.21
C PRO C 254 5.53 -24.28 32.89
N ALA C 255 5.52 -25.34 32.10
CA ALA C 255 5.48 -26.69 32.67
C ALA C 255 6.57 -26.87 33.72
N PHE C 256 7.75 -26.28 33.49
CA PHE C 256 8.90 -26.46 34.37
C PHE C 256 8.52 -26.07 35.80
N MET C 257 7.72 -25.02 35.95
CA MET C 257 7.21 -24.59 37.24
C MET C 257 6.40 -25.71 37.95
N LEU C 258 5.47 -26.33 37.22
CA LEU C 258 4.72 -27.52 37.64
C LEU C 258 5.48 -28.54 38.46
N LEU C 259 6.73 -28.76 38.05
CA LEU C 259 7.49 -29.89 38.53
C LEU C 259 7.62 -29.86 40.04
N ASP C 260 7.90 -28.66 40.56
CA ASP C 260 8.36 -28.48 41.93
C ASP C 260 7.36 -27.89 42.92
N LEU C 261 6.15 -27.53 42.48
CA LEU C 261 5.16 -26.91 43.36
C LEU C 261 4.29 -27.91 44.16
N LYS C 262 3.78 -27.50 45.32
CA LYS C 262 3.11 -28.45 46.24
C LYS C 262 1.61 -28.17 46.43
N GLY D 29 -13.76 40.32 -45.44
CA GLY D 29 -13.07 41.27 -46.38
C GLY D 29 -12.76 42.58 -45.67
N LYS D 30 -13.78 43.12 -45.02
CA LYS D 30 -13.61 44.19 -44.04
C LYS D 30 -14.56 43.84 -42.89
N ASP D 31 -14.67 44.76 -41.94
CA ASP D 31 -15.68 44.64 -40.90
C ASP D 31 -17.07 45.12 -41.39
N ARG D 32 -18.07 44.23 -41.35
CA ARG D 32 -19.43 44.58 -41.70
C ARG D 32 -20.22 45.05 -40.43
N THR D 33 -20.74 46.29 -40.44
CA THR D 33 -21.62 46.77 -39.35
C THR D 33 -23.10 46.75 -39.72
N GLU D 34 -23.92 46.30 -38.79
CA GLU D 34 -25.25 45.92 -39.16
C GLU D 34 -26.21 45.96 -37.96
N PRO D 35 -27.28 46.77 -38.05
CA PRO D 35 -28.38 46.71 -37.07
C PRO D 35 -28.66 45.32 -36.59
N VAL D 36 -28.70 45.15 -35.28
CA VAL D 36 -29.23 43.95 -34.68
C VAL D 36 -30.69 44.06 -35.00
N LYS D 37 -31.21 43.13 -35.78
CA LYS D 37 -32.58 43.36 -36.23
C LYS D 37 -33.61 42.39 -35.74
N GLY D 38 -34.85 42.86 -35.83
CA GLY D 38 -36.02 42.03 -35.85
C GLY D 38 -36.22 41.23 -34.59
N PHE D 39 -36.35 39.93 -34.75
CA PHE D 39 -36.78 39.10 -33.69
C PHE D 39 -35.63 38.81 -32.76
N HIS D 40 -34.45 39.37 -33.05
CA HIS D 40 -33.34 39.29 -32.10
C HIS D 40 -33.48 40.25 -30.92
N LYS D 41 -34.11 41.40 -31.12
CA LYS D 41 -34.35 42.37 -30.02
C LYS D 41 -34.90 41.75 -28.72
N ALA D 42 -35.77 40.75 -28.81
CA ALA D 42 -36.27 40.03 -27.65
C ALA D 42 -35.19 39.43 -26.77
N MET D 43 -34.13 38.90 -27.36
CA MET D 43 -33.05 38.34 -26.56
C MET D 43 -32.20 39.42 -25.90
N VAL D 44 -31.84 40.45 -26.66
CA VAL D 44 -31.16 41.58 -26.05
C VAL D 44 -31.95 42.00 -24.79
N LYS D 45 -33.26 42.21 -24.95
CA LYS D 45 -34.05 42.66 -23.83
C LYS D 45 -34.06 41.67 -22.66
N THR D 46 -34.47 40.41 -22.91
CA THR D 46 -34.52 39.37 -21.90
C THR D 46 -33.21 39.19 -21.11
N MET D 47 -32.08 39.07 -21.81
CA MET D 47 -30.85 38.81 -21.12
C MET D 47 -30.40 40.07 -20.36
N SER D 48 -30.71 41.25 -20.90
CA SER D 48 -30.39 42.47 -20.18
C SER D 48 -31.18 42.54 -18.89
N ALA D 49 -32.38 42.00 -18.90
CA ALA D 49 -33.14 42.16 -17.69
C ALA D 49 -32.57 41.23 -16.60
N ALA D 50 -31.88 40.16 -17.03
CA ALA D 50 -31.32 39.19 -16.11
C ALA D 50 -30.09 39.70 -15.38
N LEU D 51 -29.47 40.76 -15.87
CA LEU D 51 -28.46 41.44 -15.07
C LEU D 51 -28.95 41.91 -13.67
N LYS D 52 -30.24 41.99 -13.42
CA LYS D 52 -30.62 42.49 -12.10
C LYS D 52 -30.56 41.33 -11.10
N ILE D 53 -30.20 40.14 -11.60
CA ILE D 53 -30.39 38.93 -10.78
C ILE D 53 -29.09 38.35 -10.33
N PRO D 54 -28.78 38.51 -9.04
CA PRO D 54 -27.54 37.86 -8.51
C PRO D 54 -27.62 36.36 -8.68
N HIS D 55 -26.95 35.87 -9.72
CA HIS D 55 -27.02 34.48 -10.08
C HIS D 55 -26.11 33.65 -9.16
N PHE D 56 -26.65 32.69 -8.42
CA PHE D 56 -25.84 31.77 -7.65
C PHE D 56 -25.90 30.48 -8.40
N GLY D 57 -24.76 29.83 -8.61
CA GLY D 57 -24.74 28.60 -9.44
C GLY D 57 -24.37 27.37 -8.67
N TYR D 58 -25.11 26.29 -8.88
CA TYR D 58 -24.87 25.07 -8.17
C TYR D 58 -24.98 23.87 -9.11
N CYS D 59 -23.99 23.00 -9.09
CA CYS D 59 -23.88 21.96 -10.10
C CYS D 59 -23.65 20.66 -9.47
N ASP D 60 -23.98 19.61 -10.22
CA ASP D 60 -23.79 18.28 -9.72
C ASP D 60 -23.79 17.28 -10.87
N GLU D 61 -23.62 16.02 -10.51
CA GLU D 61 -23.40 14.89 -11.40
C GLU D 61 -24.52 13.91 -11.13
N VAL D 62 -25.12 13.38 -12.18
CA VAL D 62 -26.25 12.47 -11.99
C VAL D 62 -26.11 11.16 -12.77
N ASP D 63 -26.34 10.08 -12.03
CA ASP D 63 -26.15 8.72 -12.53
C ASP D 63 -27.44 8.22 -13.15
N LEU D 64 -27.47 8.28 -14.48
CA LEU D 64 -28.67 7.92 -15.23
C LEU D 64 -28.65 6.52 -15.78
N THR D 65 -27.82 5.65 -15.21
CA THR D 65 -27.74 4.26 -15.68
C THR D 65 -29.12 3.60 -15.67
N GLU D 66 -29.81 3.63 -14.52
CA GLU D 66 -31.19 3.11 -14.38
C GLU D 66 -32.15 3.75 -15.39
N LEU D 67 -32.10 5.08 -15.51
CA LEU D 67 -33.03 5.78 -16.38
C LEU D 67 -32.86 5.41 -17.88
N VAL D 68 -31.59 5.39 -18.35
CA VAL D 68 -31.29 5.02 -19.74
C VAL D 68 -31.76 3.61 -20.02
N LYS D 69 -31.63 2.73 -19.03
CA LYS D 69 -32.09 1.34 -19.17
C LYS D 69 -33.60 1.38 -19.29
N LEU D 70 -34.23 2.12 -18.39
CA LEU D 70 -35.67 2.30 -18.39
C LEU D 70 -36.25 2.86 -19.69
N ARG D 71 -35.73 4.00 -20.12
CA ARG D 71 -36.16 4.63 -21.37
C ARG D 71 -36.07 3.66 -22.54
N GLU D 72 -34.99 2.86 -22.58
CA GLU D 72 -34.80 1.83 -23.63
C GLU D 72 -35.98 0.89 -23.73
N GLU D 73 -36.42 0.37 -22.58
CA GLU D 73 -37.57 -0.51 -22.55
C GLU D 73 -38.93 0.19 -22.67
N LEU D 74 -38.97 1.50 -22.47
CA LEU D 74 -40.21 2.23 -22.74
C LEU D 74 -40.38 2.72 -24.19
N LYS D 75 -39.29 3.09 -24.87
CA LYS D 75 -39.35 3.43 -26.31
C LYS D 75 -40.41 2.68 -27.16
N PRO D 76 -40.39 1.33 -27.19
CA PRO D 76 -41.42 0.67 -28.02
C PRO D 76 -42.89 1.01 -27.68
N ILE D 77 -43.25 0.98 -26.38
CA ILE D 77 -44.61 1.27 -25.95
C ILE D 77 -44.99 2.70 -26.40
N ALA D 78 -43.97 3.48 -26.72
CA ALA D 78 -44.15 4.88 -27.07
C ALA D 78 -44.21 5.07 -28.58
N PHE D 79 -43.18 4.60 -29.29
CA PHE D 79 -43.25 4.54 -30.74
C PHE D 79 -44.64 4.06 -31.15
N ALA D 80 -45.09 2.93 -30.59
CA ALA D 80 -46.44 2.38 -30.87
C ALA D 80 -47.57 3.41 -30.68
N ARG D 81 -47.45 4.26 -29.66
CA ARG D 81 -48.51 5.19 -29.31
C ARG D 81 -48.47 6.48 -30.11
N GLY D 82 -47.43 6.66 -30.92
CA GLY D 82 -47.26 7.82 -31.79
C GLY D 82 -46.20 8.83 -31.35
N ILE D 83 -45.52 8.54 -30.22
CA ILE D 83 -44.67 9.52 -29.56
C ILE D 83 -43.15 9.18 -29.53
N LYS D 84 -42.31 10.17 -29.77
CA LYS D 84 -40.90 10.07 -29.44
C LYS D 84 -40.75 10.34 -27.95
N LEU D 85 -40.02 9.44 -27.26
CA LEU D 85 -39.69 9.60 -25.84
C LEU D 85 -38.21 9.98 -25.73
N SER D 86 -37.92 11.19 -25.23
CA SER D 86 -36.57 11.55 -24.87
C SER D 86 -36.44 11.43 -23.34
N PHE D 87 -35.39 11.98 -22.76
CA PHE D 87 -35.23 12.03 -21.31
C PHE D 87 -36.02 13.18 -20.69
N MET D 88 -36.29 14.21 -21.49
CA MET D 88 -36.91 15.44 -21.03
C MET D 88 -38.25 15.29 -20.27
N PRO D 89 -39.13 14.37 -20.70
CA PRO D 89 -40.32 14.12 -19.90
C PRO D 89 -39.93 13.66 -18.51
N PHE D 90 -38.86 12.87 -18.42
CA PHE D 90 -38.37 12.44 -17.11
C PHE D 90 -37.79 13.60 -16.35
N PHE D 91 -37.04 14.43 -17.05
CA PHE D 91 -36.43 15.55 -16.40
C PHE D 91 -37.51 16.49 -15.91
N LEU D 92 -38.55 16.73 -16.70
CA LEU D 92 -39.55 17.66 -16.28
C LEU D 92 -40.36 17.09 -15.12
N LYS D 93 -40.79 15.83 -15.23
CA LYS D 93 -41.51 15.24 -14.16
C LYS D 93 -40.72 15.31 -12.84
N ALA D 94 -39.44 14.90 -12.86
CA ALA D 94 -38.60 15.03 -11.66
C ALA D 94 -38.64 16.49 -11.13
N ALA D 95 -38.36 17.46 -12.01
CA ALA D 95 -38.48 18.87 -11.68
C ALA D 95 -39.80 19.19 -10.97
N SER D 96 -40.93 18.84 -11.59
CA SER D 96 -42.22 19.21 -10.98
C SER D 96 -42.29 18.70 -9.54
N LEU D 97 -41.86 17.45 -9.35
CA LEU D 97 -41.95 16.78 -8.07
C LEU D 97 -41.12 17.41 -6.95
N GLY D 98 -39.97 17.98 -7.34
CA GLY D 98 -39.10 18.69 -6.39
C GLY D 98 -39.70 20.04 -6.11
N LEU D 99 -40.21 20.67 -7.17
CA LEU D 99 -40.98 21.87 -7.01
C LEU D 99 -42.11 21.74 -5.94
N LEU D 100 -42.86 20.65 -5.90
CA LEU D 100 -43.87 20.52 -4.84
C LEU D 100 -43.29 20.67 -3.44
N GLN D 101 -42.04 20.26 -3.25
CA GLN D 101 -41.42 20.25 -1.95
C GLN D 101 -40.84 21.59 -1.76
N PHE D 102 -40.25 22.16 -2.81
CA PHE D 102 -39.59 23.44 -2.69
C PHE D 102 -40.27 24.48 -3.57
N PRO D 103 -41.50 24.89 -3.22
CA PRO D 103 -42.30 25.73 -4.15
C PRO D 103 -41.72 27.09 -4.42
N ILE D 104 -40.82 27.53 -3.57
CA ILE D 104 -40.21 28.82 -3.74
C ILE D 104 -39.39 28.87 -5.05
N LEU D 105 -39.02 27.73 -5.64
CA LEU D 105 -38.22 27.76 -6.89
C LEU D 105 -39.13 28.00 -8.09
N ASN D 106 -40.44 28.00 -7.83
CA ASN D 106 -41.45 28.19 -8.86
C ASN D 106 -42.16 29.52 -8.61
N ALA D 107 -41.47 30.49 -8.03
CA ALA D 107 -42.09 31.71 -7.67
C ALA D 107 -41.50 32.80 -8.54
N SER D 108 -41.92 34.02 -8.34
CA SER D 108 -41.33 35.13 -9.05
C SER D 108 -41.11 36.22 -8.04
N VAL D 109 -40.30 37.20 -8.38
CA VAL D 109 -40.22 38.34 -7.50
C VAL D 109 -40.44 39.64 -8.29
N ASP D 110 -40.77 40.74 -7.62
CA ASP D 110 -40.79 42.04 -8.33
C ASP D 110 -39.38 42.69 -8.55
N GLU D 111 -39.39 43.88 -9.15
CA GLU D 111 -38.21 44.69 -9.47
C GLU D 111 -37.14 44.67 -8.37
N ASN D 112 -37.43 45.30 -7.25
CA ASN D 112 -36.38 45.27 -6.27
C ASN D 112 -36.53 44.16 -5.21
N CYS D 113 -37.42 43.21 -5.45
CA CYS D 113 -37.50 41.97 -4.66
C CYS D 113 -38.06 42.22 -3.26
N GLN D 114 -39.26 42.76 -3.27
CA GLN D 114 -39.89 43.10 -2.04
C GLN D 114 -41.11 42.27 -1.85
N ASN D 115 -41.58 41.64 -2.94
CA ASN D 115 -42.72 40.73 -2.92
C ASN D 115 -42.42 39.49 -3.73
N ILE D 116 -42.67 38.32 -3.12
CA ILE D 116 -42.58 37.04 -3.79
C ILE D 116 -43.99 36.67 -4.24
N THR D 117 -44.15 36.13 -5.48
CA THR D 117 -45.42 35.43 -5.87
C THR D 117 -45.23 33.92 -6.09
N TYR D 118 -45.93 33.10 -5.31
CA TYR D 118 -45.90 31.63 -5.42
C TYR D 118 -46.93 31.14 -6.41
N LYS D 119 -46.53 30.32 -7.34
CA LYS D 119 -47.35 29.97 -8.49
C LYS D 119 -47.76 28.52 -8.32
N ALA D 120 -49.04 28.25 -8.42
CA ALA D 120 -49.49 26.87 -8.24
C ALA D 120 -49.18 26.00 -9.48
N SER D 121 -49.26 26.58 -10.67
CA SER D 121 -48.96 25.79 -11.85
C SER D 121 -47.50 25.64 -12.07
N HIS D 122 -47.08 24.41 -12.36
CA HIS D 122 -45.73 24.17 -12.81
C HIS D 122 -45.70 24.28 -14.30
N ASN D 123 -45.53 25.47 -14.86
CA ASN D 123 -45.46 25.53 -16.34
C ASN D 123 -44.03 25.67 -16.69
N ILE D 124 -43.42 24.53 -17.00
CA ILE D 124 -41.99 24.45 -17.14
C ILE D 124 -41.53 24.77 -18.52
N GLY D 125 -40.70 25.79 -18.65
CA GLY D 125 -40.22 26.22 -19.93
C GLY D 125 -39.14 25.32 -20.44
N ILE D 126 -39.00 25.25 -21.77
CA ILE D 126 -37.99 24.45 -22.50
C ILE D 126 -37.26 25.41 -23.47
N ALA D 127 -36.00 25.66 -23.20
CA ALA D 127 -35.29 26.67 -23.97
C ALA D 127 -34.91 26.09 -25.32
N MET D 128 -35.06 26.83 -26.41
CA MET D 128 -34.59 26.34 -27.71
C MET D 128 -34.09 27.46 -28.61
N ASP D 129 -33.39 27.13 -29.68
CA ASP D 129 -32.99 28.15 -30.62
C ASP D 129 -33.47 27.85 -32.04
N THR D 130 -33.92 28.88 -32.74
CA THR D 130 -34.32 28.75 -34.12
C THR D 130 -33.48 29.83 -34.82
N GLU D 131 -33.62 30.05 -36.13
CA GLU D 131 -32.80 31.14 -36.70
C GLU D 131 -33.29 32.48 -36.17
N GLN D 132 -34.54 32.51 -35.73
CA GLN D 132 -35.01 33.66 -34.94
C GLN D 132 -34.35 33.78 -33.55
N GLY D 133 -33.64 32.76 -33.07
CA GLY D 133 -33.03 32.85 -31.74
C GLY D 133 -33.70 32.13 -30.58
N LEU D 134 -33.49 32.67 -29.37
CA LEU D 134 -34.01 32.05 -28.14
C LEU D 134 -35.50 32.04 -28.12
N ILE D 135 -36.07 30.90 -27.76
CA ILE D 135 -37.50 30.76 -27.72
C ILE D 135 -37.80 29.70 -26.63
N VAL D 136 -38.70 30.05 -25.73
CA VAL D 136 -38.91 29.26 -24.55
C VAL D 136 -40.39 29.03 -24.29
N PRO D 137 -41.03 28.10 -25.03
CA PRO D 137 -42.35 27.67 -24.61
C PRO D 137 -42.27 26.85 -23.33
N ASN D 138 -43.41 26.64 -22.68
CA ASN D 138 -43.49 25.88 -21.44
C ASN D 138 -44.61 24.79 -21.59
N VAL D 139 -44.47 23.68 -20.84
CA VAL D 139 -45.48 22.66 -20.80
C VAL D 139 -46.36 23.12 -19.63
N LYS D 140 -47.66 23.26 -19.85
CA LYS D 140 -48.54 23.78 -18.82
C LYS D 140 -48.79 22.73 -17.76
N ASN D 141 -48.81 23.11 -16.49
CA ASN D 141 -49.38 22.28 -15.45
C ASN D 141 -48.83 20.87 -15.42
N VAL D 142 -47.52 20.79 -15.43
CA VAL D 142 -46.81 19.57 -15.48
C VAL D 142 -47.17 18.80 -14.29
N GLN D 143 -47.56 19.45 -13.20
CA GLN D 143 -47.82 18.67 -11.95
C GLN D 143 -48.99 17.66 -12.05
N ILE D 144 -49.92 17.88 -12.99
CA ILE D 144 -51.05 16.97 -13.25
C ILE D 144 -50.94 16.21 -14.56
N ARG D 145 -49.73 16.19 -15.15
CA ARG D 145 -49.47 15.41 -16.37
C ARG D 145 -48.58 14.17 -16.12
N SER D 146 -48.86 13.07 -16.82
CA SER D 146 -47.96 11.94 -16.82
C SER D 146 -46.78 12.18 -17.79
N ILE D 147 -45.75 11.35 -17.63
CA ILE D 147 -44.57 11.39 -18.48
C ILE D 147 -45.01 11.29 -19.94
N PHE D 148 -46.03 10.46 -20.17
CA PHE D 148 -46.47 10.25 -21.53
C PHE D 148 -47.12 11.51 -22.11
N GLU D 149 -47.97 12.14 -21.32
CA GLU D 149 -48.59 13.39 -21.77
C GLU D 149 -47.54 14.46 -21.90
N ILE D 150 -46.57 14.43 -21.00
CA ILE D 150 -45.51 15.38 -21.08
C ILE D 150 -44.76 15.22 -22.41
N ALA D 151 -44.33 14.00 -22.73
CA ALA D 151 -43.64 13.78 -24.04
C ALA D 151 -44.47 14.24 -25.26
N THR D 152 -45.78 13.98 -25.21
CA THR D 152 -46.71 14.41 -26.25
C THR D 152 -46.71 15.91 -26.46
N GLU D 153 -46.84 16.62 -25.35
CA GLU D 153 -46.83 18.07 -25.36
C GLU D 153 -45.47 18.62 -25.84
N LEU D 154 -44.38 18.00 -25.37
CA LEU D 154 -43.01 18.29 -25.84
C LEU D 154 -42.82 18.20 -27.36
N ASN D 155 -43.44 17.17 -27.96
CA ASN D 155 -43.37 16.88 -29.37
C ASN D 155 -44.15 17.90 -30.15
N ARG D 156 -45.27 18.34 -29.57
CA ARG D 156 -46.16 19.27 -30.22
C ARG D 156 -45.42 20.59 -30.20
N LEU D 157 -44.80 20.88 -29.06
CA LEU D 157 -44.08 22.14 -28.92
C LEU D 157 -42.86 22.18 -29.86
N GLN D 158 -42.12 21.07 -29.92
CA GLN D 158 -40.97 20.96 -30.80
C GLN D 158 -41.43 21.24 -32.22
N LYS D 159 -42.47 20.53 -32.62
CA LYS D 159 -43.00 20.65 -33.97
C LYS D 159 -43.37 22.11 -34.28
N LEU D 160 -44.21 22.71 -33.43
CA LEU D 160 -44.56 24.14 -33.59
C LEU D 160 -43.33 25.05 -33.62
N GLY D 161 -42.49 24.91 -32.62
CA GLY D 161 -41.30 25.74 -32.50
C GLY D 161 -40.48 25.81 -33.77
N SER D 162 -40.21 24.65 -34.38
CA SER D 162 -39.46 24.57 -35.64
C SER D 162 -40.22 25.29 -36.74
N ALA D 163 -41.47 24.94 -36.99
CA ALA D 163 -42.29 25.67 -37.97
C ALA D 163 -42.50 27.19 -37.70
N GLY D 164 -42.10 27.67 -36.53
CA GLY D 164 -42.21 29.08 -36.18
C GLY D 164 -43.63 29.44 -35.82
N GLN D 165 -44.36 28.46 -35.27
CA GLN D 165 -45.82 28.57 -35.13
C GLN D 165 -46.30 28.41 -33.70
N LEU D 166 -45.53 28.89 -32.75
CA LEU D 166 -45.95 28.76 -31.38
C LEU D 166 -46.97 29.87 -31.04
N SER D 167 -48.02 29.53 -30.29
CA SER D 167 -49.01 30.54 -30.00
C SER D 167 -48.57 31.39 -28.81
N THR D 168 -49.14 32.57 -28.66
CA THR D 168 -49.06 33.29 -27.39
C THR D 168 -49.17 32.35 -26.19
N ASN D 169 -50.26 31.57 -26.11
CA ASN D 169 -50.48 30.76 -24.92
C ASN D 169 -49.29 29.82 -24.64
N ASP D 170 -48.66 29.27 -25.69
CA ASP D 170 -47.50 28.37 -25.47
C ASP D 170 -46.27 29.09 -24.87
N LEU D 171 -46.08 30.36 -25.21
CA LEU D 171 -44.88 31.09 -24.84
C LEU D 171 -45.04 31.76 -23.46
N ILE D 172 -46.25 31.88 -23.01
CA ILE D 172 -46.51 32.75 -21.90
C ILE D 172 -46.71 31.90 -20.60
N GLY D 173 -46.69 32.57 -19.45
CA GLY D 173 -46.94 31.93 -18.17
C GLY D 173 -45.92 30.95 -17.62
N GLY D 174 -44.66 31.04 -18.06
CA GLY D 174 -43.61 30.10 -17.63
C GLY D 174 -43.27 30.28 -16.16
N THR D 175 -42.90 29.23 -15.44
CA THR D 175 -42.61 29.45 -14.03
C THR D 175 -41.24 29.01 -13.66
N PHE D 176 -40.61 28.23 -14.54
CA PHE D 176 -39.35 27.55 -14.22
C PHE D 176 -38.85 26.93 -15.51
N THR D 177 -37.53 26.93 -15.77
CA THR D 177 -37.04 26.53 -17.09
C THR D 177 -35.95 25.47 -17.04
N LEU D 178 -35.95 24.57 -18.03
CA LEU D 178 -34.83 23.67 -18.29
C LEU D 178 -34.33 23.97 -19.68
N SER D 179 -33.02 23.82 -19.83
CA SER D 179 -32.40 23.96 -21.13
C SER D 179 -31.54 22.77 -21.34
N ASN D 180 -31.84 22.00 -22.39
CA ASN D 180 -31.12 20.75 -22.65
C ASN D 180 -29.97 20.95 -23.60
N ILE D 181 -28.92 21.59 -23.08
CA ILE D 181 -27.75 21.94 -23.87
C ILE D 181 -27.08 20.67 -24.44
N GLY D 182 -27.23 19.57 -23.69
CA GLY D 182 -26.60 18.32 -24.00
C GLY D 182 -27.21 17.65 -25.22
N SER D 183 -28.35 18.20 -25.64
CA SER D 183 -28.90 17.73 -26.93
C SER D 183 -27.90 18.07 -28.01
N ILE D 184 -27.02 19.04 -27.76
CA ILE D 184 -25.95 19.32 -28.70
C ILE D 184 -24.58 18.88 -28.16
N GLY D 185 -24.25 19.27 -26.92
CA GLY D 185 -23.02 18.83 -26.25
C GLY D 185 -22.85 19.51 -24.90
N GLY D 186 -21.68 19.34 -24.28
CA GLY D 186 -21.34 20.07 -23.06
C GLY D 186 -21.50 19.25 -21.81
N THR D 187 -20.93 19.73 -20.72
CA THR D 187 -21.06 19.09 -19.43
C THR D 187 -21.70 20.12 -18.55
N TYR D 188 -20.92 21.07 -18.04
CA TYR D 188 -21.44 22.06 -17.06
C TYR D 188 -21.71 23.33 -17.80
N ALA D 189 -22.43 24.24 -17.19
CA ALA D 189 -22.90 25.44 -17.87
C ALA D 189 -23.33 26.43 -16.78
N LYS D 190 -23.45 27.70 -17.17
CA LYS D 190 -23.94 28.79 -16.34
C LYS D 190 -25.13 29.35 -17.12
N PRO D 191 -26.32 28.76 -16.91
CA PRO D 191 -27.50 29.26 -17.63
C PRO D 191 -27.95 30.63 -17.09
N VAL D 192 -28.64 31.41 -17.91
CA VAL D 192 -29.10 32.69 -17.50
C VAL D 192 -30.60 32.55 -17.10
N ILE D 193 -30.93 32.84 -15.85
CA ILE D 193 -32.31 32.87 -15.40
C ILE D 193 -33.14 33.86 -16.23
N LEU D 194 -34.38 33.48 -16.50
CA LEU D 194 -35.32 34.31 -17.28
C LEU D 194 -36.32 35.04 -16.42
N PRO D 195 -36.11 36.34 -16.26
CA PRO D 195 -37.07 37.18 -15.52
C PRO D 195 -38.48 36.92 -16.00
N PRO D 196 -39.44 36.84 -15.05
CA PRO D 196 -39.22 37.04 -13.63
C PRO D 196 -39.16 35.72 -12.88
N GLU D 197 -38.70 34.67 -13.51
CA GLU D 197 -38.51 33.41 -12.81
C GLU D 197 -37.30 33.56 -11.86
N VAL D 198 -37.11 32.59 -10.99
CA VAL D 198 -36.03 32.61 -10.02
C VAL D 198 -34.97 31.48 -10.21
N ALA D 199 -35.22 30.48 -11.07
CA ALA D 199 -34.30 29.42 -11.33
C ALA D 199 -34.31 28.90 -12.80
N ILE D 200 -33.21 28.26 -13.22
CA ILE D 200 -33.06 27.57 -14.49
C ILE D 200 -32.07 26.40 -14.28
N GLY D 201 -32.27 25.30 -14.97
CA GLY D 201 -31.36 24.18 -14.92
C GLY D 201 -30.83 23.88 -16.31
N ALA D 202 -29.56 23.54 -16.40
CA ALA D 202 -29.06 23.10 -17.70
C ALA D 202 -28.66 21.63 -17.63
N LEU D 203 -28.96 20.88 -18.68
CA LEU D 203 -28.61 19.48 -18.73
C LEU D 203 -27.60 19.24 -19.84
N GLY D 204 -26.54 18.56 -19.43
CA GLY D 204 -25.39 18.26 -20.23
C GLY D 204 -25.59 16.94 -20.92
N THR D 205 -24.56 16.51 -21.62
CA THR D 205 -24.57 15.33 -22.44
C THR D 205 -24.42 14.11 -21.60
N ILE D 206 -25.12 13.04 -21.98
CA ILE D 206 -25.06 11.74 -21.27
C ILE D 206 -23.85 11.01 -21.80
N LYS D 207 -22.91 10.74 -20.91
CA LYS D 207 -21.64 10.17 -21.26
C LYS D 207 -21.38 8.97 -20.34
N ALA D 208 -20.93 7.87 -20.93
CA ALA D 208 -20.57 6.72 -20.10
C ALA D 208 -19.16 6.88 -19.54
N LEU D 209 -19.06 6.95 -18.22
CA LEU D 209 -17.74 7.05 -17.60
C LEU D 209 -17.50 5.86 -16.73
N PRO D 210 -16.23 5.57 -16.46
CA PRO D 210 -15.92 4.48 -15.55
C PRO D 210 -16.23 4.89 -14.12
N ARG D 211 -17.01 4.11 -13.40
CA ARG D 211 -17.44 4.46 -12.05
C ARG D 211 -17.51 3.22 -11.19
N PHE D 212 -17.35 3.38 -9.87
CA PHE D 212 -17.49 2.24 -8.95
C PHE D 212 -18.94 1.94 -8.66
N ASN D 213 -19.24 0.68 -8.40
CA ASN D 213 -20.52 0.27 -7.77
C ASN D 213 -20.39 -0.04 -6.26
N GLU D 214 -21.48 -0.55 -5.67
CA GLU D 214 -21.54 -0.92 -4.24
C GLU D 214 -20.40 -1.87 -3.79
N LYS D 215 -19.98 -2.77 -4.67
CA LYS D 215 -18.80 -3.62 -4.41
C LYS D 215 -17.52 -2.79 -4.35
N GLY D 216 -17.36 -1.83 -5.27
CA GLY D 216 -16.08 -1.14 -5.44
C GLY D 216 -15.30 -1.64 -6.67
N GLU D 217 -16.02 -2.29 -7.57
CA GLU D 217 -15.47 -2.67 -8.86
C GLU D 217 -15.94 -1.59 -9.88
N VAL D 218 -15.24 -1.50 -11.00
CA VAL D 218 -15.54 -0.50 -12.02
C VAL D 218 -16.73 -0.91 -12.92
N CYS D 219 -17.51 0.05 -13.40
CA CYS D 219 -18.63 -0.21 -14.33
C CYS D 219 -18.86 0.92 -15.33
N LYS D 220 -19.59 0.62 -16.43
CA LYS D 220 -20.16 1.67 -17.28
C LYS D 220 -21.22 2.32 -16.42
N ALA D 221 -21.00 3.56 -16.03
CA ALA D 221 -22.09 4.34 -15.51
C ALA D 221 -22.39 5.46 -16.49
N GLN D 222 -23.68 5.67 -16.61
CA GLN D 222 -24.23 6.59 -17.56
C GLN D 222 -24.39 7.91 -16.80
N ILE D 223 -23.55 8.90 -17.15
CA ILE D 223 -23.40 10.13 -16.36
C ILE D 223 -23.84 11.40 -17.09
N MET D 224 -24.59 12.21 -16.35
CA MET D 224 -25.00 13.47 -16.87
C MET D 224 -24.71 14.61 -15.83
N ASN D 225 -24.21 15.74 -16.31
CA ASN D 225 -24.09 16.90 -15.48
C ASN D 225 -25.34 17.80 -15.51
N VAL D 226 -25.64 18.45 -14.38
CA VAL D 226 -26.69 19.48 -14.31
C VAL D 226 -26.15 20.74 -13.63
N SER D 227 -26.48 21.90 -14.17
CA SER D 227 -26.06 23.18 -13.55
C SER D 227 -27.30 24.04 -13.28
N TRP D 228 -27.58 24.32 -12.01
CA TRP D 228 -28.69 25.21 -11.69
C TRP D 228 -28.18 26.65 -11.56
N SER D 229 -28.97 27.64 -11.93
CA SER D 229 -28.68 29.01 -11.55
C SER D 229 -29.87 29.45 -10.75
N ALA D 230 -29.68 30.23 -9.68
CA ALA D 230 -30.83 30.63 -8.88
C ALA D 230 -30.66 32.03 -8.36
N ASP D 231 -31.76 32.77 -8.24
CA ASP D 231 -31.75 34.15 -7.79
C ASP D 231 -31.52 34.12 -6.29
N HIS D 232 -30.27 34.34 -5.96
CA HIS D 232 -29.88 34.27 -4.59
C HIS D 232 -30.44 35.36 -3.62
N ARG D 233 -31.17 36.37 -4.13
CA ARG D 233 -31.76 37.34 -3.30
C ARG D 233 -32.83 36.68 -2.49
N ILE D 234 -33.61 35.76 -3.11
CA ILE D 234 -34.65 34.95 -2.40
C ILE D 234 -34.39 33.47 -2.25
N ILE D 235 -33.52 32.92 -3.12
CA ILE D 235 -33.21 31.50 -2.97
C ILE D 235 -31.85 31.27 -2.32
N ASP D 236 -31.85 30.69 -1.10
CA ASP D 236 -30.61 30.34 -0.45
C ASP D 236 -30.08 29.00 -0.95
N GLY D 237 -28.86 28.64 -0.54
CA GLY D 237 -28.16 27.48 -1.10
C GLY D 237 -28.64 26.12 -0.66
N ALA D 238 -29.07 26.00 0.59
CA ALA D 238 -29.71 24.77 1.04
C ALA D 238 -30.90 24.44 0.15
N THR D 239 -31.65 25.46 -0.28
CA THR D 239 -32.83 25.20 -1.08
C THR D 239 -32.47 24.59 -2.45
N VAL D 240 -31.53 25.20 -3.16
CA VAL D 240 -31.24 24.74 -4.51
C VAL D 240 -30.67 23.32 -4.43
N SER D 241 -29.92 23.11 -3.38
CA SER D 241 -29.22 21.87 -3.13
C SER D 241 -30.19 20.78 -2.79
N ARG D 242 -30.97 20.99 -1.74
CA ARG D 242 -31.95 20.05 -1.35
C ARG D 242 -32.90 19.78 -2.56
N PHE D 243 -33.20 20.82 -3.36
CA PHE D 243 -34.05 20.60 -4.52
C PHE D 243 -33.34 19.63 -5.47
N SER D 244 -32.10 20.00 -5.83
CA SER D 244 -31.27 19.21 -6.70
C SER D 244 -31.17 17.78 -6.26
N ASN D 245 -30.91 17.53 -4.97
CA ASN D 245 -30.85 16.14 -4.49
C ASN D 245 -32.11 15.40 -4.71
N LEU D 246 -33.25 16.01 -4.42
CA LEU D 246 -34.52 15.33 -4.54
C LEU D 246 -34.75 14.93 -5.97
N TRP D 247 -34.45 15.87 -6.87
CA TRP D 247 -34.71 15.70 -8.27
C TRP D 247 -33.88 14.56 -8.73
N LYS D 248 -32.66 14.54 -8.25
CA LYS D 248 -31.60 13.68 -8.74
C LYS D 248 -31.95 12.29 -8.28
N SER D 249 -32.44 12.27 -7.07
CA SER D 249 -32.74 11.06 -6.40
C SER D 249 -33.88 10.37 -7.14
N TYR D 250 -34.88 11.14 -7.62
CA TYR D 250 -35.93 10.63 -8.53
C TYR D 250 -35.38 10.11 -9.85
N LEU D 251 -34.28 10.70 -10.30
CA LEU D 251 -33.71 10.27 -11.59
C LEU D 251 -32.79 9.08 -11.44
N GLU D 252 -32.10 8.97 -10.31
CA GLU D 252 -31.15 7.89 -10.14
C GLU D 252 -31.93 6.66 -9.80
N ASN D 253 -32.88 6.82 -8.87
CA ASN D 253 -33.81 5.77 -8.54
C ASN D 253 -35.27 6.03 -9.02
N PRO D 254 -35.54 5.75 -10.32
CA PRO D 254 -36.82 6.09 -10.97
C PRO D 254 -38.04 5.41 -10.31
N ALA D 255 -37.73 4.52 -9.39
CA ALA D 255 -38.71 3.77 -8.65
C ALA D 255 -39.25 4.67 -7.57
N PHE D 256 -38.42 5.57 -7.10
CA PHE D 256 -38.90 6.56 -6.18
C PHE D 256 -40.10 7.37 -6.75
N MET D 257 -40.10 7.69 -8.03
CA MET D 257 -41.25 8.33 -8.67
C MET D 257 -42.55 7.48 -8.63
N LEU D 258 -42.43 6.19 -8.85
CA LEU D 258 -43.58 5.32 -8.83
C LEU D 258 -44.39 5.63 -7.58
N LEU D 259 -43.80 5.37 -6.42
CA LEU D 259 -44.37 5.60 -5.11
C LEU D 259 -45.46 6.66 -4.95
N ASP D 260 -45.34 7.82 -5.61
CA ASP D 260 -46.25 8.96 -5.29
C ASP D 260 -47.16 9.53 -6.36
N LEU D 261 -47.04 8.98 -7.57
CA LEU D 261 -47.87 9.34 -8.70
C LEU D 261 -49.24 8.61 -8.69
N LYS D 262 -50.25 9.23 -9.29
CA LYS D 262 -51.66 8.85 -9.13
C LYS D 262 -52.31 8.30 -10.42
N GLY E 29 0.16 42.08 11.46
CA GLY E 29 -0.68 42.40 12.65
C GLY E 29 -1.23 43.82 12.69
N LYS E 30 -1.35 44.45 11.51
CA LYS E 30 -2.04 45.74 11.35
C LYS E 30 -2.53 45.94 9.90
N ASP E 31 -3.76 46.44 9.76
CA ASP E 31 -4.36 46.70 8.44
C ASP E 31 -3.69 47.84 7.67
N ARG E 32 -3.79 47.80 6.35
CA ARG E 32 -2.99 48.68 5.53
C ARG E 32 -3.71 49.04 4.26
N THR E 33 -4.03 50.33 4.10
CA THR E 33 -4.63 50.82 2.85
C THR E 33 -3.64 51.35 1.77
N GLU E 34 -3.98 51.09 0.51
CA GLU E 34 -3.09 51.37 -0.62
C GLU E 34 -3.97 51.70 -1.81
N PRO E 35 -4.13 52.99 -2.12
CA PRO E 35 -4.69 53.39 -3.43
C PRO E 35 -4.29 52.48 -4.62
N VAL E 36 -5.27 52.15 -5.46
CA VAL E 36 -5.05 51.26 -6.59
C VAL E 36 -4.35 52.05 -7.66
N LYS E 37 -3.14 51.60 -7.98
CA LYS E 37 -2.15 52.44 -8.65
C LYS E 37 -1.91 52.14 -10.15
N GLY E 38 -1.58 53.21 -10.88
CA GLY E 38 -1.21 53.17 -12.30
C GLY E 38 -1.77 52.08 -13.22
N PHE E 39 -1.05 50.97 -13.32
CA PHE E 39 -1.46 49.97 -14.29
C PHE E 39 -2.63 49.08 -13.84
N HIS E 40 -2.86 49.00 -12.52
CA HIS E 40 -3.94 48.15 -12.02
C HIS E 40 -5.30 48.80 -12.25
N LYS E 41 -5.29 50.10 -12.59
CA LYS E 41 -6.49 50.89 -12.89
C LYS E 41 -7.18 50.38 -14.14
N ALA E 42 -6.38 50.00 -15.14
CA ALA E 42 -6.93 49.43 -16.37
C ALA E 42 -7.81 48.23 -16.10
N MET E 43 -7.39 47.36 -15.19
CA MET E 43 -8.15 46.14 -14.91
C MET E 43 -9.45 46.50 -14.22
N VAL E 44 -9.44 47.50 -13.38
CA VAL E 44 -10.66 47.98 -12.75
C VAL E 44 -11.69 48.40 -13.82
N LYS E 45 -11.24 49.18 -14.81
CA LYS E 45 -12.07 49.70 -15.85
C LYS E 45 -12.64 48.57 -16.70
N THR E 46 -11.77 47.64 -17.11
CA THR E 46 -12.09 46.57 -18.04
C THR E 46 -13.10 45.63 -17.43
N MET E 47 -12.74 45.07 -16.28
CA MET E 47 -13.64 44.18 -15.59
C MET E 47 -14.93 44.91 -15.27
N SER E 48 -14.88 46.20 -14.96
CA SER E 48 -16.13 46.90 -14.66
C SER E 48 -17.12 46.96 -15.84
N ALA E 49 -16.62 47.15 -17.05
CA ALA E 49 -17.47 47.32 -18.18
C ALA E 49 -18.05 45.95 -18.52
N ALA E 50 -17.32 44.89 -18.20
CA ALA E 50 -17.82 43.54 -18.47
C ALA E 50 -19.13 43.25 -17.70
N LEU E 51 -19.41 44.06 -16.69
CA LEU E 51 -20.61 43.87 -15.90
C LEU E 51 -21.87 44.15 -16.71
N LYS E 52 -21.73 44.86 -17.83
CA LYS E 52 -22.89 45.17 -18.68
C LYS E 52 -23.22 43.96 -19.59
N ILE E 53 -22.42 42.89 -19.51
CA ILE E 53 -22.55 41.76 -20.42
C ILE E 53 -23.15 40.58 -19.71
N PRO E 54 -24.34 40.13 -20.15
CA PRO E 54 -24.95 38.95 -19.55
C PRO E 54 -24.16 37.76 -20.02
N HIS E 55 -23.42 37.11 -19.14
CA HIS E 55 -22.52 36.03 -19.50
C HIS E 55 -23.29 34.76 -19.39
N PHE E 56 -23.26 33.99 -20.48
CA PHE E 56 -23.73 32.64 -20.51
C PHE E 56 -22.52 31.71 -20.50
N GLY E 57 -22.54 30.72 -19.61
CA GLY E 57 -21.42 29.85 -19.46
C GLY E 57 -21.76 28.51 -20.03
N TYR E 58 -20.93 28.08 -21.01
CA TYR E 58 -20.99 26.71 -21.52
C TYR E 58 -19.67 25.91 -21.41
N CYS E 59 -19.71 24.77 -20.74
CA CYS E 59 -18.46 24.02 -20.57
C CYS E 59 -18.50 22.65 -21.13
N ASP E 60 -17.30 22.10 -21.32
CA ASP E 60 -17.17 20.75 -21.91
C ASP E 60 -15.83 20.10 -21.55
N GLU E 61 -15.66 18.86 -22.02
CA GLU E 61 -14.39 18.16 -21.90
C GLU E 61 -13.95 17.66 -23.24
N VAL E 62 -12.66 17.75 -23.50
CA VAL E 62 -12.19 17.36 -24.76
C VAL E 62 -11.10 16.34 -24.57
N ASP E 63 -11.15 15.31 -25.40
CA ASP E 63 -10.16 14.24 -25.38
C ASP E 63 -8.92 14.62 -26.20
N LEU E 64 -7.83 14.83 -25.48
CA LEU E 64 -6.62 15.36 -26.08
C LEU E 64 -5.53 14.28 -26.26
N THR E 65 -5.94 13.02 -26.26
CA THR E 65 -5.04 11.91 -26.43
C THR E 65 -4.29 11.93 -27.78
N GLU E 66 -5.02 12.02 -28.89
CA GLU E 66 -4.37 12.17 -30.20
C GLU E 66 -3.53 13.43 -30.25
N LEU E 67 -4.01 14.51 -29.64
CA LEU E 67 -3.30 15.80 -29.72
C LEU E 67 -1.99 15.74 -28.96
N VAL E 68 -2.04 15.20 -27.76
CA VAL E 68 -0.82 15.06 -26.96
C VAL E 68 0.22 14.27 -27.75
N LYS E 69 -0.18 13.10 -28.26
CA LYS E 69 0.74 12.27 -29.04
C LYS E 69 1.28 13.02 -30.29
N LEU E 70 0.40 13.73 -30.96
CA LEU E 70 0.77 14.54 -32.09
C LEU E 70 1.84 15.58 -31.78
N ARG E 71 1.63 16.36 -30.74
CA ARG E 71 2.60 17.38 -30.33
C ARG E 71 4.00 16.81 -30.00
N GLU E 72 4.03 15.68 -29.27
CA GLU E 72 5.28 14.95 -29.06
C GLU E 72 6.00 14.71 -30.37
N GLU E 73 5.30 14.28 -31.41
CA GLU E 73 6.02 14.08 -32.65
C GLU E 73 6.36 15.37 -33.40
N LEU E 74 5.70 16.48 -33.04
CA LEU E 74 6.03 17.80 -33.64
C LEU E 74 7.11 18.67 -32.94
N LYS E 75 7.15 18.60 -31.59
CA LYS E 75 8.19 19.21 -30.74
C LYS E 75 9.61 19.23 -31.37
N PRO E 76 10.16 18.06 -31.72
CA PRO E 76 11.51 18.10 -32.28
C PRO E 76 11.69 18.95 -33.56
N ILE E 77 10.65 19.05 -34.39
CA ILE E 77 10.74 19.84 -35.63
C ILE E 77 10.72 21.33 -35.29
N ALA E 78 9.98 21.68 -34.22
CA ALA E 78 9.92 23.07 -33.79
C ALA E 78 11.17 23.46 -33.00
N PHE E 79 11.61 22.57 -32.12
CA PHE E 79 12.83 22.84 -31.41
C PHE E 79 13.93 23.10 -32.44
N ALA E 80 13.98 22.26 -33.48
CA ALA E 80 15.00 22.38 -34.52
C ALA E 80 14.93 23.73 -35.21
N ARG E 81 13.79 24.40 -35.17
CA ARG E 81 13.66 25.75 -35.71
C ARG E 81 13.66 26.86 -34.65
N GLY E 82 14.11 26.54 -33.43
CA GLY E 82 14.19 27.48 -32.30
C GLY E 82 12.84 27.86 -31.68
N ILE E 83 11.81 27.07 -31.89
CA ILE E 83 10.50 27.40 -31.36
C ILE E 83 10.05 26.47 -30.23
N LYS E 84 9.57 27.05 -29.14
CA LYS E 84 8.92 26.26 -28.13
C LYS E 84 7.51 26.09 -28.64
N LEU E 85 7.08 24.84 -28.87
CA LEU E 85 5.71 24.51 -29.26
C LEU E 85 4.80 23.96 -28.13
N SER E 86 3.85 24.78 -27.67
CA SER E 86 2.93 24.30 -26.68
C SER E 86 1.64 23.79 -27.31
N PHE E 87 0.56 23.70 -26.54
CA PHE E 87 -0.73 23.32 -27.14
C PHE E 87 -1.57 24.50 -27.73
N MET E 88 -1.24 25.74 -27.39
CA MET E 88 -2.03 26.91 -27.83
C MET E 88 -2.07 27.19 -29.34
N PRO E 89 -0.95 26.94 -30.06
CA PRO E 89 -1.11 27.24 -31.49
C PRO E 89 -2.18 26.32 -32.00
N PHE E 90 -2.26 25.10 -31.45
CA PHE E 90 -3.33 24.19 -31.85
C PHE E 90 -4.67 24.70 -31.44
N PHE E 91 -4.81 25.03 -30.17
CA PHE E 91 -6.05 25.59 -29.67
C PHE E 91 -6.51 26.81 -30.47
N LEU E 92 -5.56 27.67 -30.81
CA LEU E 92 -5.88 28.86 -31.60
C LEU E 92 -6.29 28.58 -33.03
N LYS E 93 -5.62 27.62 -33.70
CA LYS E 93 -5.98 27.39 -35.09
C LYS E 93 -7.31 26.72 -35.13
N ALA E 94 -7.55 25.80 -34.16
CA ALA E 94 -8.82 25.11 -34.08
C ALA E 94 -9.95 26.13 -33.89
N ALA E 95 -9.65 27.17 -33.10
CA ALA E 95 -10.61 28.20 -32.78
C ALA E 95 -10.85 29.08 -34.02
N SER E 96 -9.80 29.50 -34.70
CA SER E 96 -9.97 30.38 -35.85
C SER E 96 -10.88 29.69 -36.80
N LEU E 97 -10.56 28.41 -37.06
CA LEU E 97 -11.35 27.62 -37.98
C LEU E 97 -12.83 27.59 -37.60
N GLY E 98 -13.13 27.53 -36.30
CA GLY E 98 -14.53 27.53 -35.84
C GLY E 98 -15.19 28.88 -36.09
N LEU E 99 -14.48 29.95 -35.75
CA LEU E 99 -14.85 31.30 -36.10
C LEU E 99 -15.22 31.51 -37.58
N LEU E 100 -14.60 30.79 -38.53
CA LEU E 100 -15.11 30.92 -39.93
C LEU E 100 -16.57 30.43 -40.07
N GLN E 101 -16.86 29.23 -39.56
CA GLN E 101 -18.21 28.74 -39.44
C GLN E 101 -19.10 29.63 -38.58
N PHE E 102 -18.60 30.14 -37.44
CA PHE E 102 -19.45 31.00 -36.64
C PHE E 102 -18.95 32.42 -36.45
N PRO E 103 -18.97 33.23 -37.52
CA PRO E 103 -18.38 34.55 -37.42
C PRO E 103 -19.02 35.47 -36.38
N ILE E 104 -20.21 35.13 -35.87
CA ILE E 104 -20.84 35.98 -34.91
C ILE E 104 -20.05 35.99 -33.61
N LEU E 105 -19.32 34.92 -33.34
CA LEU E 105 -18.52 34.85 -32.12
C LEU E 105 -17.29 35.74 -32.20
N ASN E 106 -17.00 36.29 -33.39
CA ASN E 106 -15.83 37.15 -33.60
C ASN E 106 -16.28 38.55 -33.93
N ALA E 107 -17.32 39.01 -33.28
CA ALA E 107 -17.96 40.28 -33.58
C ALA E 107 -17.87 41.11 -32.32
N SER E 108 -18.22 42.39 -32.39
CA SER E 108 -18.63 43.14 -31.18
C SER E 108 -19.98 43.83 -31.33
N VAL E 109 -20.57 44.18 -30.20
CA VAL E 109 -21.77 44.99 -30.18
C VAL E 109 -21.48 46.37 -29.59
N ASP E 110 -22.35 47.33 -29.89
CA ASP E 110 -22.22 48.69 -29.39
C ASP E 110 -22.81 48.79 -27.97
N GLU E 111 -22.72 49.98 -27.39
CA GLU E 111 -23.17 50.30 -26.04
C GLU E 111 -24.47 49.60 -25.63
N ASN E 112 -25.54 49.82 -26.39
CA ASN E 112 -26.83 49.21 -25.99
C ASN E 112 -27.26 47.96 -26.76
N CYS E 113 -26.31 47.33 -27.43
CA CYS E 113 -26.56 46.15 -28.24
C CYS E 113 -27.64 46.39 -29.34
N GLN E 114 -27.48 47.49 -30.07
CA GLN E 114 -28.32 47.82 -31.24
C GLN E 114 -27.64 47.32 -32.48
N ASN E 115 -26.31 47.46 -32.54
CA ASN E 115 -25.54 47.16 -33.74
C ASN E 115 -24.43 46.18 -33.50
N ILE E 116 -24.29 45.24 -34.43
CA ILE E 116 -23.22 44.28 -34.45
C ILE E 116 -22.25 44.58 -35.60
N THR E 117 -20.94 44.45 -35.32
CA THR E 117 -19.90 44.56 -36.29
C THR E 117 -19.18 43.22 -36.36
N TYR E 118 -19.25 42.59 -37.53
CA TYR E 118 -18.56 41.35 -37.79
C TYR E 118 -17.12 41.65 -38.24
N LYS E 119 -16.14 41.05 -37.56
CA LYS E 119 -14.73 41.31 -37.88
C LYS E 119 -14.16 40.21 -38.77
N ALA E 120 -13.62 40.63 -39.90
CA ALA E 120 -12.94 39.76 -40.83
C ALA E 120 -11.72 39.04 -40.21
N SER E 121 -10.84 39.78 -39.51
CA SER E 121 -9.68 39.24 -38.82
C SER E 121 -9.94 38.40 -37.54
N HIS E 122 -9.12 37.37 -37.34
CA HIS E 122 -9.11 36.63 -36.07
C HIS E 122 -7.87 37.05 -35.32
N ASN E 123 -7.99 38.14 -34.58
CA ASN E 123 -6.94 38.63 -33.78
C ASN E 123 -7.20 38.10 -32.40
N ILE E 124 -6.68 36.90 -32.13
CA ILE E 124 -7.07 36.16 -30.94
C ILE E 124 -6.16 36.48 -29.81
N GLY E 125 -6.76 37.03 -28.75
CA GLY E 125 -6.04 37.48 -27.58
C GLY E 125 -5.63 36.31 -26.72
N ILE E 126 -4.47 36.45 -26.08
CA ILE E 126 -3.96 35.44 -25.18
C ILE E 126 -3.85 36.13 -23.84
N ALA E 127 -4.65 35.69 -22.87
CA ALA E 127 -4.71 36.41 -21.60
C ALA E 127 -3.53 35.97 -20.75
N MET E 128 -2.83 36.99 -20.25
CA MET E 128 -1.60 36.82 -19.50
C MET E 128 -1.67 37.68 -18.24
N ASP E 129 -1.10 37.17 -17.15
CA ASP E 129 -0.91 38.02 -15.95
C ASP E 129 0.55 38.38 -15.78
N THR E 130 0.79 39.65 -15.58
CA THR E 130 2.11 40.09 -15.32
C THR E 130 2.08 40.86 -14.01
N GLU E 131 3.28 41.22 -13.58
CA GLU E 131 3.57 41.50 -12.19
C GLU E 131 3.08 42.92 -11.90
N GLN E 132 2.48 43.47 -12.96
CA GLN E 132 1.59 44.63 -12.96
C GLN E 132 0.50 44.26 -14.00
N GLY E 133 -0.67 43.88 -13.47
CA GLY E 133 -1.94 43.81 -14.21
C GLY E 133 -2.19 42.60 -15.09
N LEU E 134 -3.43 42.49 -15.54
CA LEU E 134 -3.76 41.57 -16.60
C LEU E 134 -3.43 42.29 -17.91
N ILE E 135 -2.86 41.53 -18.86
CA ILE E 135 -2.49 42.02 -20.19
C ILE E 135 -2.89 40.99 -21.24
N VAL E 136 -3.47 41.46 -22.33
CA VAL E 136 -4.03 40.54 -23.28
C VAL E 136 -3.54 40.95 -24.65
N PRO E 137 -2.36 40.45 -25.04
CA PRO E 137 -1.86 40.67 -26.40
C PRO E 137 -2.56 39.70 -27.30
N ASN E 138 -2.58 39.94 -28.58
CA ASN E 138 -3.33 39.01 -29.43
C ASN E 138 -2.48 38.62 -30.64
N VAL E 139 -2.83 37.49 -31.26
CA VAL E 139 -2.17 37.08 -32.50
C VAL E 139 -2.98 37.53 -33.70
N LYS E 140 -2.47 38.48 -34.47
CA LYS E 140 -3.22 39.04 -35.59
C LYS E 140 -3.51 38.01 -36.68
N ASN E 141 -4.70 38.03 -37.22
CA ASN E 141 -4.97 37.25 -38.41
C ASN E 141 -4.61 35.77 -38.35
N VAL E 142 -5.06 35.09 -37.29
CA VAL E 142 -4.76 33.68 -37.13
C VAL E 142 -5.25 32.91 -38.33
N GLN E 143 -6.29 33.40 -39.00
CA GLN E 143 -6.87 32.68 -40.14
C GLN E 143 -5.93 32.56 -41.39
N ILE E 144 -4.89 33.39 -41.47
CA ILE E 144 -4.01 33.31 -42.64
C ILE E 144 -2.69 32.69 -42.25
N ARG E 145 -2.64 32.07 -41.06
CA ARG E 145 -1.35 31.61 -40.49
C ARG E 145 -1.28 30.13 -40.12
N SER E 146 -0.08 29.57 -40.22
CA SER E 146 0.10 28.13 -39.97
C SER E 146 0.27 27.97 -38.50
N ILE E 147 0.00 26.76 -38.00
CA ILE E 147 0.29 26.43 -36.60
C ILE E 147 1.73 26.80 -36.29
N PHE E 148 2.63 26.62 -37.26
CA PHE E 148 4.02 26.98 -36.97
C PHE E 148 4.21 28.49 -36.74
N GLU E 149 3.49 29.30 -37.52
CA GLU E 149 3.60 30.73 -37.38
C GLU E 149 3.02 31.20 -36.05
N ILE E 150 1.87 30.63 -35.69
CA ILE E 150 1.14 30.99 -34.46
C ILE E 150 2.05 30.75 -33.27
N ALA E 151 2.79 29.62 -33.27
CA ALA E 151 3.75 29.32 -32.19
C ALA E 151 4.87 30.33 -32.21
N THR E 152 5.47 30.55 -33.39
CA THR E 152 6.45 31.61 -33.52
C THR E 152 5.88 32.85 -32.90
N GLU E 153 4.66 33.19 -33.24
CA GLU E 153 4.12 34.41 -32.71
C GLU E 153 3.88 34.36 -31.18
N LEU E 154 3.43 33.23 -30.63
CA LEU E 154 3.26 33.09 -29.17
C LEU E 154 4.57 33.20 -28.35
N ASN E 155 5.65 32.56 -28.83
CA ASN E 155 6.98 32.74 -28.25
C ASN E 155 7.32 34.21 -28.20
N ARG E 156 7.08 34.92 -29.31
CA ARG E 156 7.50 36.32 -29.43
C ARG E 156 6.78 37.16 -28.39
N LEU E 157 5.51 36.85 -28.14
CA LEU E 157 4.72 37.60 -27.21
C LEU E 157 5.00 37.25 -25.73
N GLN E 158 5.32 35.98 -25.47
CA GLN E 158 5.72 35.53 -24.13
C GLN E 158 7.01 36.19 -23.66
N LYS E 159 7.98 36.32 -24.58
CA LYS E 159 9.23 36.96 -24.29
C LYS E 159 8.93 38.41 -23.88
N LEU E 160 8.10 39.07 -24.67
CA LEU E 160 7.84 40.47 -24.50
C LEU E 160 6.97 40.78 -23.30
N GLY E 161 5.96 39.96 -23.07
CA GLY E 161 5.10 40.02 -21.89
C GLY E 161 5.86 39.77 -20.61
N SER E 162 6.65 38.69 -20.54
CA SER E 162 7.47 38.47 -19.33
C SER E 162 8.71 39.40 -19.18
N ALA E 163 8.92 40.28 -20.17
CA ALA E 163 9.85 41.41 -20.03
C ALA E 163 9.10 42.76 -19.79
N GLY E 164 7.77 42.74 -19.87
CA GLY E 164 6.96 43.95 -19.71
C GLY E 164 7.10 44.92 -20.86
N GLN E 165 7.17 44.43 -22.10
CA GLN E 165 7.59 45.24 -23.24
C GLN E 165 6.66 45.09 -24.45
N LEU E 166 5.47 44.60 -24.22
CA LEU E 166 4.49 44.48 -25.28
C LEU E 166 4.15 45.85 -25.86
N SER E 167 4.11 45.99 -27.19
CA SER E 167 3.77 47.30 -27.76
C SER E 167 2.26 47.56 -27.83
N THR E 168 1.91 48.80 -28.17
CA THR E 168 0.50 49.13 -28.40
C THR E 168 -0.17 48.18 -29.39
N ASN E 169 0.50 47.90 -30.48
CA ASN E 169 0.00 47.00 -31.52
C ASN E 169 -0.27 45.56 -31.08
N ASP E 170 0.57 45.01 -30.21
CA ASP E 170 0.37 43.64 -29.77
C ASP E 170 -0.88 43.56 -28.89
N LEU E 171 -1.37 44.74 -28.53
CA LEU E 171 -2.44 44.90 -27.54
C LEU E 171 -3.81 45.30 -28.10
N ILE E 172 -3.84 45.90 -29.30
CA ILE E 172 -5.08 46.45 -29.80
C ILE E 172 -5.74 45.50 -30.79
N GLY E 173 -6.99 45.80 -31.12
CA GLY E 173 -7.65 45.07 -32.16
C GLY E 173 -8.00 43.62 -31.89
N GLY E 174 -7.96 43.20 -30.62
CA GLY E 174 -8.30 41.82 -30.28
C GLY E 174 -9.75 41.57 -30.67
N THR E 175 -10.06 40.43 -31.27
CA THR E 175 -11.44 40.11 -31.57
C THR E 175 -12.02 38.94 -30.81
N PHE E 176 -11.22 38.21 -30.04
CA PHE E 176 -11.69 37.01 -29.36
C PHE E 176 -10.50 36.58 -28.52
N THR E 177 -10.72 35.89 -27.41
CA THR E 177 -9.68 35.72 -26.45
C THR E 177 -9.69 34.32 -25.91
N LEU E 178 -8.48 33.82 -25.66
CA LEU E 178 -8.27 32.53 -25.02
C LEU E 178 -7.43 32.71 -23.78
N SER E 179 -7.78 31.98 -22.73
CA SER E 179 -7.04 32.10 -21.50
C SER E 179 -6.61 30.76 -21.04
N ASN E 180 -5.32 30.50 -21.08
CA ASN E 180 -4.89 29.18 -20.70
C ASN E 180 -4.61 29.08 -19.26
N ILE E 181 -5.60 29.14 -18.41
CA ILE E 181 -5.38 29.01 -16.96
C ILE E 181 -4.76 27.65 -16.57
N GLY E 182 -4.88 26.67 -17.49
CA GLY E 182 -4.34 25.33 -17.31
C GLY E 182 -2.84 25.31 -17.13
N SER E 183 -2.18 26.26 -17.76
CA SER E 183 -0.75 26.49 -17.56
C SER E 183 -0.43 26.58 -16.08
N ILE E 184 -1.34 27.09 -15.28
CA ILE E 184 -1.08 27.05 -13.85
C ILE E 184 -1.83 25.88 -13.25
N GLY E 185 -3.14 25.86 -13.40
CA GLY E 185 -3.88 24.75 -12.81
C GLY E 185 -5.36 24.77 -13.14
N GLY E 186 -6.12 23.93 -12.43
CA GLY E 186 -7.57 23.96 -12.59
C GLY E 186 -8.26 23.15 -13.67
N THR E 187 -9.58 23.21 -13.59
CA THR E 187 -10.41 22.42 -14.47
C THR E 187 -11.32 23.37 -15.25
N TYR E 188 -12.50 23.69 -14.72
CA TYR E 188 -13.47 24.58 -15.37
C TYR E 188 -13.31 25.94 -14.82
N ALA E 189 -13.81 26.92 -15.54
CA ALA E 189 -13.66 28.27 -15.03
C ALA E 189 -14.86 29.07 -15.49
N LYS E 190 -14.95 30.30 -15.05
CA LYS E 190 -15.96 31.19 -15.58
C LYS E 190 -15.17 32.42 -16.01
N PRO E 191 -14.70 32.47 -17.25
CA PRO E 191 -13.94 33.62 -17.64
C PRO E 191 -14.85 34.82 -17.89
N VAL E 192 -14.25 36.01 -17.83
CA VAL E 192 -14.91 37.27 -18.02
C VAL E 192 -14.62 37.90 -19.42
N ILE E 193 -15.67 38.04 -20.22
CA ILE E 193 -15.63 38.65 -21.51
C ILE E 193 -14.95 40.04 -21.50
N LEU E 194 -14.07 40.27 -22.44
CA LEU E 194 -13.41 41.56 -22.53
C LEU E 194 -14.13 42.45 -23.49
N PRO E 195 -14.98 43.34 -22.99
CA PRO E 195 -15.58 44.23 -23.96
C PRO E 195 -14.49 44.85 -24.86
N PRO E 196 -14.78 45.04 -26.16
CA PRO E 196 -16.10 44.82 -26.77
C PRO E 196 -16.31 43.43 -27.37
N GLU E 197 -15.54 42.45 -26.94
CA GLU E 197 -15.69 41.13 -27.59
C GLU E 197 -16.97 40.51 -27.01
N VAL E 198 -17.40 39.38 -27.57
CA VAL E 198 -18.67 38.71 -27.21
C VAL E 198 -18.51 37.24 -26.65
N ALA E 199 -17.27 36.71 -26.68
CA ALA E 199 -16.95 35.40 -26.15
C ALA E 199 -15.53 35.31 -25.60
N ILE E 200 -15.30 34.37 -24.68
CA ILE E 200 -13.96 34.04 -24.22
C ILE E 200 -13.89 32.58 -23.79
N GLY E 201 -12.75 31.91 -23.99
CA GLY E 201 -12.64 30.53 -23.51
C GLY E 201 -11.46 30.37 -22.58
N ALA E 202 -11.68 29.61 -21.51
CA ALA E 202 -10.63 29.29 -20.57
C ALA E 202 -10.32 27.80 -20.74
N LEU E 203 -9.04 27.47 -20.79
CA LEU E 203 -8.55 26.06 -20.92
C LEU E 203 -7.94 25.53 -19.65
N GLY E 204 -8.33 24.35 -19.23
CA GLY E 204 -7.83 23.86 -17.99
C GLY E 204 -6.67 22.95 -18.19
N THR E 205 -6.24 22.37 -17.08
CA THR E 205 -5.13 21.43 -17.02
C THR E 205 -5.47 20.24 -17.84
N ILE E 206 -4.51 19.77 -18.63
CA ILE E 206 -4.55 18.48 -19.32
C ILE E 206 -4.11 17.39 -18.34
N LYS E 207 -5.03 16.49 -18.00
CA LYS E 207 -4.83 15.54 -16.90
C LYS E 207 -5.13 14.10 -17.36
N ALA E 208 -4.48 13.11 -16.73
CA ALA E 208 -4.75 11.72 -17.17
C ALA E 208 -5.90 11.11 -16.41
N LEU E 209 -6.96 10.79 -17.13
CA LEU E 209 -8.15 10.16 -16.52
C LEU E 209 -8.47 8.83 -17.18
N PRO E 210 -9.04 7.90 -16.40
CA PRO E 210 -9.48 6.62 -16.93
C PRO E 210 -10.74 6.83 -17.77
N ARG E 211 -10.79 6.25 -18.97
CA ARG E 211 -11.96 6.44 -19.85
C ARG E 211 -12.13 5.25 -20.75
N PHE E 212 -13.36 5.03 -21.22
CA PHE E 212 -13.67 3.94 -22.14
C PHE E 212 -13.34 4.33 -23.57
N ASN E 213 -12.63 3.42 -24.24
CA ASN E 213 -12.51 3.38 -25.70
C ASN E 213 -13.76 2.71 -26.33
N GLU E 214 -13.83 2.73 -27.66
CA GLU E 214 -14.84 1.92 -28.40
C GLU E 214 -15.08 0.51 -27.84
N LYS E 215 -14.00 -0.19 -27.48
CA LYS E 215 -14.11 -1.58 -27.03
C LYS E 215 -14.76 -1.81 -25.63
N GLY E 216 -15.17 -0.74 -24.95
CA GLY E 216 -15.52 -0.84 -23.53
C GLY E 216 -14.35 -1.12 -22.57
N GLU E 217 -13.11 -0.93 -23.02
CA GLU E 217 -11.92 -1.03 -22.15
C GLU E 217 -11.57 0.32 -21.49
N VAL E 218 -11.14 0.25 -20.23
CA VAL E 218 -10.56 1.39 -19.49
C VAL E 218 -9.16 1.80 -20.00
N CYS E 219 -8.90 3.09 -20.13
CA CYS E 219 -7.72 3.55 -20.84
C CYS E 219 -7.18 4.82 -20.25
N LYS E 220 -5.92 5.11 -20.53
CA LYS E 220 -5.37 6.41 -20.20
C LYS E 220 -5.88 7.35 -21.29
N ALA E 221 -6.59 8.39 -20.85
CA ALA E 221 -7.11 9.47 -21.68
C ALA E 221 -6.63 10.83 -21.14
N GLN E 222 -6.09 11.64 -22.05
CA GLN E 222 -5.65 12.98 -21.70
C GLN E 222 -6.82 13.89 -21.95
N ILE E 223 -7.40 14.34 -20.85
CA ILE E 223 -8.65 15.08 -20.83
C ILE E 223 -8.33 16.51 -20.45
N MET E 224 -8.95 17.43 -21.18
CA MET E 224 -8.89 18.83 -20.83
C MET E 224 -10.30 19.41 -20.79
N ASN E 225 -10.55 20.25 -19.80
CA ASN E 225 -11.80 20.92 -19.70
C ASN E 225 -11.72 22.25 -20.43
N VAL E 226 -12.81 22.63 -21.08
CA VAL E 226 -12.92 23.96 -21.67
C VAL E 226 -14.13 24.68 -21.10
N SER E 227 -13.99 25.99 -20.85
CA SER E 227 -15.12 26.82 -20.40
C SER E 227 -15.31 28.04 -21.28
N TRP E 228 -16.50 28.19 -21.85
CA TRP E 228 -16.76 29.30 -22.74
C TRP E 228 -17.63 30.34 -22.01
N SER E 229 -17.42 31.63 -22.20
CA SER E 229 -18.45 32.57 -21.75
C SER E 229 -18.87 33.40 -22.93
N ALA E 230 -20.15 33.68 -23.01
CA ALA E 230 -20.57 34.37 -24.17
C ALA E 230 -21.63 35.35 -23.79
N ASP E 231 -21.70 36.43 -24.57
CA ASP E 231 -22.66 37.52 -24.40
C ASP E 231 -24.02 37.12 -24.91
N HIS E 232 -24.88 36.64 -24.03
CA HIS E 232 -26.15 36.11 -24.45
C HIS E 232 -27.17 37.12 -25.08
N ARG E 233 -26.82 38.39 -25.19
CA ARG E 233 -27.71 39.31 -25.85
C ARG E 233 -27.73 38.99 -27.34
N ILE E 234 -26.57 38.67 -27.91
CA ILE E 234 -26.55 38.33 -29.31
C ILE E 234 -26.10 36.94 -29.65
N ILE E 235 -25.58 36.19 -28.68
CA ILE E 235 -25.15 34.81 -28.95
C ILE E 235 -25.98 33.83 -28.20
N ASP E 236 -26.68 32.95 -28.93
CA ASP E 236 -27.53 31.97 -28.27
C ASP E 236 -26.72 30.73 -27.88
N GLY E 237 -27.38 29.80 -27.20
CA GLY E 237 -26.77 28.55 -26.71
C GLY E 237 -26.33 27.56 -27.76
N ALA E 238 -27.17 27.37 -28.77
CA ALA E 238 -26.81 26.58 -29.95
C ALA E 238 -25.52 27.04 -30.59
N THR E 239 -25.32 28.34 -30.70
CA THR E 239 -24.15 28.81 -31.40
C THR E 239 -22.89 28.44 -30.59
N VAL E 240 -22.90 28.69 -29.28
CA VAL E 240 -21.72 28.41 -28.52
C VAL E 240 -21.40 26.93 -28.55
N SER E 241 -22.42 26.14 -28.32
CA SER E 241 -22.35 24.71 -28.37
C SER E 241 -21.83 24.11 -29.70
N ARG E 242 -22.44 24.52 -30.79
CA ARG E 242 -22.04 24.10 -32.13
C ARG E 242 -20.59 24.46 -32.38
N PHE E 243 -20.22 25.71 -32.05
CA PHE E 243 -18.86 26.16 -32.20
C PHE E 243 -17.92 25.40 -31.28
N SER E 244 -18.38 25.13 -30.04
CA SER E 244 -17.59 24.33 -29.13
C SER E 244 -17.34 22.93 -29.69
N ASN E 245 -18.41 22.19 -30.05
CA ASN E 245 -18.29 20.91 -30.73
C ASN E 245 -17.37 20.93 -31.91
N LEU E 246 -17.35 22.00 -32.70
CA LEU E 246 -16.49 21.99 -33.89
C LEU E 246 -15.01 22.07 -33.50
N TRP E 247 -14.74 22.93 -32.56
CA TRP E 247 -13.37 23.17 -32.10
C TRP E 247 -12.87 21.83 -31.50
N LYS E 248 -13.71 21.21 -30.70
CA LYS E 248 -13.45 19.97 -30.05
C LYS E 248 -13.14 18.90 -31.08
N SER E 249 -13.96 18.88 -32.10
CA SER E 249 -13.81 17.83 -33.06
C SER E 249 -12.48 18.05 -33.76
N TYR E 250 -12.09 19.29 -34.01
CA TYR E 250 -10.74 19.53 -34.59
C TYR E 250 -9.63 19.13 -33.67
N LEU E 251 -9.92 19.07 -32.38
CA LEU E 251 -8.81 18.88 -31.46
C LEU E 251 -8.65 17.41 -31.17
N GLU E 252 -9.81 16.75 -31.11
CA GLU E 252 -9.91 15.33 -30.88
C GLU E 252 -9.50 14.52 -32.11
N ASN E 253 -9.58 15.13 -33.29
CA ASN E 253 -9.26 14.43 -34.54
C ASN E 253 -8.53 15.39 -35.46
N PRO E 254 -7.23 15.66 -35.17
CA PRO E 254 -6.49 16.71 -35.83
C PRO E 254 -6.39 16.48 -37.32
N ALA E 255 -6.63 15.25 -37.71
CA ALA E 255 -6.62 14.93 -39.11
C ALA E 255 -7.62 15.84 -39.77
N PHE E 256 -8.69 16.18 -39.05
CA PHE E 256 -9.69 17.05 -39.59
C PHE E 256 -9.10 18.38 -40.00
N MET E 257 -8.11 18.88 -39.27
CA MET E 257 -7.50 20.17 -39.61
C MET E 257 -6.79 20.10 -40.98
N LEU E 258 -6.06 19.01 -41.17
CA LEU E 258 -5.38 18.81 -42.40
C LEU E 258 -6.19 19.13 -43.62
N LEU E 259 -7.45 18.72 -43.64
CA LEU E 259 -8.20 18.62 -44.90
C LEU E 259 -8.34 19.95 -45.61
N ASP E 260 -8.49 21.05 -44.87
CA ASP E 260 -8.79 22.35 -45.47
C ASP E 260 -7.71 23.42 -45.45
N LEU E 261 -6.58 23.13 -44.82
CA LEU E 261 -5.49 24.07 -44.80
C LEU E 261 -4.66 24.08 -46.08
N LYS E 262 -4.01 25.23 -46.36
CA LYS E 262 -3.38 25.58 -47.69
C LYS E 262 -1.83 25.85 -47.69
N GLY F 29 -51.90 25.83 -3.91
CA GLY F 29 -53.39 25.99 -4.06
C GLY F 29 -53.78 26.95 -5.17
N LYS F 30 -53.48 28.24 -4.93
CA LYS F 30 -53.47 29.26 -5.97
C LYS F 30 -52.16 30.08 -5.96
N ASP F 31 -52.16 31.16 -6.74
CA ASP F 31 -51.07 32.10 -6.68
C ASP F 31 -51.15 32.94 -5.40
N ARG F 32 -50.20 32.74 -4.50
CA ARG F 32 -50.06 33.58 -3.32
C ARG F 32 -48.95 34.64 -3.53
N THR F 33 -49.32 35.92 -3.37
CA THR F 33 -48.38 37.05 -3.40
C THR F 33 -48.23 37.60 -1.97
N GLU F 34 -47.02 38.01 -1.62
CA GLU F 34 -46.70 38.18 -0.23
C GLU F 34 -45.34 38.89 -0.12
N PRO F 35 -45.27 40.08 0.52
CA PRO F 35 -44.01 40.75 0.88
C PRO F 35 -42.87 39.83 1.34
N VAL F 36 -41.69 40.09 0.82
CA VAL F 36 -40.54 39.39 1.29
C VAL F 36 -40.41 39.70 2.77
N LYS F 37 -40.51 38.65 3.58
CA LYS F 37 -40.41 38.71 5.04
C LYS F 37 -39.19 39.50 5.48
N GLY F 38 -39.20 39.96 6.73
CA GLY F 38 -38.16 40.86 7.26
C GLY F 38 -36.73 40.32 7.32
N PHE F 39 -36.59 39.16 7.94
CA PHE F 39 -35.30 38.57 8.12
C PHE F 39 -34.63 38.19 6.79
N HIS F 40 -35.43 38.02 5.74
CA HIS F 40 -34.87 37.82 4.43
C HIS F 40 -34.33 39.06 3.71
N LYS F 41 -34.59 40.26 4.22
CA LYS F 41 -34.21 41.50 3.52
C LYS F 41 -32.71 41.67 3.50
N ALA F 42 -32.07 41.10 4.51
CA ALA F 42 -30.63 41.05 4.56
C ALA F 42 -30.01 40.39 3.31
N MET F 43 -30.54 39.22 2.95
CA MET F 43 -30.01 38.50 1.84
C MET F 43 -30.24 39.33 0.57
N VAL F 44 -31.42 39.95 0.48
CA VAL F 44 -31.77 40.66 -0.73
C VAL F 44 -30.71 41.72 -0.99
N LYS F 45 -30.40 42.46 0.08
CA LYS F 45 -29.42 43.49 0.06
C LYS F 45 -27.99 42.94 -0.16
N THR F 46 -27.56 41.95 0.64
CA THR F 46 -26.21 41.45 0.55
C THR F 46 -25.91 41.00 -0.88
N MET F 47 -26.80 40.18 -1.41
CA MET F 47 -26.69 39.72 -2.79
C MET F 47 -26.84 40.82 -3.81
N SER F 48 -27.71 41.80 -3.58
CA SER F 48 -27.75 42.91 -4.53
C SER F 48 -26.42 43.70 -4.62
N ALA F 49 -25.70 43.81 -3.51
CA ALA F 49 -24.49 44.62 -3.51
C ALA F 49 -23.46 43.86 -4.36
N ALA F 50 -23.52 42.53 -4.34
CA ALA F 50 -22.62 41.70 -5.13
C ALA F 50 -22.70 41.93 -6.67
N LEU F 51 -23.82 42.42 -7.18
CA LEU F 51 -23.89 42.74 -8.60
C LEU F 51 -22.85 43.79 -9.05
N LYS F 52 -22.12 44.38 -8.11
CA LYS F 52 -21.18 45.44 -8.50
C LYS F 52 -19.80 44.82 -8.61
N ILE F 53 -19.68 43.51 -8.31
CA ILE F 53 -18.42 42.79 -8.40
C ILE F 53 -18.34 41.89 -9.60
N PRO F 54 -17.39 42.15 -10.52
CA PRO F 54 -17.14 41.18 -11.59
C PRO F 54 -16.58 39.87 -11.04
N HIS F 55 -17.41 38.83 -11.00
CA HIS F 55 -16.99 37.55 -10.52
C HIS F 55 -16.23 36.82 -11.61
N PHE F 56 -14.98 36.46 -11.31
CA PHE F 56 -14.22 35.52 -12.09
C PHE F 56 -14.33 34.19 -11.40
N GLY F 57 -14.57 33.11 -12.14
CA GLY F 57 -14.69 31.85 -11.46
C GLY F 57 -13.55 30.98 -11.87
N TYR F 58 -12.95 30.26 -10.92
CA TYR F 58 -11.91 29.27 -11.21
C TYR F 58 -12.13 28.04 -10.32
N CYS F 59 -12.07 26.84 -10.88
CA CYS F 59 -12.36 25.59 -10.12
C CYS F 59 -11.32 24.54 -10.38
N ASP F 60 -11.28 23.52 -9.51
CA ASP F 60 -10.30 22.47 -9.66
C ASP F 60 -10.85 21.25 -8.97
N GLU F 61 -10.16 20.13 -9.10
CA GLU F 61 -10.48 18.97 -8.29
C GLU F 61 -9.33 18.76 -7.31
N VAL F 62 -9.62 18.24 -6.15
CA VAL F 62 -8.60 18.15 -5.15
C VAL F 62 -8.68 16.74 -4.66
N ASP F 63 -7.55 16.04 -4.69
CA ASP F 63 -7.52 14.62 -4.32
C ASP F 63 -7.32 14.50 -2.82
N LEU F 64 -8.37 14.03 -2.14
CA LEU F 64 -8.42 14.13 -0.67
C LEU F 64 -8.18 12.83 0.02
N THR F 65 -7.84 11.81 -0.75
CA THR F 65 -7.66 10.44 -0.26
C THR F 65 -6.80 10.36 1.00
N GLU F 66 -5.73 11.14 1.06
CA GLU F 66 -4.90 11.21 2.23
C GLU F 66 -5.68 11.88 3.34
N LEU F 67 -6.19 13.09 3.06
CA LEU F 67 -6.88 13.88 4.10
C LEU F 67 -7.93 13.06 4.89
N VAL F 68 -8.65 12.19 4.18
CA VAL F 68 -9.66 11.29 4.73
C VAL F 68 -9.02 10.26 5.63
N LYS F 69 -7.95 9.64 5.13
CA LYS F 69 -7.20 8.64 5.91
C LYS F 69 -6.83 9.34 7.19
N LEU F 70 -6.42 10.59 7.03
CA LEU F 70 -5.88 11.37 8.08
C LEU F 70 -6.94 11.74 9.13
N ARG F 71 -8.14 12.07 8.66
CA ARG F 71 -9.25 12.39 9.55
C ARG F 71 -9.67 11.17 10.38
N GLU F 72 -9.59 9.97 9.80
CA GLU F 72 -10.10 8.78 10.53
C GLU F 72 -9.29 8.46 11.77
N GLU F 73 -7.99 8.62 11.66
CA GLU F 73 -7.07 8.31 12.75
C GLU F 73 -7.07 9.44 13.78
N LEU F 74 -7.45 10.63 13.31
CA LEU F 74 -7.61 11.78 14.17
C LEU F 74 -8.95 11.84 14.95
N LYS F 75 -10.07 11.53 14.29
CA LYS F 75 -11.41 11.56 14.93
C LYS F 75 -11.49 11.11 16.43
N PRO F 76 -11.00 9.90 16.78
CA PRO F 76 -11.18 9.48 18.19
C PRO F 76 -10.45 10.33 19.24
N ILE F 77 -9.43 11.07 18.81
CA ILE F 77 -8.67 11.96 19.67
C ILE F 77 -9.50 13.19 19.85
N ALA F 78 -10.07 13.64 18.73
CA ALA F 78 -11.02 14.75 18.74
C ALA F 78 -12.24 14.41 19.59
N PHE F 79 -12.82 13.22 19.42
CA PHE F 79 -13.97 12.87 20.25
C PHE F 79 -13.50 12.70 21.70
N ALA F 80 -12.42 11.95 21.93
CA ALA F 80 -11.87 11.91 23.28
C ALA F 80 -11.98 13.29 23.95
N ARG F 81 -11.64 14.35 23.22
CA ARG F 81 -11.66 15.71 23.77
C ARG F 81 -12.97 16.48 23.65
N GLY F 82 -14.05 15.79 23.28
CA GLY F 82 -15.40 16.36 23.23
C GLY F 82 -15.79 17.10 21.97
N ILE F 83 -15.04 16.87 20.89
CA ILE F 83 -15.13 17.69 19.67
C ILE F 83 -15.44 16.88 18.38
N LYS F 84 -16.47 17.31 17.68
CA LYS F 84 -16.70 16.80 16.32
C LYS F 84 -15.74 17.50 15.36
N LEU F 85 -14.92 16.70 14.70
CA LEU F 85 -13.93 17.20 13.77
C LEU F 85 -14.40 16.84 12.39
N SER F 86 -14.88 17.86 11.66
CA SER F 86 -15.26 17.73 10.27
C SER F 86 -14.03 17.92 9.41
N PHE F 87 -14.19 18.14 8.10
CA PHE F 87 -13.08 18.47 7.23
C PHE F 87 -12.86 19.97 7.17
N MET F 88 -13.83 20.74 7.65
CA MET F 88 -13.73 22.21 7.56
C MET F 88 -12.46 22.77 8.20
N PRO F 89 -12.13 22.32 9.46
CA PRO F 89 -10.95 22.92 10.08
C PRO F 89 -9.76 22.83 9.17
N PHE F 90 -9.61 21.73 8.46
CA PHE F 90 -8.48 21.58 7.56
C PHE F 90 -8.55 22.54 6.36
N PHE F 91 -9.72 22.62 5.73
CA PHE F 91 -9.90 23.52 4.63
C PHE F 91 -9.61 24.90 5.14
N LEU F 92 -10.10 25.20 6.34
CA LEU F 92 -9.90 26.53 6.86
C LEU F 92 -8.39 26.86 7.08
N LYS F 93 -7.68 26.01 7.85
CA LYS F 93 -6.27 26.22 8.08
C LYS F 93 -5.53 26.31 6.78
N ALA F 94 -5.87 25.46 5.82
CA ALA F 94 -5.16 25.52 4.55
C ALA F 94 -5.42 26.87 3.83
N ALA F 95 -6.66 27.36 3.82
CA ALA F 95 -6.98 28.69 3.28
C ALA F 95 -6.13 29.73 3.96
N SER F 96 -5.94 29.58 5.26
CA SER F 96 -5.22 30.60 6.02
C SER F 96 -3.78 30.62 5.55
N LEU F 97 -3.16 29.46 5.47
CA LEU F 97 -1.80 29.43 5.02
C LEU F 97 -1.63 29.97 3.59
N GLY F 98 -2.65 29.77 2.77
CA GLY F 98 -2.58 30.25 1.40
C GLY F 98 -2.72 31.76 1.38
N LEU F 99 -3.60 32.24 2.26
CA LEU F 99 -3.81 33.68 2.34
C LEU F 99 -2.57 34.38 2.85
N LEU F 100 -1.77 33.68 3.66
CA LEU F 100 -0.48 34.24 4.11
C LEU F 100 0.45 34.62 2.98
N GLN F 101 0.31 33.93 1.85
CA GLN F 101 1.13 34.07 0.65
C GLN F 101 0.47 34.92 -0.43
N PHE F 102 -0.86 34.84 -0.52
CA PHE F 102 -1.59 35.76 -1.38
C PHE F 102 -2.49 36.67 -0.54
N PRO F 103 -1.91 37.68 0.09
CA PRO F 103 -2.74 38.37 1.06
C PRO F 103 -3.80 39.26 0.42
N ILE F 104 -3.72 39.51 -0.91
CA ILE F 104 -4.70 40.33 -1.59
C ILE F 104 -6.07 39.66 -1.56
N LEU F 105 -6.07 38.34 -1.40
CA LEU F 105 -7.34 37.64 -1.39
C LEU F 105 -7.97 37.83 -0.02
N ASN F 106 -7.28 38.47 0.90
CA ASN F 106 -7.86 38.76 2.19
C ASN F 106 -8.12 40.23 2.37
N ALA F 107 -8.35 40.93 1.29
CA ALA F 107 -8.46 42.38 1.31
C ALA F 107 -9.89 42.76 1.12
N SER F 108 -10.15 44.06 1.22
CA SER F 108 -11.41 44.65 0.73
C SER F 108 -11.13 45.80 -0.22
N VAL F 109 -12.18 46.28 -0.84
CA VAL F 109 -12.02 47.26 -1.87
C VAL F 109 -13.05 48.29 -1.57
N ASP F 110 -12.79 49.56 -1.85
CA ASP F 110 -13.75 50.61 -1.44
C ASP F 110 -14.89 50.85 -2.42
N GLU F 111 -15.53 52.02 -2.32
CA GLU F 111 -16.80 52.20 -2.98
C GLU F 111 -16.63 51.91 -4.47
N ASN F 112 -15.81 52.68 -5.17
CA ASN F 112 -15.66 52.43 -6.61
C ASN F 112 -14.39 51.66 -7.02
N CYS F 113 -13.70 51.12 -6.00
CA CYS F 113 -12.52 50.27 -6.18
C CYS F 113 -11.29 51.11 -6.53
N GLN F 114 -11.12 52.16 -5.73
CA GLN F 114 -9.97 53.05 -5.86
C GLN F 114 -8.93 52.79 -4.77
N ASN F 115 -9.27 52.07 -3.71
CA ASN F 115 -8.27 51.60 -2.75
C ASN F 115 -8.55 50.23 -2.19
N ILE F 116 -7.49 49.44 -2.03
CA ILE F 116 -7.53 48.12 -1.44
C ILE F 116 -7.11 48.31 -0.01
N THR F 117 -7.79 47.65 0.92
CA THR F 117 -7.31 47.52 2.28
C THR F 117 -6.92 46.08 2.60
N TYR F 118 -5.60 45.83 2.70
CA TYR F 118 -5.09 44.49 3.12
C TYR F 118 -5.39 44.25 4.60
N LYS F 119 -6.11 43.18 4.91
CA LYS F 119 -6.48 42.89 6.30
C LYS F 119 -5.56 41.88 6.98
N ALA F 120 -4.92 42.34 8.03
CA ALA F 120 -4.05 41.52 8.82
C ALA F 120 -4.76 40.25 9.28
N SER F 121 -5.93 40.33 9.90
CA SER F 121 -6.57 39.11 10.46
C SER F 121 -7.24 38.19 9.42
N HIS F 122 -7.11 36.88 9.58
CA HIS F 122 -7.85 35.93 8.71
C HIS F 122 -9.10 35.55 9.45
N ASN F 123 -10.19 36.28 9.24
CA ASN F 123 -11.47 35.94 9.85
C ASN F 123 -12.32 35.27 8.81
N ILE F 124 -12.33 33.93 8.85
CA ILE F 124 -12.90 33.22 7.70
C ILE F 124 -14.32 32.86 7.96
N GLY F 125 -15.22 33.38 7.12
CA GLY F 125 -16.66 33.13 7.23
C GLY F 125 -16.99 31.73 6.77
N ILE F 126 -17.96 31.12 7.47
CA ILE F 126 -18.55 29.84 7.11
C ILE F 126 -19.97 30.11 6.71
N ALA F 127 -20.31 29.89 5.43
CA ALA F 127 -21.66 30.22 4.94
C ALA F 127 -22.60 29.14 5.39
N MET F 128 -23.56 29.49 6.19
CA MET F 128 -24.53 28.51 6.63
C MET F 128 -25.95 29.04 6.41
N ASP F 129 -26.91 28.10 6.44
CA ASP F 129 -28.31 28.41 6.20
C ASP F 129 -29.23 28.02 7.35
N THR F 130 -30.05 28.95 7.79
CA THR F 130 -30.96 28.56 8.83
C THR F 130 -32.36 28.56 8.24
N GLU F 131 -33.35 28.16 9.06
CA GLU F 131 -34.74 28.37 8.65
C GLU F 131 -34.99 29.88 8.43
N GLN F 132 -33.92 30.69 8.57
CA GLN F 132 -33.99 32.13 8.33
C GLN F 132 -33.09 32.65 7.23
N GLY F 133 -32.42 31.77 6.50
CA GLY F 133 -31.65 32.19 5.34
C GLY F 133 -30.17 32.40 5.65
N LEU F 134 -29.53 33.18 4.79
CA LEU F 134 -28.09 33.33 4.76
C LEU F 134 -27.56 33.99 6.02
N ILE F 135 -26.75 33.24 6.76
CA ILE F 135 -26.04 33.71 7.94
C ILE F 135 -24.57 33.21 7.84
N VAL F 136 -23.64 34.15 7.92
CA VAL F 136 -22.25 33.88 7.67
C VAL F 136 -21.43 34.26 8.89
N PRO F 137 -21.37 33.43 9.91
CA PRO F 137 -20.46 33.81 10.97
C PRO F 137 -19.00 33.50 10.58
N ASN F 138 -18.04 34.06 11.32
CA ASN F 138 -16.65 33.88 10.97
C ASN F 138 -15.74 33.48 12.16
N VAL F 139 -14.77 32.60 11.86
CA VAL F 139 -13.76 32.23 12.82
C VAL F 139 -12.68 33.34 12.88
N LYS F 140 -12.51 33.96 14.05
CA LYS F 140 -11.53 35.02 14.22
C LYS F 140 -10.07 34.52 14.13
N ASN F 141 -9.23 35.22 13.37
CA ASN F 141 -7.80 34.97 13.50
C ASN F 141 -7.41 33.51 13.24
N VAL F 142 -7.66 33.01 12.05
CA VAL F 142 -7.39 31.62 11.84
C VAL F 142 -5.87 31.44 11.85
N GLN F 143 -5.17 32.49 11.41
CA GLN F 143 -3.72 32.46 11.16
C GLN F 143 -2.94 32.11 12.41
N ILE F 144 -3.56 32.32 13.58
CA ILE F 144 -2.94 32.04 14.88
C ILE F 144 -3.63 30.93 15.68
N ARG F 145 -4.48 30.13 15.04
CA ARG F 145 -5.22 29.08 15.77
C ARG F 145 -4.88 27.71 15.19
N SER F 146 -4.83 26.69 16.02
CA SER F 146 -4.58 25.34 15.57
C SER F 146 -5.82 24.72 14.95
N ILE F 147 -5.63 23.64 14.19
CA ILE F 147 -6.75 22.91 13.64
C ILE F 147 -7.69 22.61 14.77
N PHE F 148 -7.18 22.08 15.88
CA PHE F 148 -8.07 21.69 16.95
C PHE F 148 -8.90 22.86 17.41
N GLU F 149 -8.22 23.97 17.66
CA GLU F 149 -8.89 25.24 18.05
C GLU F 149 -10.02 25.68 17.12
N ILE F 150 -9.79 25.48 15.83
CA ILE F 150 -10.72 25.85 14.77
C ILE F 150 -11.92 24.93 14.78
N ALA F 151 -11.70 23.64 14.98
CA ALA F 151 -12.82 22.69 15.11
C ALA F 151 -13.68 23.04 16.31
N THR F 152 -13.03 23.48 17.38
CA THR F 152 -13.71 23.92 18.58
C THR F 152 -14.62 25.10 18.25
N GLU F 153 -14.04 26.18 17.72
CA GLU F 153 -14.77 27.39 17.40
C GLU F 153 -15.96 27.15 16.41
N LEU F 154 -15.78 26.29 15.38
CA LEU F 154 -16.91 25.86 14.50
C LEU F 154 -18.01 25.17 15.30
N ASN F 155 -17.69 24.09 16.01
CA ASN F 155 -18.66 23.44 16.92
C ASN F 155 -19.58 24.45 17.60
N ARG F 156 -18.97 25.48 18.20
CA ARG F 156 -19.67 26.56 18.89
C ARG F 156 -20.49 27.43 17.92
N LEU F 157 -19.81 27.99 16.93
CA LEU F 157 -20.52 28.77 15.94
C LEU F 157 -21.79 28.03 15.46
N GLN F 158 -21.68 26.73 15.21
CA GLN F 158 -22.84 25.92 14.83
C GLN F 158 -23.92 25.82 15.90
N LYS F 159 -23.57 25.39 17.10
CA LYS F 159 -24.54 25.33 18.18
C LYS F 159 -25.25 26.68 18.21
N LEU F 160 -24.47 27.75 18.21
CA LEU F 160 -25.03 29.10 18.22
C LEU F 160 -26.00 29.42 17.05
N GLY F 161 -25.48 29.43 15.82
CA GLY F 161 -26.27 29.69 14.62
C GLY F 161 -27.58 28.91 14.55
N SER F 162 -27.50 27.60 14.73
CA SER F 162 -28.66 26.72 14.63
C SER F 162 -29.58 26.86 15.87
N ALA F 163 -29.38 27.94 16.64
CA ALA F 163 -30.35 28.38 17.67
C ALA F 163 -30.68 29.91 17.57
N GLY F 164 -30.19 30.59 16.53
CA GLY F 164 -30.41 32.03 16.34
C GLY F 164 -29.72 32.88 17.38
N GLN F 165 -28.54 32.47 17.81
CA GLN F 165 -27.91 33.14 18.94
C GLN F 165 -26.48 33.56 18.69
N LEU F 166 -26.15 33.84 17.44
CA LEU F 166 -24.85 34.34 17.16
C LEU F 166 -24.84 35.81 17.58
N SER F 167 -23.74 36.31 18.13
CA SER F 167 -23.66 37.72 18.45
C SER F 167 -23.20 38.58 17.27
N THR F 168 -23.23 39.90 17.47
CA THR F 168 -22.68 40.85 16.54
C THR F 168 -21.24 40.50 16.26
N ASN F 169 -20.47 40.26 17.33
CA ASN F 169 -19.05 39.96 17.15
C ASN F 169 -18.80 38.70 16.28
N ASP F 170 -19.53 37.62 16.52
CA ASP F 170 -19.43 36.44 15.65
C ASP F 170 -19.73 36.76 14.19
N LEU F 171 -20.52 37.81 13.97
CA LEU F 171 -21.06 38.06 12.66
C LEU F 171 -20.27 39.05 11.85
N ILE F 172 -19.59 40.00 12.48
CA ILE F 172 -18.92 41.06 11.76
C ILE F 172 -17.42 40.77 11.54
N GLY F 173 -16.81 41.51 10.59
CA GLY F 173 -15.35 41.49 10.46
C GLY F 173 -14.75 40.47 9.52
N GLY F 174 -15.60 39.67 8.87
CA GLY F 174 -15.19 38.64 7.93
C GLY F 174 -14.26 39.13 6.84
N THR F 175 -13.20 38.37 6.55
CA THR F 175 -12.23 38.77 5.54
C THR F 175 -12.29 37.90 4.27
N PHE F 176 -12.97 36.75 4.36
CA PHE F 176 -12.85 35.64 3.40
C PHE F 176 -13.91 34.64 3.79
N THR F 177 -14.50 33.92 2.84
CA THR F 177 -15.61 33.04 3.14
C THR F 177 -15.47 31.68 2.43
N LEU F 178 -15.69 30.61 3.19
CA LEU F 178 -15.91 29.31 2.59
C LEU F 178 -17.37 28.87 2.67
N SER F 179 -17.76 28.05 1.71
CA SER F 179 -19.11 27.58 1.69
C SER F 179 -19.13 26.12 1.35
N ASN F 180 -19.60 25.33 2.31
CA ASN F 180 -19.56 23.86 2.23
C ASN F 180 -20.87 23.23 1.79
N ILE F 181 -21.23 23.52 0.54
CA ILE F 181 -22.42 22.99 -0.14
C ILE F 181 -22.44 21.46 -0.13
N GLY F 182 -21.24 20.86 -0.09
CA GLY F 182 -21.04 19.42 -0.07
C GLY F 182 -21.59 18.68 1.14
N SER F 183 -21.96 19.44 2.17
CA SER F 183 -22.60 18.86 3.32
C SER F 183 -24.05 18.52 2.95
N ILE F 184 -24.56 19.13 1.89
CA ILE F 184 -25.83 18.69 1.33
C ILE F 184 -25.57 17.91 0.03
N GLY F 185 -24.71 18.46 -0.84
CA GLY F 185 -24.31 17.74 -2.06
C GLY F 185 -23.78 18.66 -3.15
N GLY F 186 -23.47 18.12 -4.31
CA GLY F 186 -22.87 18.97 -5.34
C GLY F 186 -21.42 18.70 -5.73
N THR F 187 -21.06 19.20 -6.91
CA THR F 187 -19.71 19.13 -7.34
C THR F 187 -19.22 20.57 -7.41
N TYR F 188 -19.37 21.21 -8.54
CA TYR F 188 -18.89 22.58 -8.77
C TYR F 188 -19.95 23.57 -8.41
N ALA F 189 -19.55 24.84 -8.22
CA ALA F 189 -20.52 25.93 -7.99
C ALA F 189 -20.06 27.33 -8.49
N LYS F 190 -20.92 28.33 -8.31
CA LYS F 190 -20.61 29.70 -8.66
C LYS F 190 -21.10 30.52 -7.46
N PRO F 191 -20.27 30.56 -6.40
CA PRO F 191 -20.78 31.25 -5.24
C PRO F 191 -20.62 32.73 -5.44
N VAL F 192 -21.36 33.47 -4.62
CA VAL F 192 -21.49 34.87 -4.72
C VAL F 192 -20.59 35.50 -3.63
N ILE F 193 -19.54 36.19 -4.07
CA ILE F 193 -18.74 37.03 -3.20
C ILE F 193 -19.62 37.99 -2.39
N LEU F 194 -19.34 38.05 -1.08
CA LEU F 194 -20.03 38.85 -0.10
C LEU F 194 -19.32 40.17 0.14
N PRO F 195 -19.73 41.25 -0.52
CA PRO F 195 -19.07 42.53 -0.23
C PRO F 195 -19.04 42.76 1.26
N PRO F 196 -17.98 43.42 1.78
CA PRO F 196 -16.79 43.99 1.05
C PRO F 196 -15.60 43.04 0.79
N GLU F 197 -15.68 41.79 1.22
CA GLU F 197 -14.70 40.76 0.79
C GLU F 197 -14.49 40.76 -0.73
N VAL F 198 -13.42 40.06 -1.17
CA VAL F 198 -13.03 39.91 -2.60
C VAL F 198 -12.97 38.44 -3.13
N ALA F 199 -13.09 37.44 -2.23
CA ALA F 199 -13.14 36.06 -2.66
C ALA F 199 -14.09 35.16 -1.85
N ILE F 200 -14.49 34.02 -2.44
CA ILE F 200 -15.24 33.00 -1.75
C ILE F 200 -14.95 31.65 -2.38
N GLY F 201 -15.08 30.58 -1.61
CA GLY F 201 -14.96 29.26 -2.18
C GLY F 201 -16.04 28.31 -1.76
N ALA F 202 -16.50 27.51 -2.70
CA ALA F 202 -17.48 26.50 -2.40
C ALA F 202 -16.84 25.14 -2.47
N LEU F 203 -17.18 24.25 -1.55
CA LEU F 203 -16.64 22.92 -1.56
C LEU F 203 -17.72 21.92 -1.78
N GLY F 204 -17.57 21.05 -2.78
CA GLY F 204 -18.56 20.05 -3.11
C GLY F 204 -18.40 18.74 -2.35
N THR F 205 -19.15 17.75 -2.76
CA THR F 205 -19.15 16.45 -2.14
C THR F 205 -17.85 15.75 -2.38
N ILE F 206 -17.42 14.97 -1.39
CA ILE F 206 -16.30 14.04 -1.51
C ILE F 206 -16.76 12.66 -2.02
N LYS F 207 -16.53 12.39 -3.30
CA LYS F 207 -16.92 11.12 -3.91
C LYS F 207 -15.70 10.27 -4.21
N ALA F 208 -15.92 8.97 -4.19
CA ALA F 208 -14.88 8.01 -4.52
C ALA F 208 -14.96 7.78 -6.01
N LEU F 209 -13.85 8.07 -6.70
CA LEU F 209 -13.76 8.01 -8.15
C LEU F 209 -12.55 7.20 -8.55
N PRO F 210 -12.63 6.46 -9.65
CA PRO F 210 -11.43 5.82 -10.22
C PRO F 210 -10.44 6.82 -10.81
N ARG F 211 -9.20 6.74 -10.36
CA ARG F 211 -8.13 7.64 -10.78
C ARG F 211 -6.86 6.84 -10.86
N PHE F 212 -5.89 7.32 -11.63
CA PHE F 212 -4.56 6.68 -11.70
C PHE F 212 -3.66 7.11 -10.55
N ASN F 213 -2.83 6.18 -10.08
CA ASN F 213 -1.70 6.54 -9.21
C ASN F 213 -0.40 6.74 -10.02
N GLU F 214 0.66 7.18 -9.34
CA GLU F 214 2.03 7.23 -9.91
C GLU F 214 2.35 6.06 -10.90
N LYS F 215 2.00 4.84 -10.50
CA LYS F 215 2.40 3.63 -11.23
C LYS F 215 1.60 3.28 -12.50
N GLY F 216 0.50 3.98 -12.73
CA GLY F 216 -0.34 3.70 -13.88
C GLY F 216 -1.57 2.81 -13.63
N GLU F 217 -1.95 2.65 -12.33
CA GLU F 217 -3.03 1.70 -11.98
C GLU F 217 -4.30 2.41 -11.55
N VAL F 218 -5.41 1.69 -11.52
CA VAL F 218 -6.72 2.28 -11.24
C VAL F 218 -7.11 2.15 -9.75
N CYS F 219 -7.16 3.28 -9.04
CA CYS F 219 -7.45 3.28 -7.59
C CYS F 219 -8.70 4.03 -7.17
N LYS F 220 -9.12 3.76 -5.94
CA LYS F 220 -10.18 4.47 -5.28
C LYS F 220 -9.54 5.77 -4.85
N ALA F 221 -9.99 6.87 -5.44
CA ALA F 221 -9.55 8.19 -5.01
C ALA F 221 -10.76 8.97 -4.52
N GLN F 222 -10.55 9.74 -3.47
CA GLN F 222 -11.57 10.61 -2.97
C GLN F 222 -11.30 11.96 -3.62
N ILE F 223 -12.27 12.40 -4.42
CA ILE F 223 -12.14 13.60 -5.19
C ILE F 223 -13.19 14.60 -4.67
N MET F 224 -12.77 15.81 -4.36
CA MET F 224 -13.70 16.78 -3.88
C MET F 224 -13.48 17.89 -4.83
N ASN F 225 -14.56 18.49 -5.35
CA ASN F 225 -14.42 19.67 -6.19
C ASN F 225 -14.41 20.97 -5.37
N VAL F 226 -13.56 21.91 -5.79
CA VAL F 226 -13.71 23.29 -5.27
C VAL F 226 -13.97 24.33 -6.36
N SER F 227 -14.84 25.27 -6.05
CA SER F 227 -15.10 26.44 -6.93
C SER F 227 -14.79 27.81 -6.25
N TRP F 228 -13.99 28.66 -6.89
CA TRP F 228 -13.62 29.94 -6.30
C TRP F 228 -14.21 31.08 -7.10
N SER F 229 -14.66 32.13 -6.44
CA SER F 229 -15.07 33.35 -7.17
C SER F 229 -14.31 34.47 -6.58
N ALA F 230 -13.82 35.35 -7.45
CA ALA F 230 -12.90 36.34 -6.99
C ALA F 230 -13.25 37.63 -7.70
N ASP F 231 -13.08 38.75 -7.01
CA ASP F 231 -13.47 40.05 -7.55
C ASP F 231 -12.47 40.45 -8.62
N HIS F 232 -12.71 40.11 -9.88
CA HIS F 232 -11.72 40.41 -10.92
C HIS F 232 -11.23 41.85 -11.07
N ARG F 233 -11.86 42.79 -10.38
CA ARG F 233 -11.38 44.16 -10.45
C ARG F 233 -9.93 44.27 -9.91
N ILE F 234 -9.65 43.66 -8.76
CA ILE F 234 -8.33 43.63 -8.17
C ILE F 234 -7.59 42.30 -8.05
N ILE F 235 -8.26 41.17 -8.25
CA ILE F 235 -7.61 39.87 -8.18
C ILE F 235 -7.45 39.29 -9.56
N ASP F 236 -6.29 38.87 -9.95
CA ASP F 236 -6.18 38.40 -11.31
C ASP F 236 -6.12 36.90 -11.32
N GLY F 237 -6.09 36.29 -12.52
CA GLY F 237 -6.24 34.83 -12.67
C GLY F 237 -5.15 33.96 -12.07
N ALA F 238 -3.91 34.31 -12.36
CA ALA F 238 -2.80 33.63 -11.69
C ALA F 238 -2.93 33.57 -10.15
N THR F 239 -3.31 34.68 -9.50
CA THR F 239 -3.38 34.68 -8.06
C THR F 239 -4.35 33.63 -7.51
N VAL F 240 -5.57 33.54 -8.07
CA VAL F 240 -6.56 32.54 -7.58
C VAL F 240 -6.07 31.15 -7.84
N SER F 241 -5.51 31.00 -9.01
CA SER F 241 -4.88 29.79 -9.44
C SER F 241 -3.81 29.26 -8.48
N ARG F 242 -2.76 30.05 -8.29
CA ARG F 242 -1.65 29.70 -7.43
C ARG F 242 -2.13 29.51 -6.02
N PHE F 243 -3.03 30.39 -5.58
CA PHE F 243 -3.60 30.28 -4.26
C PHE F 243 -4.24 28.93 -4.20
N SER F 244 -5.10 28.67 -5.18
CA SER F 244 -5.80 27.42 -5.23
C SER F 244 -4.85 26.24 -5.20
N ASN F 245 -3.85 26.26 -6.07
CA ASN F 245 -2.87 25.21 -6.07
C ASN F 245 -2.23 24.94 -4.72
N LEU F 246 -1.93 26.01 -4.00
CA LEU F 246 -1.28 25.93 -2.71
C LEU F 246 -2.19 25.30 -1.67
N TRP F 247 -3.43 25.74 -1.70
CA TRP F 247 -4.39 25.35 -0.71
C TRP F 247 -4.49 23.83 -0.89
N LYS F 248 -4.50 23.45 -2.14
CA LYS F 248 -4.83 22.11 -2.55
C LYS F 248 -3.60 21.31 -2.19
N SER F 249 -2.48 21.83 -2.61
CA SER F 249 -1.22 21.25 -2.25
C SER F 249 -1.20 20.85 -0.76
N TYR F 250 -1.56 21.76 0.15
CA TYR F 250 -1.59 21.49 1.60
C TYR F 250 -2.55 20.42 1.99
N LEU F 251 -3.60 20.24 1.17
CA LEU F 251 -4.62 19.24 1.43
C LEU F 251 -4.28 17.88 0.79
N GLU F 252 -3.65 17.91 -0.38
CA GLU F 252 -3.44 16.68 -1.08
C GLU F 252 -2.25 16.00 -0.42
N ASN F 253 -1.41 16.83 0.18
CA ASN F 253 -0.23 16.36 0.84
C ASN F 253 -0.23 16.89 2.28
N PRO F 254 -1.13 16.37 3.15
CA PRO F 254 -1.40 17.02 4.44
C PRO F 254 -0.15 17.26 5.30
N ALA F 255 0.93 16.62 4.91
CA ALA F 255 2.19 16.67 5.65
C ALA F 255 2.89 18.00 5.47
N PHE F 256 2.78 18.58 4.27
CA PHE F 256 3.41 19.87 3.95
C PHE F 256 2.96 20.98 4.94
N MET F 257 1.72 20.86 5.44
CA MET F 257 1.23 21.69 6.52
C MET F 257 2.09 21.65 7.78
N LEU F 258 2.67 20.49 8.08
CA LEU F 258 3.60 20.34 9.18
C LEU F 258 4.75 21.33 9.23
N LEU F 259 5.39 21.55 8.09
CA LEU F 259 6.61 22.33 8.02
C LEU F 259 6.55 23.71 8.66
N ASP F 260 5.46 24.46 8.48
CA ASP F 260 5.47 25.89 8.92
C ASP F 260 4.57 26.24 10.14
N LEU F 261 3.84 25.23 10.62
CA LEU F 261 3.05 25.29 11.84
C LEU F 261 3.84 25.15 13.15
N LYS F 262 3.38 25.80 14.22
CA LYS F 262 4.24 25.97 15.40
C LYS F 262 3.66 25.87 16.83
N GLY G 29 -52.81 -54.56 29.99
CA GLY G 29 -53.51 -53.66 31.17
C GLY G 29 -53.81 -54.57 32.36
N LYS G 30 -52.84 -55.42 32.67
CA LYS G 30 -52.79 -56.19 33.93
C LYS G 30 -51.39 -56.84 34.15
N ASP G 31 -50.88 -56.59 35.36
CA ASP G 31 -49.68 -57.24 35.88
C ASP G 31 -49.94 -58.75 36.05
N ARG G 32 -48.91 -59.56 35.84
CA ARG G 32 -49.09 -61.00 35.69
C ARG G 32 -47.92 -61.84 36.26
N THR G 33 -48.09 -62.39 37.47
CA THR G 33 -47.10 -63.27 38.14
C THR G 33 -47.07 -64.73 37.61
N GLU G 34 -45.89 -65.33 37.51
CA GLU G 34 -45.79 -66.75 37.15
C GLU G 34 -44.49 -67.40 37.59
N PRO G 35 -44.58 -68.53 38.32
CA PRO G 35 -43.43 -69.33 38.81
C PRO G 35 -42.32 -69.51 37.81
N VAL G 36 -41.07 -69.36 38.26
CA VAL G 36 -39.90 -69.64 37.41
C VAL G 36 -39.73 -71.15 37.40
N LYS G 37 -40.00 -71.80 36.26
CA LYS G 37 -40.10 -73.25 36.20
C LYS G 37 -39.09 -73.87 35.25
N GLY G 38 -38.97 -75.19 35.32
CA GLY G 38 -38.11 -76.01 34.44
C GLY G 38 -36.69 -75.51 34.20
N PHE G 39 -36.26 -75.59 32.93
CA PHE G 39 -34.96 -75.12 32.47
C PHE G 39 -34.54 -73.81 33.15
N HIS G 40 -35.48 -72.86 33.28
CA HIS G 40 -35.16 -71.51 33.78
C HIS G 40 -34.54 -71.53 35.16
N LYS G 41 -34.78 -72.62 35.92
CA LYS G 41 -34.34 -72.78 37.32
C LYS G 41 -32.84 -72.91 37.50
N ALA G 42 -32.19 -73.48 36.49
CA ALA G 42 -30.75 -73.60 36.45
C ALA G 42 -30.03 -72.23 36.44
N MET G 43 -30.52 -71.30 35.61
CA MET G 43 -29.81 -70.02 35.42
C MET G 43 -29.82 -69.21 36.72
N VAL G 44 -30.92 -69.33 37.47
CA VAL G 44 -31.09 -68.67 38.76
C VAL G 44 -30.07 -69.19 39.76
N LYS G 45 -29.90 -70.52 39.79
CA LYS G 45 -28.88 -71.15 40.61
C LYS G 45 -27.46 -70.86 40.16
N THR G 46 -27.18 -71.03 38.86
CA THR G 46 -25.85 -70.69 38.34
C THR G 46 -25.51 -69.25 38.70
N MET G 47 -26.33 -68.28 38.24
CA MET G 47 -25.98 -66.88 38.49
C MET G 47 -25.95 -66.53 39.99
N SER G 48 -26.73 -67.21 40.81
CA SER G 48 -26.62 -66.94 42.24
C SER G 48 -25.26 -67.35 42.74
N ALA G 49 -24.78 -68.52 42.34
CA ALA G 49 -23.55 -69.00 42.92
C ALA G 49 -22.40 -68.00 42.65
N ALA G 50 -22.33 -67.44 41.43
CA ALA G 50 -21.33 -66.45 41.04
C ALA G 50 -21.27 -65.20 41.92
N LEU G 51 -22.28 -64.95 42.75
CA LEU G 51 -22.21 -63.88 43.73
C LEU G 51 -21.05 -64.00 44.75
N LYS G 52 -20.54 -65.22 44.91
CA LYS G 52 -19.40 -65.47 45.79
C LYS G 52 -18.09 -65.08 45.12
N ILE G 53 -18.16 -64.65 43.84
CA ILE G 53 -16.95 -64.47 43.07
C ILE G 53 -16.65 -63.01 42.89
N PRO G 54 -15.57 -62.50 43.50
CA PRO G 54 -15.17 -61.13 43.25
C PRO G 54 -14.69 -61.00 41.80
N HIS G 55 -15.49 -60.33 40.96
CA HIS G 55 -15.20 -60.24 39.51
C HIS G 55 -14.35 -59.01 39.28
N PHE G 56 -13.21 -59.20 38.64
CA PHE G 56 -12.39 -58.10 38.22
C PHE G 56 -12.61 -57.95 36.72
N GLY G 57 -12.73 -56.73 36.23
CA GLY G 57 -13.05 -56.57 34.83
C GLY G 57 -11.84 -56.08 34.11
N TYR G 58 -11.52 -56.71 32.99
CA TYR G 58 -10.46 -56.16 32.19
C TYR G 58 -10.71 -56.17 30.67
N CYS G 59 -10.68 -55.02 30.06
CA CYS G 59 -11.08 -54.93 28.68
C CYS G 59 -9.98 -54.42 27.81
N ASP G 60 -10.15 -54.58 26.49
CA ASP G 60 -9.17 -54.11 25.49
C ASP G 60 -9.87 -54.10 24.14
N GLU G 61 -9.24 -53.47 23.15
CA GLU G 61 -9.59 -53.64 21.74
C GLU G 61 -8.53 -54.49 21.04
N VAL G 62 -8.97 -55.27 20.05
CA VAL G 62 -8.11 -56.15 19.25
C VAL G 62 -8.34 -55.71 17.84
N ASP G 63 -7.24 -55.58 17.08
CA ASP G 63 -7.27 -55.16 15.69
C ASP G 63 -7.24 -56.43 14.85
N LEU G 64 -8.37 -56.77 14.24
CA LEU G 64 -8.49 -58.05 13.57
C LEU G 64 -8.46 -57.90 12.08
N THR G 65 -7.92 -56.79 11.61
CA THR G 65 -7.85 -56.47 10.19
C THR G 65 -7.15 -57.57 9.39
N GLU G 66 -6.07 -58.10 9.96
CA GLU G 66 -5.42 -59.30 9.42
C GLU G 66 -6.33 -60.54 9.45
N LEU G 67 -6.89 -60.90 10.63
CA LEU G 67 -7.71 -62.15 10.75
C LEU G 67 -8.98 -62.16 9.90
N VAL G 68 -9.55 -60.99 9.69
CA VAL G 68 -10.67 -60.85 8.76
C VAL G 68 -10.22 -61.25 7.36
N LYS G 69 -9.16 -60.63 6.83
CA LYS G 69 -8.65 -60.94 5.47
C LYS G 69 -8.27 -62.43 5.32
N LEU G 70 -7.64 -62.93 6.38
CA LEU G 70 -7.25 -64.31 6.57
C LEU G 70 -8.42 -65.29 6.44
N ARG G 71 -9.46 -65.06 7.22
CA ARG G 71 -10.65 -65.90 7.23
C ARG G 71 -11.31 -65.86 5.86
N GLU G 72 -11.41 -64.65 5.30
CA GLU G 72 -11.91 -64.48 3.94
C GLU G 72 -11.24 -65.39 2.91
N GLU G 73 -9.93 -65.56 3.00
CA GLU G 73 -9.25 -66.48 2.07
C GLU G 73 -9.27 -67.94 2.55
N LEU G 74 -9.48 -68.15 3.85
CA LEU G 74 -9.70 -69.52 4.35
C LEU G 74 -11.10 -70.14 4.16
N LYS G 75 -12.11 -69.30 3.91
CA LYS G 75 -13.49 -69.77 3.69
C LYS G 75 -13.74 -70.73 2.51
N PRO G 76 -13.35 -70.35 1.28
CA PRO G 76 -13.53 -71.34 0.18
C PRO G 76 -13.01 -72.76 0.44
N ILE G 77 -11.98 -72.90 1.28
CA ILE G 77 -11.38 -74.19 1.61
C ILE G 77 -12.18 -74.92 2.69
N ALA G 78 -12.89 -74.15 3.51
CA ALA G 78 -13.69 -74.67 4.62
C ALA G 78 -15.09 -75.02 4.18
N PHE G 79 -15.72 -74.17 3.37
CA PHE G 79 -17.03 -74.50 2.86
C PHE G 79 -16.87 -75.74 1.93
N ALA G 80 -15.90 -75.70 1.02
CA ALA G 80 -15.53 -76.87 0.23
C ALA G 80 -15.25 -78.14 1.06
N ARG G 81 -15.36 -78.07 2.38
CA ARG G 81 -15.17 -79.26 3.22
C ARG G 81 -16.36 -79.61 4.10
N GLY G 82 -17.47 -78.86 3.98
CA GLY G 82 -18.70 -79.05 4.77
C GLY G 82 -18.77 -78.25 6.08
N ILE G 83 -18.08 -77.11 6.10
CA ILE G 83 -17.84 -76.38 7.34
C ILE G 83 -17.95 -74.86 7.17
N LYS G 84 -18.60 -74.27 8.15
CA LYS G 84 -18.74 -72.83 8.20
C LYS G 84 -17.65 -72.31 9.13
N LEU G 85 -16.96 -71.28 8.66
CA LEU G 85 -15.89 -70.72 9.44
C LEU G 85 -16.30 -69.40 10.05
N SER G 86 -16.73 -69.44 11.31
CA SER G 86 -16.96 -68.21 12.08
C SER G 86 -15.58 -67.73 12.52
N PHE G 87 -15.54 -66.80 13.47
CA PHE G 87 -14.27 -66.37 14.02
C PHE G 87 -13.92 -67.20 15.24
N MET G 88 -14.92 -67.81 15.85
CA MET G 88 -14.76 -68.56 17.11
C MET G 88 -13.60 -69.58 17.20
N PRO G 89 -13.35 -70.37 16.13
CA PRO G 89 -12.26 -71.34 16.21
C PRO G 89 -10.94 -70.69 16.49
N PHE G 90 -10.75 -69.46 15.99
CA PHE G 90 -9.49 -68.76 16.17
C PHE G 90 -9.44 -68.27 17.59
N PHE G 91 -10.50 -67.53 17.95
CA PHE G 91 -10.66 -67.07 19.30
C PHE G 91 -10.43 -68.24 20.21
N LEU G 92 -10.88 -69.40 19.78
CA LEU G 92 -10.77 -70.55 20.62
C LEU G 92 -9.35 -71.07 20.71
N LYS G 93 -8.65 -71.15 19.58
CA LYS G 93 -7.26 -71.60 19.63
C LYS G 93 -6.33 -70.58 20.28
N ALA G 94 -6.52 -69.29 20.03
CA ALA G 94 -5.67 -68.34 20.73
C ALA G 94 -5.90 -68.53 22.23
N ALA G 95 -7.14 -68.61 22.67
CA ALA G 95 -7.38 -68.80 24.09
C ALA G 95 -6.63 -70.00 24.64
N SER G 96 -6.67 -71.13 23.95
CA SER G 96 -5.96 -72.30 24.45
C SER G 96 -4.45 -72.05 24.49
N LEU G 97 -3.92 -71.52 23.40
CA LEU G 97 -2.52 -71.24 23.31
C LEU G 97 -2.10 -70.34 24.45
N GLY G 98 -2.94 -69.35 24.76
CA GLY G 98 -2.73 -68.48 25.89
C GLY G 98 -2.79 -69.24 27.21
N LEU G 99 -3.82 -70.06 27.41
CA LEU G 99 -3.98 -70.80 28.68
C LEU G 99 -2.76 -71.67 29.06
N LEU G 100 -1.96 -72.12 28.07
CA LEU G 100 -0.73 -72.87 28.40
C LEU G 100 0.31 -71.96 29.05
N GLN G 101 0.39 -70.69 28.62
CA GLN G 101 1.29 -69.73 29.29
C GLN G 101 0.69 -69.28 30.62
N PHE G 102 -0.63 -69.33 30.74
CA PHE G 102 -1.29 -68.96 32.01
C PHE G 102 -2.28 -70.03 32.50
N PRO G 103 -1.74 -71.16 32.99
CA PRO G 103 -2.61 -72.23 33.48
C PRO G 103 -3.57 -71.85 34.57
N ILE G 104 -3.26 -70.84 35.37
CA ILE G 104 -4.15 -70.48 36.47
C ILE G 104 -5.53 -70.01 35.99
N LEU G 105 -5.61 -69.49 34.77
CA LEU G 105 -6.91 -69.13 34.15
C LEU G 105 -7.74 -70.36 33.69
N ASN G 106 -7.10 -71.50 33.60
CA ASN G 106 -7.83 -72.70 33.28
C ASN G 106 -8.01 -73.62 34.47
N ALA G 107 -8.44 -73.09 35.61
CA ALA G 107 -8.41 -73.85 36.88
C ALA G 107 -9.65 -73.62 37.73
N SER G 108 -9.67 -74.18 38.94
CA SER G 108 -10.86 -74.11 39.79
C SER G 108 -10.51 -73.90 41.24
N VAL G 109 -11.45 -73.44 42.05
CA VAL G 109 -11.21 -73.29 43.49
C VAL G 109 -12.42 -73.83 44.21
N ASP G 110 -12.30 -74.06 45.52
CA ASP G 110 -13.27 -74.90 46.23
C ASP G 110 -14.31 -74.15 47.05
N GLU G 111 -14.78 -74.81 48.13
CA GLU G 111 -15.80 -74.15 48.91
C GLU G 111 -15.35 -72.78 49.45
N ASN G 112 -14.10 -72.65 49.89
CA ASN G 112 -13.67 -71.34 50.40
C ASN G 112 -12.55 -70.56 49.70
N CYS G 113 -12.07 -71.08 48.58
CA CYS G 113 -10.81 -70.65 47.99
C CYS G 113 -9.61 -71.05 48.85
N GLN G 114 -9.74 -72.21 49.52
CA GLN G 114 -8.68 -72.81 50.35
C GLN G 114 -7.66 -73.48 49.45
N ASN G 115 -8.11 -74.00 48.31
CA ASN G 115 -7.19 -74.60 47.31
C ASN G 115 -7.66 -74.57 45.85
N ILE G 116 -6.67 -74.51 44.94
CA ILE G 116 -6.83 -74.56 43.49
C ILE G 116 -6.67 -76.00 42.93
N THR G 117 -7.40 -76.34 41.87
CA THR G 117 -7.10 -77.51 41.05
C THR G 117 -6.81 -77.05 39.64
N TYR G 118 -5.60 -77.30 39.15
CA TYR G 118 -5.23 -76.86 37.80
C TYR G 118 -5.65 -77.98 36.85
N LYS G 119 -6.43 -77.63 35.84
CA LYS G 119 -7.03 -78.60 34.96
C LYS G 119 -6.15 -78.68 33.71
N ALA G 120 -5.74 -79.88 33.35
CA ALA G 120 -4.97 -80.14 32.12
C ALA G 120 -5.69 -79.82 30.80
N SER G 121 -6.97 -80.19 30.67
CA SER G 121 -7.70 -80.16 29.40
C SER G 121 -8.38 -78.80 29.16
N HIS G 122 -8.16 -78.17 28.00
CA HIS G 122 -8.87 -76.94 27.70
C HIS G 122 -10.24 -77.24 27.14
N ASN G 123 -11.23 -77.31 28.01
CA ASN G 123 -12.61 -77.56 27.59
C ASN G 123 -13.29 -76.24 27.61
N ILE G 124 -13.22 -75.58 26.47
CA ILE G 124 -13.64 -74.20 26.37
C ILE G 124 -15.12 -74.12 26.06
N GLY G 125 -15.88 -73.59 27.02
CA GLY G 125 -17.30 -73.38 26.82
C GLY G 125 -17.64 -72.22 25.91
N ILE G 126 -18.80 -72.32 25.31
CA ILE G 126 -19.34 -71.36 24.36
C ILE G 126 -20.72 -71.09 24.89
N ALA G 127 -20.97 -69.86 25.32
CA ALA G 127 -22.24 -69.55 25.97
C ALA G 127 -23.37 -69.39 24.95
N MET G 128 -24.51 -69.98 25.23
CA MET G 128 -25.66 -69.87 24.35
C MET G 128 -26.97 -69.64 25.10
N ASP G 129 -27.97 -69.13 24.41
CA ASP G 129 -29.32 -69.14 24.96
C ASP G 129 -30.29 -69.84 24.04
N THR G 130 -31.08 -70.70 24.65
CA THR G 130 -32.26 -71.24 24.01
C THR G 130 -33.53 -70.56 24.57
N GLU G 131 -34.69 -71.14 24.23
CA GLU G 131 -36.00 -70.55 24.54
C GLU G 131 -36.53 -71.25 25.81
N GLN G 132 -35.53 -71.62 26.63
CA GLN G 132 -35.66 -72.11 28.01
C GLN G 132 -34.35 -71.71 28.79
N GLY G 133 -33.43 -71.00 28.12
CA GLY G 133 -32.38 -70.23 28.82
C GLY G 133 -30.92 -70.53 28.57
N LEU G 134 -30.08 -70.07 29.50
CA LEU G 134 -28.62 -70.20 29.43
C LEU G 134 -28.09 -71.64 29.50
N ILE G 135 -27.35 -72.02 28.45
CA ILE G 135 -26.69 -73.32 28.30
C ILE G 135 -25.27 -73.11 27.74
N VAL G 136 -24.31 -73.89 28.24
CA VAL G 136 -22.89 -73.69 27.86
C VAL G 136 -22.17 -74.97 27.52
N PRO G 137 -22.30 -75.42 26.27
CA PRO G 137 -21.59 -76.61 25.83
C PRO G 137 -20.11 -76.23 25.66
N ASN G 138 -19.19 -77.17 25.80
CA ASN G 138 -17.76 -76.84 25.60
C ASN G 138 -17.16 -77.74 24.53
N VAL G 139 -16.10 -77.23 23.89
CA VAL G 139 -15.26 -78.01 23.00
C VAL G 139 -14.22 -78.68 23.88
N LYS G 140 -14.25 -80.00 23.94
CA LYS G 140 -13.33 -80.74 24.76
C LYS G 140 -11.91 -80.64 24.17
N ASN G 141 -10.92 -80.50 25.06
CA ASN G 141 -9.53 -80.69 24.72
C ASN G 141 -9.02 -79.91 23.54
N VAL G 142 -9.22 -78.60 23.59
CA VAL G 142 -8.85 -77.66 22.53
C VAL G 142 -7.34 -77.65 22.22
N GLN G 143 -6.52 -78.01 23.20
CA GLN G 143 -5.05 -77.99 23.06
C GLN G 143 -4.51 -79.02 22.05
N ILE G 144 -5.28 -80.06 21.78
CA ILE G 144 -4.89 -81.08 20.79
C ILE G 144 -5.73 -81.04 19.52
N ARG G 145 -6.42 -79.92 19.26
CA ARG G 145 -7.32 -79.83 18.09
C ARG G 145 -6.92 -78.72 17.15
N SER G 146 -7.19 -78.86 15.86
CA SER G 146 -6.81 -77.83 14.91
C SER G 146 -7.91 -76.79 14.88
N ILE G 147 -7.63 -75.63 14.30
CA ILE G 147 -8.68 -74.63 14.14
C ILE G 147 -9.86 -75.29 13.42
N PHE G 148 -9.54 -76.21 12.50
CA PHE G 148 -10.53 -76.85 11.65
C PHE G 148 -11.32 -77.91 12.42
N GLU G 149 -10.62 -78.73 13.17
CA GLU G 149 -11.28 -79.64 14.10
C GLU G 149 -12.26 -78.88 15.01
N ILE G 150 -11.83 -77.70 15.46
CA ILE G 150 -12.65 -76.90 16.38
C ILE G 150 -13.89 -76.36 15.67
N ALA G 151 -13.68 -75.80 14.48
CA ALA G 151 -14.77 -75.33 13.64
C ALA G 151 -15.86 -76.39 13.46
N THR G 152 -15.43 -77.61 13.11
CA THR G 152 -16.29 -78.77 13.05
C THR G 152 -16.97 -79.02 14.39
N GLU G 153 -16.24 -78.91 15.49
CA GLU G 153 -16.83 -79.13 16.79
C GLU G 153 -17.89 -78.05 17.10
N LEU G 154 -17.58 -76.79 16.73
CA LEU G 154 -18.54 -75.66 16.92
C LEU G 154 -19.80 -75.78 16.07
N ASN G 155 -19.67 -76.20 14.80
CA ASN G 155 -20.86 -76.30 13.96
C ASN G 155 -21.77 -77.34 14.57
N ARG G 156 -21.16 -78.43 15.02
CA ARG G 156 -21.88 -79.56 15.56
C ARG G 156 -22.61 -79.13 16.84
N LEU G 157 -21.89 -78.42 17.70
CA LEU G 157 -22.48 -77.91 18.92
C LEU G 157 -23.62 -76.91 18.64
N GLN G 158 -23.49 -76.14 17.57
CA GLN G 158 -24.49 -75.12 17.22
C GLN G 158 -25.81 -75.76 16.76
N LYS G 159 -25.72 -76.62 15.76
CA LYS G 159 -26.83 -77.36 15.26
C LYS G 159 -27.60 -77.96 16.44
N LEU G 160 -26.88 -78.73 17.24
CA LEU G 160 -27.43 -79.44 18.38
C LEU G 160 -28.13 -78.52 19.39
N GLY G 161 -27.42 -77.47 19.77
CA GLY G 161 -27.88 -76.47 20.74
C GLY G 161 -28.99 -75.58 20.25
N SER G 162 -29.02 -75.27 18.96
CA SER G 162 -30.18 -74.60 18.38
C SER G 162 -31.34 -75.59 18.09
N ALA G 163 -31.25 -76.79 18.63
CA ALA G 163 -32.30 -77.79 18.48
C ALA G 163 -32.65 -78.36 19.86
N GLY G 164 -32.16 -77.74 20.93
CA GLY G 164 -32.32 -78.23 22.31
C GLY G 164 -31.92 -79.69 22.54
N GLN G 165 -30.81 -80.12 21.93
CA GLN G 165 -30.40 -81.53 21.95
C GLN G 165 -28.95 -81.78 22.44
N LEU G 166 -28.29 -80.75 22.95
CA LEU G 166 -26.97 -80.94 23.52
C LEU G 166 -27.11 -82.03 24.56
N SER G 167 -26.14 -82.92 24.61
CA SER G 167 -26.21 -84.04 25.51
C SER G 167 -25.51 -83.64 26.79
N THR G 168 -25.67 -84.44 27.83
CA THR G 168 -24.99 -84.25 29.09
C THR G 168 -23.46 -84.06 28.92
N ASN G 169 -22.91 -84.68 27.88
CA ASN G 169 -21.48 -84.59 27.56
C ASN G 169 -20.98 -83.41 26.74
N ASP G 170 -21.84 -82.49 26.37
CA ASP G 170 -21.35 -81.33 25.70
C ASP G 170 -21.38 -80.29 26.82
N LEU G 171 -22.24 -80.58 27.82
CA LEU G 171 -22.46 -79.68 28.96
C LEU G 171 -21.39 -79.85 30.05
N ILE G 172 -21.23 -81.05 30.58
CA ILE G 172 -20.22 -81.45 31.57
C ILE G 172 -18.80 -80.89 31.33
N GLY G 173 -18.04 -80.78 32.42
CA GLY G 173 -16.58 -80.62 32.39
C GLY G 173 -15.87 -79.39 31.84
N GLY G 174 -16.58 -78.29 31.64
CA GLY G 174 -16.00 -77.03 31.09
C GLY G 174 -14.97 -76.36 31.98
N THR G 175 -13.96 -75.73 31.39
CA THR G 175 -12.87 -75.18 32.20
C THR G 175 -12.69 -73.66 32.13
N PHE G 176 -13.33 -73.05 31.15
CA PHE G 176 -13.08 -71.67 30.75
C PHE G 176 -14.08 -71.29 29.66
N THR G 177 -14.64 -70.09 29.74
CA THR G 177 -15.75 -69.78 28.88
C THR G 177 -15.52 -68.57 28.02
N LEU G 178 -16.02 -68.64 26.80
CA LEU G 178 -16.11 -67.46 25.94
C LEU G 178 -17.56 -67.22 25.65
N SER G 179 -17.87 -66.08 25.05
CA SER G 179 -19.26 -65.74 24.81
C SER G 179 -19.33 -64.67 23.74
N ASN G 180 -19.69 -65.08 22.53
CA ASN G 180 -19.75 -64.14 21.40
C ASN G 180 -21.03 -63.33 21.47
N ILE G 181 -21.07 -62.37 22.40
CA ILE G 181 -22.22 -61.46 22.49
C ILE G 181 -22.37 -60.75 21.14
N GLY G 182 -21.23 -60.48 20.51
CA GLY G 182 -21.20 -59.72 19.30
C GLY G 182 -21.81 -60.37 18.07
N SER G 183 -22.22 -61.64 18.19
CA SER G 183 -23.06 -62.29 17.14
C SER G 183 -24.42 -61.63 17.07
N ILE G 184 -24.77 -60.91 18.12
CA ILE G 184 -25.97 -60.11 18.16
C ILE G 184 -25.64 -58.59 18.17
N GLY G 185 -24.62 -58.21 18.94
CA GLY G 185 -24.10 -56.84 18.88
C GLY G 185 -23.30 -56.50 20.11
N GLY G 186 -22.94 -55.23 20.25
CA GLY G 186 -22.29 -54.77 21.47
C GLY G 186 -20.83 -54.41 21.27
N THR G 187 -20.27 -53.70 22.26
CA THR G 187 -18.85 -53.45 22.34
C THR G 187 -18.29 -54.17 23.55
N TYR G 188 -18.39 -53.59 24.76
CA TYR G 188 -17.78 -54.19 25.95
C TYR G 188 -18.87 -54.84 26.78
N ALA G 189 -18.53 -55.68 27.75
CA ALA G 189 -19.58 -56.29 28.59
C ALA G 189 -19.07 -56.64 29.99
N LYS G 190 -19.95 -57.03 30.87
CA LYS G 190 -19.44 -57.63 32.07
C LYS G 190 -20.02 -59.05 32.15
N PRO G 191 -19.30 -60.06 31.65
CA PRO G 191 -19.84 -61.42 31.78
C PRO G 191 -19.75 -61.92 33.20
N VAL G 192 -20.58 -62.90 33.52
CA VAL G 192 -20.55 -63.50 34.81
C VAL G 192 -19.68 -64.77 34.73
N ILE G 193 -18.90 -65.01 35.77
CA ILE G 193 -18.12 -66.17 35.83
C ILE G 193 -19.00 -67.35 36.23
N LEU G 194 -18.77 -68.44 35.49
CA LEU G 194 -19.53 -69.66 35.66
C LEU G 194 -18.79 -70.59 36.58
N PRO G 195 -19.20 -70.60 37.85
CA PRO G 195 -18.47 -71.43 38.82
C PRO G 195 -18.56 -72.88 38.36
N PRO G 196 -17.50 -73.70 38.60
CA PRO G 196 -16.33 -73.35 39.39
C PRO G 196 -15.16 -72.73 38.63
N GLU G 197 -15.31 -72.52 37.31
CA GLU G 197 -14.37 -71.71 36.52
C GLU G 197 -13.96 -70.36 37.22
N VAL G 198 -12.93 -69.70 36.70
CA VAL G 198 -12.41 -68.48 37.28
C VAL G 198 -12.23 -67.37 36.24
N ALA G 199 -12.45 -67.67 34.97
CA ALA G 199 -12.41 -66.64 33.94
C ALA G 199 -13.53 -66.80 32.88
N ILE G 200 -13.92 -65.70 32.24
CA ILE G 200 -14.84 -65.76 31.09
C ILE G 200 -14.56 -64.55 30.25
N GLY G 201 -14.72 -64.65 28.94
CA GLY G 201 -14.46 -63.51 28.10
C GLY G 201 -15.70 -63.26 27.27
N ALA G 202 -15.96 -62.01 26.97
CA ALA G 202 -17.10 -61.70 26.17
C ALA G 202 -16.57 -60.89 25.04
N LEU G 203 -16.89 -61.31 23.82
CA LEU G 203 -16.38 -60.73 22.56
C LEU G 203 -17.45 -59.92 21.81
N GLY G 204 -17.08 -58.75 21.29
CA GLY G 204 -18.09 -57.84 20.73
C GLY G 204 -18.17 -57.86 19.23
N THR G 205 -18.97 -56.97 18.64
CA THR G 205 -19.12 -56.85 17.20
C THR G 205 -17.81 -56.34 16.65
N ILE G 206 -17.37 -56.89 15.53
CA ILE G 206 -16.30 -56.30 14.74
C ILE G 206 -16.85 -55.12 13.92
N LYS G 207 -16.44 -53.90 14.28
CA LYS G 207 -16.77 -52.71 13.52
C LYS G 207 -15.58 -52.14 12.73
N ALA G 208 -15.86 -51.55 11.57
CA ALA G 208 -14.83 -50.85 10.81
C ALA G 208 -14.69 -49.44 11.35
N LEU G 209 -13.51 -49.12 11.87
CA LEU G 209 -13.27 -47.81 12.49
C LEU G 209 -11.96 -47.28 11.97
N PRO G 210 -11.80 -45.93 11.94
CA PRO G 210 -10.50 -45.26 11.63
C PRO G 210 -9.38 -45.41 12.67
N ARG G 211 -8.30 -46.13 12.33
CA ARG G 211 -7.10 -46.15 13.17
C ARG G 211 -5.92 -45.88 12.26
N PHE G 212 -4.89 -45.26 12.82
CA PHE G 212 -3.65 -44.99 12.12
C PHE G 212 -2.83 -46.27 11.84
N ASN G 213 -2.10 -46.28 10.72
CA ASN G 213 -1.05 -47.29 10.49
C ASN G 213 0.33 -46.80 11.01
N GLU G 214 1.38 -47.63 10.86
CA GLU G 214 2.77 -47.26 11.22
C GLU G 214 3.24 -45.91 10.64
N LYS G 215 2.98 -45.67 9.34
CA LYS G 215 3.29 -44.35 8.73
C LYS G 215 2.43 -43.16 9.18
N GLY G 216 1.47 -43.40 10.07
CA GLY G 216 0.66 -42.31 10.62
C GLY G 216 -0.50 -41.88 9.73
N GLU G 217 -0.95 -42.79 8.85
CA GLU G 217 -2.15 -42.54 8.03
C GLU G 217 -3.40 -43.32 8.46
N VAL G 218 -4.55 -42.90 7.92
CA VAL G 218 -5.87 -43.45 8.30
C VAL G 218 -6.18 -44.84 7.70
N CYS G 219 -7.00 -45.60 8.41
CA CYS G 219 -7.34 -46.93 7.95
C CYS G 219 -8.81 -47.25 8.00
N LYS G 220 -9.20 -48.13 7.10
CA LYS G 220 -10.39 -48.94 7.28
C LYS G 220 -9.95 -50.03 8.25
N ALA G 221 -9.87 -49.68 9.55
CA ALA G 221 -9.49 -50.63 10.61
C ALA G 221 -10.66 -51.45 11.21
N GLN G 222 -10.42 -52.76 11.28
CA GLN G 222 -11.40 -53.70 11.77
C GLN G 222 -11.13 -54.05 13.24
N ILE G 223 -11.89 -53.40 14.13
CA ILE G 223 -11.64 -53.44 15.58
C ILE G 223 -12.71 -54.30 16.31
N MET G 224 -12.27 -55.06 17.31
CA MET G 224 -13.20 -55.81 18.18
C MET G 224 -12.88 -55.58 19.65
N ASN G 225 -13.89 -55.34 20.47
CA ASN G 225 -13.62 -55.32 21.89
C ASN G 225 -13.73 -56.69 22.48
N VAL G 226 -12.92 -56.91 23.50
CA VAL G 226 -12.99 -58.13 24.31
C VAL G 226 -13.07 -57.70 25.79
N SER G 227 -13.95 -58.30 26.55
CA SER G 227 -14.00 -57.95 27.96
C SER G 227 -13.90 -59.22 28.81
N TRP G 228 -12.95 -59.26 29.73
CA TRP G 228 -12.74 -60.47 30.53
C TRP G 228 -13.18 -60.24 31.96
N SER G 229 -13.81 -61.21 32.58
CA SER G 229 -14.00 -61.16 34.04
C SER G 229 -13.19 -62.28 34.69
N ALA G 230 -12.60 -62.03 35.85
CA ALA G 230 -11.73 -63.04 36.48
C ALA G 230 -11.90 -63.13 37.98
N ASP G 231 -11.80 -64.33 38.54
CA ASP G 231 -11.99 -64.51 39.95
C ASP G 231 -10.80 -63.88 40.67
N HIS G 232 -10.94 -62.62 41.03
CA HIS G 232 -9.81 -61.92 41.61
C HIS G 232 -9.31 -62.50 42.94
N ARG G 233 -10.01 -63.48 43.50
CA ARG G 233 -9.39 -64.13 44.67
C ARG G 233 -8.05 -64.87 44.33
N ILE G 234 -7.97 -65.47 43.12
CA ILE G 234 -6.73 -66.11 42.69
C ILE G 234 -6.13 -65.63 41.39
N ILE G 235 -6.84 -64.80 40.64
CA ILE G 235 -6.17 -64.17 39.49
C ILE G 235 -5.87 -62.74 39.77
N ASP G 236 -4.61 -62.37 39.64
CA ASP G 236 -4.27 -60.99 39.79
C ASP G 236 -4.31 -60.36 38.42
N GLY G 237 -4.36 -59.02 38.39
CA GLY G 237 -4.58 -58.29 37.15
C GLY G 237 -3.47 -58.35 36.13
N ALA G 238 -2.24 -58.62 36.58
CA ALA G 238 -1.15 -58.83 35.65
C ALA G 238 -1.40 -60.10 34.86
N THR G 239 -1.81 -61.15 35.56
CA THR G 239 -2.16 -62.42 34.95
C THR G 239 -3.17 -62.26 33.82
N VAL G 240 -4.31 -61.64 34.07
CA VAL G 240 -5.32 -61.47 33.01
C VAL G 240 -4.84 -60.51 31.90
N SER G 241 -4.11 -59.50 32.33
CA SER G 241 -3.55 -58.55 31.41
C SER G 241 -2.57 -59.19 30.42
N ARG G 242 -1.56 -59.85 30.96
CA ARG G 242 -0.59 -60.54 30.16
C ARG G 242 -1.30 -61.62 29.32
N PHE G 243 -2.20 -62.42 29.90
CA PHE G 243 -2.96 -63.43 29.13
C PHE G 243 -3.66 -62.79 27.95
N SER G 244 -4.34 -61.68 28.22
CA SER G 244 -5.15 -61.00 27.22
C SER G 244 -4.28 -60.51 26.08
N ASN G 245 -3.14 -59.93 26.44
CA ASN G 245 -2.22 -59.41 25.43
C ASN G 245 -1.79 -60.51 24.51
N LEU G 246 -1.39 -61.64 25.09
CA LEU G 246 -0.84 -62.77 24.35
C LEU G 246 -1.91 -63.30 23.43
N TRP G 247 -3.06 -63.59 24.01
CA TRP G 247 -4.23 -63.94 23.23
C TRP G 247 -4.43 -62.96 22.09
N LYS G 248 -4.21 -61.68 22.36
CA LYS G 248 -4.44 -60.62 21.38
C LYS G 248 -3.36 -60.70 20.30
N SER G 249 -2.13 -60.86 20.79
CA SER G 249 -0.95 -61.05 19.98
C SER G 249 -1.24 -62.06 18.89
N TYR G 250 -1.85 -63.19 19.25
CA TYR G 250 -2.06 -64.30 18.32
C TYR G 250 -3.06 -64.00 17.22
N LEU G 251 -3.94 -63.04 17.44
CA LEU G 251 -5.02 -62.71 16.49
C LEU G 251 -4.71 -61.48 15.63
N GLU G 252 -4.08 -60.49 16.23
CA GLU G 252 -3.66 -59.32 15.51
C GLU G 252 -2.59 -59.73 14.53
N ASN G 253 -1.82 -60.76 14.87
CA ASN G 253 -0.86 -61.33 13.89
C ASN G 253 -0.82 -62.87 13.94
N PRO G 254 -1.77 -63.53 13.25
CA PRO G 254 -1.98 -64.98 13.25
C PRO G 254 -0.77 -65.74 12.76
N ALA G 255 0.15 -65.01 12.14
CA ALA G 255 1.46 -65.55 11.83
C ALA G 255 1.95 -66.25 13.09
N PHE G 256 1.87 -65.55 14.23
CA PHE G 256 2.42 -66.06 15.49
C PHE G 256 1.83 -67.42 15.95
N MET G 257 0.58 -67.71 15.59
CA MET G 257 -0.03 -69.03 15.86
C MET G 257 0.69 -70.14 15.12
N LEU G 258 0.99 -69.93 13.84
CA LEU G 258 1.76 -70.90 13.07
C LEU G 258 2.85 -71.52 13.91
N LEU G 259 3.83 -70.71 14.34
CA LEU G 259 5.12 -71.15 14.88
C LEU G 259 5.07 -72.39 15.77
N ASP G 260 4.03 -72.53 16.59
CA ASP G 260 4.06 -73.59 17.58
C ASP G 260 3.24 -74.86 17.37
N LEU G 261 2.35 -74.83 16.38
CA LEU G 261 1.44 -75.94 16.09
C LEU G 261 2.09 -77.06 15.26
N LYS G 262 1.45 -78.23 15.22
CA LYS G 262 2.05 -79.45 14.64
C LYS G 262 1.12 -80.48 13.88
N GLY H 29 48.62 -7.06 -64.92
CA GLY H 29 49.05 -5.68 -64.55
C GLY H 29 49.30 -4.81 -65.78
N LYS H 30 48.82 -5.27 -66.94
CA LYS H 30 48.92 -4.52 -68.20
C LYS H 30 47.53 -4.22 -68.87
N ASP H 31 47.35 -3.00 -69.37
CA ASP H 31 46.16 -2.66 -70.16
C ASP H 31 46.19 -3.24 -71.60
N ARG H 32 45.26 -4.15 -71.86
CA ARG H 32 45.13 -4.76 -73.17
C ARG H 32 43.90 -4.25 -73.97
N THR H 33 44.15 -3.84 -75.20
CA THR H 33 43.10 -3.54 -76.18
C THR H 33 42.94 -4.69 -77.20
N GLU H 34 41.70 -4.95 -77.60
CA GLU H 34 41.39 -5.90 -78.66
C GLU H 34 40.11 -5.45 -79.38
N PRO H 35 40.08 -5.55 -80.73
CA PRO H 35 38.83 -5.36 -81.48
C PRO H 35 37.67 -6.25 -81.02
N VAL H 36 36.45 -5.73 -81.18
CA VAL H 36 35.23 -6.53 -81.06
C VAL H 36 35.04 -7.25 -82.39
N LYS H 37 34.98 -8.58 -82.34
CA LYS H 37 34.86 -9.34 -83.58
C LYS H 37 33.62 -10.23 -83.68
N GLY H 38 33.47 -10.88 -84.84
CA GLY H 38 32.50 -11.95 -85.05
C GLY H 38 31.09 -11.67 -84.59
N PHE H 39 30.41 -12.70 -84.13
CA PHE H 39 29.02 -12.52 -83.79
C PHE H 39 28.94 -11.69 -82.51
N HIS H 40 30.10 -11.20 -82.07
CA HIS H 40 30.13 -10.19 -81.01
C HIS H 40 29.63 -8.83 -81.54
N LYS H 41 29.77 -8.61 -82.85
CA LYS H 41 29.35 -7.37 -83.48
C LYS H 41 27.84 -7.22 -83.48
N ALA H 42 27.16 -8.35 -83.37
CA ALA H 42 25.73 -8.39 -83.49
C ALA H 42 25.02 -7.73 -82.30
N MET H 43 25.48 -8.01 -81.07
CA MET H 43 24.90 -7.45 -79.83
C MET H 43 25.09 -5.94 -79.87
N VAL H 44 26.28 -5.53 -80.33
CA VAL H 44 26.55 -4.13 -80.60
C VAL H 44 25.49 -3.50 -81.51
N LYS H 45 25.20 -4.04 -82.70
CA LYS H 45 24.13 -3.46 -83.55
C LYS H 45 22.76 -3.47 -82.88
N THR H 46 22.36 -4.62 -82.31
CA THR H 46 21.04 -4.84 -81.69
C THR H 46 20.76 -3.85 -80.57
N MET H 47 21.70 -3.74 -79.65
CA MET H 47 21.51 -2.86 -78.54
C MET H 47 21.64 -1.38 -78.97
N SER H 48 22.50 -1.11 -79.93
CA SER H 48 22.49 0.25 -80.50
C SER H 48 21.13 0.56 -81.12
N ALA H 49 20.51 -0.44 -81.74
CA ALA H 49 19.25 -0.18 -82.41
C ALA H 49 18.19 0.18 -81.37
N ALA H 50 18.32 -0.39 -80.19
CA ALA H 50 17.33 -0.20 -79.17
C ALA H 50 17.29 1.21 -78.60
N LEU H 51 18.35 2.00 -78.83
CA LEU H 51 18.40 3.35 -78.28
C LEU H 51 17.26 4.19 -78.87
N LYS H 52 16.80 3.86 -80.07
CA LYS H 52 15.74 4.67 -80.66
C LYS H 52 14.42 4.43 -79.95
N ILE H 53 14.37 3.54 -78.97
CA ILE H 53 13.12 3.16 -78.39
C ILE H 53 12.99 3.79 -77.01
N PRO H 54 12.02 4.69 -76.81
CA PRO H 54 11.75 5.23 -75.50
C PRO H 54 11.20 4.14 -74.60
N HIS H 55 11.97 3.70 -73.60
CA HIS H 55 11.58 2.51 -72.85
C HIS H 55 10.79 2.92 -71.65
N PHE H 56 9.57 2.46 -71.52
CA PHE H 56 8.84 2.68 -70.23
C PHE H 56 8.99 1.42 -69.41
N GLY H 57 9.36 1.53 -68.16
CA GLY H 57 9.51 0.30 -67.42
C GLY H 57 8.42 0.19 -66.41
N TYR H 58 7.91 -1.03 -66.21
CA TYR H 58 6.84 -1.29 -65.26
C TYR H 58 7.11 -2.64 -64.61
N CYS H 59 7.09 -2.72 -63.28
CA CYS H 59 7.48 -3.94 -62.55
C CYS H 59 6.47 -4.40 -61.57
N ASP H 60 6.57 -5.62 -61.08
CA ASP H 60 5.59 -6.09 -60.12
C ASP H 60 6.10 -7.25 -59.31
N GLU H 61 5.33 -7.69 -58.33
CA GLU H 61 5.67 -8.96 -57.67
C GLU H 61 4.52 -9.91 -57.92
N VAL H 62 4.81 -11.19 -58.00
CA VAL H 62 3.85 -12.19 -58.44
C VAL H 62 3.99 -13.29 -57.41
N ASP H 63 2.89 -13.68 -56.77
CA ASP H 63 2.95 -14.73 -55.77
C ASP H 63 2.88 -16.09 -56.40
N LEU H 64 3.95 -16.89 -56.35
CA LEU H 64 4.01 -18.11 -57.16
C LEU H 64 3.80 -19.37 -56.39
N THR H 65 3.17 -19.27 -55.21
CA THR H 65 3.03 -20.38 -54.23
C THR H 65 2.30 -21.57 -54.81
N GLU H 66 1.09 -21.32 -55.29
CA GLU H 66 0.36 -22.32 -56.05
C GLU H 66 1.14 -22.85 -57.27
N LEU H 67 1.74 -21.97 -58.08
CA LEU H 67 2.51 -22.46 -59.26
C LEU H 67 3.62 -23.39 -58.87
N VAL H 68 4.43 -23.01 -57.90
CA VAL H 68 5.40 -23.94 -57.31
C VAL H 68 4.78 -25.31 -56.90
N LYS H 69 3.70 -25.31 -56.11
CA LYS H 69 3.05 -26.55 -55.83
C LYS H 69 2.69 -27.29 -57.14
N LEU H 70 2.01 -26.60 -58.05
CA LEU H 70 1.64 -27.23 -59.30
C LEU H 70 2.77 -27.93 -60.02
N ARG H 71 3.90 -27.24 -60.11
CA ARG H 71 5.00 -27.80 -60.81
C ARG H 71 5.61 -29.04 -60.12
N GLU H 72 5.53 -29.17 -58.78
CA GLU H 72 6.02 -30.39 -58.09
C GLU H 72 5.21 -31.61 -58.51
N GLU H 73 3.90 -31.40 -58.56
CA GLU H 73 2.98 -32.38 -59.04
C GLU H 73 3.22 -32.72 -60.51
N LEU H 74 3.54 -31.76 -61.35
CA LEU H 74 3.78 -32.12 -62.75
C LEU H 74 5.17 -32.72 -63.05
N LYS H 75 6.21 -32.33 -62.31
CA LYS H 75 7.57 -32.85 -62.52
C LYS H 75 7.67 -34.37 -62.92
N PRO H 76 7.10 -35.29 -62.11
CA PRO H 76 7.15 -36.73 -62.45
C PRO H 76 6.58 -37.13 -63.82
N ILE H 77 5.58 -36.40 -64.32
CA ILE H 77 4.90 -36.73 -65.56
C ILE H 77 5.79 -36.27 -66.71
N ALA H 78 6.17 -34.99 -66.68
CA ALA H 78 7.18 -34.45 -67.59
C ALA H 78 8.41 -35.35 -67.63
N PHE H 79 8.90 -35.70 -66.46
CA PHE H 79 10.04 -36.58 -66.37
C PHE H 79 9.79 -37.94 -67.01
N ALA H 80 8.64 -38.56 -66.74
CA ALA H 80 8.40 -39.87 -67.28
C ALA H 80 8.18 -39.79 -68.77
N ARG H 81 8.08 -38.60 -69.33
CA ARG H 81 7.95 -38.47 -70.78
C ARG H 81 9.24 -37.96 -71.42
N GLY H 82 10.29 -37.76 -70.62
CA GLY H 82 11.59 -37.40 -71.12
C GLY H 82 11.89 -35.90 -71.12
N ILE H 83 11.23 -35.14 -70.24
CA ILE H 83 11.34 -33.67 -70.28
C ILE H 83 11.58 -33.02 -68.92
N LYS H 84 12.58 -32.14 -68.87
CA LYS H 84 12.78 -31.28 -67.72
C LYS H 84 11.74 -30.15 -67.76
N LEU H 85 10.95 -30.00 -66.69
CA LEU H 85 9.91 -28.96 -66.65
C LEU H 85 10.33 -27.77 -65.80
N SER H 86 10.75 -26.68 -66.47
CA SER H 86 11.12 -25.43 -65.78
C SER H 86 9.86 -24.63 -65.52
N PHE H 87 9.93 -23.47 -64.87
CA PHE H 87 8.76 -22.62 -64.80
C PHE H 87 8.48 -21.92 -66.18
N MET H 88 9.45 -21.90 -67.09
CA MET H 88 9.30 -21.12 -68.32
C MET H 88 8.04 -21.40 -69.17
N PRO H 89 7.73 -22.67 -69.40
CA PRO H 89 6.56 -22.95 -70.19
C PRO H 89 5.30 -22.27 -69.65
N PHE H 90 5.13 -22.25 -68.34
CA PHE H 90 3.98 -21.54 -67.78
C PHE H 90 4.08 -20.06 -68.08
N PHE H 91 5.24 -19.48 -67.80
CA PHE H 91 5.44 -18.08 -68.08
C PHE H 91 5.06 -17.82 -69.54
N LEU H 92 5.51 -18.70 -70.42
CA LEU H 92 5.31 -18.51 -71.82
C LEU H 92 3.82 -18.66 -72.20
N LYS H 93 3.19 -19.65 -71.59
CA LYS H 93 1.79 -19.89 -71.90
C LYS H 93 0.96 -18.76 -71.33
N ALA H 94 1.21 -18.34 -70.08
CA ALA H 94 0.49 -17.18 -69.55
C ALA H 94 0.71 -15.91 -70.40
N ALA H 95 1.94 -15.67 -70.86
CA ALA H 95 2.20 -14.48 -71.68
C ALA H 95 1.37 -14.58 -72.93
N SER H 96 1.35 -15.73 -73.59
CA SER H 96 0.55 -15.84 -74.81
C SER H 96 -0.92 -15.53 -74.57
N LEU H 97 -1.48 -16.14 -73.52
CA LEU H 97 -2.88 -15.81 -73.19
C LEU H 97 -3.06 -14.28 -73.05
N GLY H 98 -2.12 -13.58 -72.40
CA GLY H 98 -2.19 -12.15 -72.19
C GLY H 98 -2.19 -11.42 -73.51
N LEU H 99 -1.37 -11.89 -74.45
CA LEU H 99 -1.26 -11.27 -75.77
C LEU H 99 -2.57 -11.36 -76.61
N LEU H 100 -3.38 -12.39 -76.36
CA LEU H 100 -4.64 -12.46 -77.10
C LEU H 100 -5.46 -11.28 -76.69
N GLN H 101 -5.42 -10.93 -75.39
CA GLN H 101 -6.17 -9.80 -74.83
C GLN H 101 -5.53 -8.48 -75.17
N PHE H 102 -4.21 -8.46 -75.33
CA PHE H 102 -3.57 -7.20 -75.69
C PHE H 102 -2.68 -7.41 -76.87
N PRO H 103 -3.27 -7.56 -78.04
CA PRO H 103 -2.39 -7.94 -79.14
C PRO H 103 -1.40 -6.85 -79.50
N ILE H 104 -1.63 -5.59 -79.11
CA ILE H 104 -0.64 -4.56 -79.46
C ILE H 104 0.79 -4.87 -78.89
N LEU H 105 0.87 -5.64 -77.79
CA LEU H 105 2.19 -5.91 -77.21
C LEU H 105 2.97 -6.93 -78.07
N ASN H 106 2.28 -7.57 -79.00
CA ASN H 106 2.91 -8.51 -79.90
C ASN H 106 3.07 -7.81 -81.23
N ALA H 107 3.02 -6.49 -81.28
CA ALA H 107 3.14 -5.85 -82.61
C ALA H 107 4.57 -5.41 -82.92
N SER H 108 4.73 -4.77 -84.07
CA SER H 108 5.98 -4.21 -84.53
C SER H 108 5.81 -2.84 -85.06
N VAL H 109 6.85 -2.05 -84.96
CA VAL H 109 6.70 -0.66 -85.35
C VAL H 109 7.78 -0.28 -86.35
N ASP H 110 7.37 0.33 -87.46
CA ASP H 110 8.29 0.68 -88.55
C ASP H 110 9.32 1.79 -88.24
N GLU H 111 9.99 2.26 -89.29
CA GLU H 111 11.15 3.13 -89.12
C GLU H 111 10.95 4.40 -88.29
N ASN H 112 10.01 5.30 -88.55
CA ASN H 112 9.87 6.34 -87.49
C ASN H 112 8.53 6.36 -86.78
N CYS H 113 8.15 5.15 -86.35
CA CYS H 113 6.89 4.82 -85.72
C CYS H 113 5.64 5.35 -86.43
N GLN H 114 5.55 5.09 -87.72
CA GLN H 114 4.44 5.63 -88.50
C GLN H 114 3.31 4.61 -88.73
N ASN H 115 3.63 3.32 -88.56
CA ASN H 115 2.71 2.22 -88.80
C ASN H 115 2.93 1.10 -87.83
N ILE H 116 1.83 0.61 -87.25
CA ILE H 116 1.88 -0.58 -86.39
C ILE H 116 1.61 -1.77 -87.32
N THR H 117 2.30 -2.90 -87.09
CA THR H 117 1.91 -4.18 -87.66
C THR H 117 1.61 -5.15 -86.54
N TYR H 118 0.38 -5.65 -86.50
CA TYR H 118 -0.05 -6.55 -85.45
C TYR H 118 0.22 -7.93 -86.02
N LYS H 119 0.98 -8.73 -85.27
CA LYS H 119 1.49 -10.00 -85.75
C LYS H 119 0.54 -11.07 -85.20
N ALA H 120 0.12 -12.00 -86.02
CA ALA H 120 -0.87 -12.96 -85.54
C ALA H 120 -0.26 -14.07 -84.67
N SER H 121 1.01 -14.43 -84.92
CA SER H 121 1.71 -15.55 -84.23
C SER H 121 2.45 -15.11 -82.99
N HIS H 122 2.33 -15.87 -81.94
CA HIS H 122 3.12 -15.60 -80.77
C HIS H 122 4.44 -16.33 -80.85
N ASN H 123 5.43 -15.67 -81.44
CA ASN H 123 6.74 -16.26 -81.49
C ASN H 123 7.61 -15.64 -80.37
N ILE H 124 7.61 -16.31 -79.21
CA ILE H 124 8.16 -15.68 -78.04
C ILE H 124 9.59 -16.08 -77.88
N GLY H 125 10.47 -15.08 -77.87
CA GLY H 125 11.90 -15.28 -77.68
C GLY H 125 12.25 -15.59 -76.24
N ILE H 126 13.26 -16.43 -76.09
CA ILE H 126 13.89 -16.72 -74.84
C ILE H 126 15.29 -16.20 -75.00
N ALA H 127 15.66 -15.32 -74.08
CA ALA H 127 16.96 -14.66 -74.19
C ALA H 127 17.97 -15.55 -73.55
N MET H 128 19.03 -15.90 -74.27
CA MET H 128 20.15 -16.61 -73.64
C MET H 128 21.51 -16.01 -73.95
N ASP H 129 22.47 -16.38 -73.13
CA ASP H 129 23.88 -16.00 -73.35
C ASP H 129 24.68 -17.25 -73.56
N THR H 130 25.47 -17.24 -74.61
CA THR H 130 26.45 -18.29 -74.78
C THR H 130 27.81 -17.59 -74.86
N GLU H 131 28.89 -18.37 -74.91
CA GLU H 131 30.25 -17.80 -75.09
C GLU H 131 30.40 -17.26 -76.56
N GLN H 132 29.29 -16.75 -77.09
CA GLN H 132 29.24 -16.04 -78.37
C GLN H 132 28.28 -14.82 -78.31
N GLY H 133 27.86 -14.47 -77.09
CA GLY H 133 26.95 -13.35 -76.89
C GLY H 133 25.48 -13.70 -76.67
N LEU H 134 24.66 -12.68 -76.86
CA LEU H 134 23.25 -12.80 -76.70
C LEU H 134 22.68 -13.48 -77.91
N ILE H 135 21.83 -14.46 -77.65
CA ILE H 135 21.15 -15.23 -78.68
C ILE H 135 19.68 -15.46 -78.24
N VAL H 136 18.76 -15.19 -79.17
CA VAL H 136 17.35 -15.19 -78.86
C VAL H 136 16.51 -16.03 -79.82
N PRO H 137 16.49 -17.34 -79.60
CA PRO H 137 15.58 -18.17 -80.39
C PRO H 137 14.18 -17.91 -79.87
N ASN H 138 13.13 -18.36 -80.57
CA ASN H 138 11.74 -18.09 -80.15
C ASN H 138 10.91 -19.37 -80.39
N VAL H 139 9.90 -19.61 -79.55
CA VAL H 139 9.05 -20.79 -79.68
C VAL H 139 7.94 -20.35 -80.57
N LYS H 140 7.68 -21.04 -81.65
CA LYS H 140 6.77 -20.51 -82.64
C LYS H 140 5.37 -20.69 -82.20
N ASN H 141 4.48 -19.75 -82.52
CA ASN H 141 3.05 -20.08 -82.41
C ASN H 141 2.66 -20.67 -81.02
N VAL H 142 2.99 -19.91 -79.98
CA VAL H 142 2.76 -20.39 -78.66
C VAL H 142 1.27 -20.47 -78.44
N GLN H 143 0.49 -19.71 -79.17
CA GLN H 143 -0.95 -19.67 -78.93
C GLN H 143 -1.66 -21.02 -79.16
N ILE H 144 -0.99 -21.97 -79.84
CA ILE H 144 -1.58 -23.24 -80.17
C ILE H 144 -0.79 -24.44 -79.64
N ARG H 145 0.11 -24.20 -78.68
CA ARG H 145 0.88 -25.26 -78.05
C ARG H 145 0.43 -25.38 -76.62
N SER H 146 0.42 -26.59 -76.08
CA SER H 146 0.17 -26.78 -74.64
C SER H 146 1.45 -26.49 -73.97
N ILE H 147 1.37 -26.25 -72.68
CA ILE H 147 2.51 -26.09 -71.81
C ILE H 147 3.50 -27.19 -72.05
N PHE H 148 2.98 -28.41 -72.22
CA PHE H 148 3.89 -29.53 -72.45
C PHE H 148 4.63 -29.48 -73.81
N GLU H 149 3.99 -28.99 -74.85
CA GLU H 149 4.74 -28.79 -76.10
C GLU H 149 5.81 -27.71 -75.97
N ILE H 150 5.52 -26.65 -75.23
CA ILE H 150 6.49 -25.58 -74.98
C ILE H 150 7.66 -26.05 -74.12
N ALA H 151 7.40 -26.83 -73.09
CA ALA H 151 8.52 -27.44 -72.38
C ALA H 151 9.39 -28.13 -73.39
N THR H 152 8.81 -28.98 -74.25
CA THR H 152 9.62 -29.76 -75.19
C THR H 152 10.50 -28.90 -76.08
N GLU H 153 9.93 -27.80 -76.61
CA GLU H 153 10.68 -26.98 -77.56
C GLU H 153 11.76 -26.08 -76.87
N LEU H 154 11.46 -25.58 -75.66
CA LEU H 154 12.52 -24.99 -74.82
C LEU H 154 13.62 -26.01 -74.60
N ASN H 155 13.31 -27.29 -74.31
CA ASN H 155 14.42 -28.24 -74.15
C ASN H 155 15.27 -28.23 -75.45
N ARG H 156 14.60 -28.27 -76.60
CA ARG H 156 15.24 -28.48 -77.88
C ARG H 156 16.10 -27.23 -78.19
N LEU H 157 15.54 -26.05 -77.98
CA LEU H 157 16.32 -24.81 -78.15
C LEU H 157 17.47 -24.59 -77.14
N GLN H 158 17.29 -25.01 -75.88
CA GLN H 158 18.42 -24.99 -74.95
C GLN H 158 19.58 -25.93 -75.36
N LYS H 159 19.32 -27.20 -75.63
CA LYS H 159 20.43 -28.03 -76.12
C LYS H 159 21.12 -27.44 -77.38
N LEU H 160 20.35 -27.08 -78.39
CA LEU H 160 20.91 -26.53 -79.61
C LEU H 160 21.74 -25.29 -79.31
N GLY H 161 21.18 -24.45 -78.44
CA GLY H 161 21.75 -23.20 -78.08
C GLY H 161 23.10 -23.38 -77.45
N SER H 162 23.23 -24.32 -76.50
CA SER H 162 24.56 -24.70 -75.94
C SER H 162 25.48 -25.40 -76.96
N ALA H 163 24.93 -26.07 -77.95
CA ALA H 163 25.74 -26.82 -78.91
C ALA H 163 26.16 -25.92 -80.06
N GLY H 164 25.72 -24.65 -80.00
CA GLY H 164 26.02 -23.67 -81.09
C GLY H 164 25.31 -23.98 -82.40
N GLN H 165 24.09 -24.52 -82.33
CA GLN H 165 23.43 -25.13 -83.48
C GLN H 165 21.98 -24.68 -83.72
N LEU H 166 21.56 -23.53 -83.19
CA LEU H 166 20.23 -23.04 -83.57
C LEU H 166 20.15 -22.79 -85.08
N SER H 167 19.06 -23.08 -85.76
CA SER H 167 19.00 -22.80 -87.21
C SER H 167 18.63 -21.33 -87.47
N THR H 168 18.72 -20.85 -88.70
CA THR H 168 18.26 -19.48 -88.82
C THR H 168 16.74 -19.39 -88.55
N ASN H 169 16.00 -20.46 -88.80
CA ASN H 169 14.57 -20.44 -88.50
C ASN H 169 14.28 -20.29 -87.03
N ASP H 170 15.11 -20.88 -86.18
CA ASP H 170 14.83 -20.82 -84.75
C ASP H 170 15.00 -19.40 -84.29
N LEU H 171 15.90 -18.70 -84.97
CA LEU H 171 16.27 -17.33 -84.63
C LEU H 171 15.36 -16.24 -85.16
N ILE H 172 14.72 -16.41 -86.30
CA ILE H 172 14.01 -15.25 -86.83
C ILE H 172 12.55 -15.25 -86.45
N GLY H 173 11.84 -14.22 -86.93
CA GLY H 173 10.44 -14.07 -86.72
C GLY H 173 9.91 -13.88 -85.30
N GLY H 174 10.76 -13.62 -84.33
CA GLY H 174 10.33 -13.49 -82.91
C GLY H 174 9.39 -12.32 -82.83
N THR H 175 8.48 -12.28 -81.90
CA THR H 175 7.59 -11.11 -81.82
C THR H 175 7.49 -10.47 -80.41
N PHE H 176 8.12 -11.08 -79.41
CA PHE H 176 8.01 -10.73 -78.01
C PHE H 176 9.03 -11.60 -77.27
N THR H 177 9.58 -11.10 -76.17
CA THR H 177 10.69 -11.75 -75.54
C THR H 177 10.55 -11.83 -74.02
N LEU H 178 10.89 -13.00 -73.51
CA LEU H 178 11.02 -13.17 -72.08
C LEU H 178 12.43 -13.52 -71.83
N SER H 179 12.94 -13.12 -70.68
CA SER H 179 14.31 -13.41 -70.34
C SER H 179 14.41 -13.88 -68.89
N ASN H 180 14.88 -15.11 -68.70
CA ASN H 180 14.92 -15.64 -67.38
C ASN H 180 16.21 -15.33 -66.62
N ILE H 181 16.41 -14.06 -66.25
CA ILE H 181 17.61 -13.67 -65.46
C ILE H 181 17.70 -14.47 -64.14
N GLY H 182 16.55 -14.94 -63.65
CA GLY H 182 16.43 -15.70 -62.43
C GLY H 182 17.01 -17.10 -62.52
N SER H 183 17.20 -17.62 -63.75
CA SER H 183 18.06 -18.79 -63.88
C SER H 183 19.39 -18.52 -63.17
N ILE H 184 19.85 -17.27 -63.06
CA ILE H 184 21.12 -17.01 -62.38
C ILE H 184 21.00 -16.25 -61.04
N GLY H 185 20.12 -15.26 -60.98
CA GLY H 185 19.88 -14.54 -59.71
C GLY H 185 19.14 -13.23 -59.98
N GLY H 186 18.96 -12.39 -58.95
CA GLY H 186 18.36 -11.06 -59.22
C GLY H 186 16.89 -11.01 -58.92
N THR H 187 16.39 -9.81 -58.60
CA THR H 187 14.98 -9.52 -58.37
C THR H 187 14.43 -8.72 -59.60
N TYR H 188 14.52 -7.38 -59.62
CA TYR H 188 14.01 -6.57 -60.76
C TYR H 188 15.07 -6.30 -61.79
N ALA H 189 14.67 -5.89 -62.99
CA ALA H 189 15.64 -5.53 -64.05
C ALA H 189 15.11 -4.39 -64.93
N LYS H 190 15.99 -3.79 -65.72
CA LYS H 190 15.58 -2.98 -66.85
C LYS H 190 16.02 -3.72 -68.15
N PRO H 191 15.19 -4.63 -68.70
CA PRO H 191 15.72 -5.30 -69.91
C PRO H 191 15.58 -4.37 -71.10
N VAL H 192 16.31 -4.66 -72.17
CA VAL H 192 16.29 -3.90 -73.38
C VAL H 192 15.37 -4.53 -74.46
N ILE H 193 14.37 -3.80 -74.92
CA ILE H 193 13.49 -4.21 -76.04
C ILE H 193 14.34 -4.50 -77.27
N LEU H 194 14.04 -5.59 -78.00
CA LEU H 194 14.87 -5.93 -79.16
C LEU H 194 14.10 -5.57 -80.40
N PRO H 195 14.55 -4.57 -81.17
CA PRO H 195 13.89 -4.17 -82.42
C PRO H 195 13.62 -5.37 -83.36
N PRO H 196 12.47 -5.40 -84.05
CA PRO H 196 11.42 -4.42 -84.03
C PRO H 196 10.30 -4.79 -83.07
N GLU H 197 10.55 -5.66 -82.12
CA GLU H 197 9.53 -5.94 -81.07
C GLU H 197 9.21 -4.69 -80.28
N VAL H 198 8.15 -4.72 -79.52
CA VAL H 198 7.82 -3.54 -78.74
C VAL H 198 7.81 -3.78 -77.25
N ALA H 199 7.95 -5.02 -76.79
CA ALA H 199 7.99 -5.26 -75.36
C ALA H 199 8.92 -6.39 -75.09
N ILE H 200 9.42 -6.45 -73.85
CA ILE H 200 10.25 -7.52 -73.32
C ILE H 200 9.95 -7.66 -71.84
N GLY H 201 10.15 -8.85 -71.29
CA GLY H 201 9.87 -9.00 -69.87
C GLY H 201 10.98 -9.77 -69.23
N ALA H 202 11.38 -9.37 -68.02
CA ALA H 202 12.43 -10.13 -67.38
C ALA H 202 11.94 -10.76 -66.04
N LEU H 203 12.26 -12.03 -65.81
CA LEU H 203 11.78 -12.71 -64.59
C LEU H 203 12.92 -12.93 -63.65
N GLY H 204 12.73 -12.67 -62.38
CA GLY H 204 13.79 -12.80 -61.39
C GLY H 204 13.67 -14.07 -60.57
N THR H 205 14.38 -14.12 -59.48
CA THR H 205 14.46 -15.29 -58.63
C THR H 205 13.22 -15.53 -57.80
N ILE H 206 12.74 -16.77 -57.78
CA ILE H 206 11.73 -17.22 -56.86
C ILE H 206 12.28 -17.33 -55.44
N LYS H 207 11.75 -16.51 -54.56
CA LYS H 207 12.35 -16.32 -53.27
C LYS H 207 11.27 -16.54 -52.20
N ALA H 208 11.57 -17.33 -51.18
CA ALA H 208 10.57 -17.58 -50.12
C ALA H 208 10.48 -16.42 -49.13
N LEU H 209 9.45 -15.59 -49.24
CA LEU H 209 9.38 -14.43 -48.36
C LEU H 209 8.22 -14.55 -47.41
N PRO H 210 8.37 -13.98 -46.23
CA PRO H 210 7.23 -13.94 -45.33
C PRO H 210 6.13 -13.02 -45.82
N ARG H 211 4.91 -13.55 -45.95
CA ARG H 211 3.74 -12.79 -46.43
C ARG H 211 2.45 -13.15 -45.66
N PHE H 212 1.48 -12.24 -45.64
CA PHE H 212 0.15 -12.50 -45.04
C PHE H 212 -0.78 -13.30 -45.94
N ASN H 213 -1.48 -14.28 -45.38
CA ASN H 213 -2.57 -14.91 -46.13
C ASN H 213 -3.90 -14.15 -45.92
N GLU H 214 -5.02 -14.69 -46.40
CA GLU H 214 -6.33 -14.01 -46.24
C GLU H 214 -6.78 -13.86 -44.79
N LYS H 215 -6.42 -14.83 -43.96
CA LYS H 215 -6.67 -14.69 -42.52
C LYS H 215 -5.76 -13.63 -41.80
N GLY H 216 -4.84 -12.99 -42.51
CA GLY H 216 -3.88 -12.07 -41.87
C GLY H 216 -2.75 -12.74 -41.06
N GLU H 217 -2.41 -14.00 -41.39
CA GLU H 217 -1.27 -14.71 -40.80
C GLU H 217 -0.01 -14.64 -41.68
N VAL H 218 1.12 -14.77 -41.03
CA VAL H 218 2.42 -14.82 -41.70
C VAL H 218 2.68 -16.22 -42.29
N CYS H 219 2.81 -16.26 -43.61
CA CYS H 219 3.07 -17.49 -44.36
C CYS H 219 4.35 -17.40 -45.14
N LYS H 220 4.85 -18.59 -45.53
CA LYS H 220 5.96 -18.76 -46.48
C LYS H 220 5.32 -18.61 -47.84
N ALA H 221 5.74 -17.61 -48.58
CA ALA H 221 5.22 -17.45 -49.92
C ALA H 221 6.34 -17.45 -50.96
N GLN H 222 6.05 -17.98 -52.15
CA GLN H 222 7.04 -18.01 -53.19
C GLN H 222 6.84 -16.79 -54.06
N ILE H 223 7.81 -15.87 -54.00
CA ILE H 223 7.64 -14.57 -54.64
C ILE H 223 8.58 -14.41 -55.81
N MET H 224 8.09 -13.91 -56.92
CA MET H 224 8.97 -13.66 -58.03
C MET H 224 8.73 -12.24 -58.53
N ASN H 225 9.78 -11.52 -58.87
CA ASN H 225 9.59 -10.22 -59.49
C ASN H 225 9.64 -10.30 -61.00
N VAL H 226 8.80 -9.51 -61.67
CA VAL H 226 8.82 -9.44 -63.11
C VAL H 226 9.03 -7.99 -63.47
N SER H 227 9.87 -7.71 -64.48
CA SER H 227 10.06 -6.36 -64.98
C SER H 227 9.77 -6.32 -66.46
N TRP H 228 8.87 -5.44 -66.92
CA TRP H 228 8.66 -5.30 -68.36
C TRP H 228 9.14 -3.98 -68.86
N SER H 229 9.55 -3.92 -70.11
CA SER H 229 9.95 -2.68 -70.74
C SER H 229 9.14 -2.60 -71.99
N ALA H 230 8.63 -1.41 -72.34
CA ALA H 230 7.71 -1.30 -73.48
C ALA H 230 8.00 -0.04 -74.25
N ASP H 231 7.71 -0.09 -75.54
CA ASP H 231 7.93 1.03 -76.42
C ASP H 231 6.79 2.02 -76.18
N HIS H 232 7.05 3.03 -75.36
CA HIS H 232 6.01 3.96 -74.96
C HIS H 232 5.56 4.90 -76.10
N ARG H 233 6.18 4.80 -77.28
CA ARG H 233 5.70 5.53 -78.41
C ARG H 233 4.32 5.04 -78.82
N ILE H 234 4.01 3.79 -78.51
CA ILE H 234 2.75 3.21 -78.97
C ILE H 234 2.04 2.39 -77.93
N ILE H 235 2.76 1.95 -76.91
CA ILE H 235 2.14 1.26 -75.77
C ILE H 235 2.02 2.19 -74.56
N ASP H 236 0.81 2.40 -74.06
CA ASP H 236 0.65 3.19 -72.85
C ASP H 236 0.82 2.34 -71.59
N GLY H 237 0.97 3.04 -70.49
CA GLY H 237 1.13 2.43 -69.22
C GLY H 237 0.02 1.52 -68.84
N ALA H 238 -1.20 1.91 -69.20
CA ALA H 238 -2.37 1.08 -68.88
C ALA H 238 -2.32 -0.27 -69.56
N THR H 239 -1.93 -0.31 -70.84
CA THR H 239 -1.89 -1.56 -71.58
C THR H 239 -0.86 -2.49 -70.91
N VAL H 240 0.32 -1.95 -70.56
CA VAL H 240 1.37 -2.73 -69.96
C VAL H 240 0.92 -3.29 -68.63
N SER H 241 0.31 -2.43 -67.86
CA SER H 241 -0.16 -2.70 -66.53
C SER H 241 -1.26 -3.82 -66.45
N ARG H 242 -2.24 -3.67 -67.33
CA ARG H 242 -3.35 -4.59 -67.42
C ARG H 242 -2.88 -5.92 -68.00
N PHE H 243 -1.88 -5.90 -68.87
CA PHE H 243 -1.42 -7.13 -69.45
C PHE H 243 -0.74 -7.92 -68.35
N SER H 244 0.03 -7.21 -67.51
CA SER H 244 0.87 -7.80 -66.47
C SER H 244 -0.01 -8.49 -65.44
N ASN H 245 -1.09 -7.80 -65.09
CA ASN H 245 -1.99 -8.25 -64.07
C ASN H 245 -2.59 -9.54 -64.56
N LEU H 246 -3.02 -9.53 -65.81
CA LEU H 246 -3.62 -10.73 -66.38
C LEU H 246 -2.61 -11.86 -66.40
N TRP H 247 -1.37 -11.54 -66.76
CA TRP H 247 -0.32 -12.53 -66.85
C TRP H 247 -0.14 -13.06 -65.44
N LYS H 248 -0.09 -12.14 -64.50
CA LYS H 248 0.17 -12.48 -63.12
C LYS H 248 -1.01 -13.31 -62.62
N SER H 249 -2.15 -13.01 -63.17
CA SER H 249 -3.35 -13.64 -62.67
C SER H 249 -3.40 -15.09 -63.10
N TYR H 250 -2.85 -15.39 -64.29
CA TYR H 250 -2.84 -16.76 -64.78
C TYR H 250 -1.87 -17.61 -64.02
N LEU H 251 -0.83 -17.00 -63.45
CA LEU H 251 0.20 -17.73 -62.74
C LEU H 251 -0.14 -17.77 -61.25
N GLU H 252 -0.75 -16.74 -60.70
CA GLU H 252 -1.08 -16.80 -59.27
C GLU H 252 -2.24 -17.77 -59.07
N ASN H 253 -3.20 -17.77 -60.00
CA ASN H 253 -4.36 -18.67 -59.97
C ASN H 253 -4.34 -19.62 -61.19
N PRO H 254 -3.51 -20.67 -61.15
CA PRO H 254 -3.38 -21.44 -62.38
C PRO H 254 -4.65 -22.13 -62.93
N ALA H 255 -5.70 -22.22 -62.14
CA ALA H 255 -6.92 -22.81 -62.65
C ALA H 255 -7.54 -21.90 -63.69
N PHE H 256 -7.20 -20.61 -63.64
CA PHE H 256 -7.70 -19.65 -64.60
C PHE H 256 -7.18 -20.05 -65.97
N MET H 257 -5.97 -20.62 -66.03
CA MET H 257 -5.46 -21.14 -67.30
C MET H 257 -6.32 -22.30 -67.85
N LEU H 258 -6.83 -23.09 -66.92
CA LEU H 258 -7.59 -24.29 -67.25
C LEU H 258 -8.92 -23.95 -67.92
N LEU H 259 -9.50 -22.81 -67.54
CA LEU H 259 -10.79 -22.43 -68.06
C LEU H 259 -10.78 -22.40 -69.57
N ASP H 260 -9.75 -21.84 -70.21
CA ASP H 260 -9.86 -21.50 -71.64
C ASP H 260 -9.13 -22.36 -72.65
N LEU H 261 -8.29 -23.27 -72.17
CA LEU H 261 -7.53 -24.19 -73.01
C LEU H 261 -8.35 -25.38 -73.48
N LYS H 262 -8.02 -25.89 -74.67
CA LYS H 262 -8.85 -26.83 -75.37
C LYS H 262 -8.14 -28.10 -75.85
C ACT I . 25.56 12.67 27.24
O ACT I . 25.40 13.34 28.29
OXT ACT I . 25.07 11.50 27.21
CH3 ACT I . 26.31 13.29 26.07
C ACT J . 28.47 12.47 23.77
O ACT J . 29.16 12.33 24.79
OXT ACT J . 28.90 13.39 23.02
CH3 ACT J . 27.26 11.61 23.48
CL CL K . 26.39 8.19 36.00
CL CL L . 14.63 -7.48 17.05
C ACT M . 32.22 -5.86 35.12
O ACT M . 32.88 -4.81 35.23
OXT ACT M . 31.02 -5.71 34.70
CH3 ACT M . 32.85 -7.18 35.49
C ACT N . 31.15 -10.15 36.81
O ACT N . 31.03 -10.32 38.05
OXT ACT N . 31.74 -11.05 36.17
CH3 ACT N . 30.64 -8.93 36.10
CL CL O . 28.04 2.68 38.30
C ACT P . 12.75 1.80 40.24
O ACT P . 13.67 1.90 41.11
OXT ACT P . 13.11 1.74 39.03
CH3 ACT P . 11.31 1.78 40.64
C ACT Q . 9.13 4.54 39.10
O ACT Q . 8.21 3.86 39.61
OXT ACT Q . 8.98 5.77 39.24
CH3 ACT Q . 10.30 3.91 38.37
CL CL R . 22.26 5.10 39.80
C ACT S . -30.87 30.30 -20.82
O ACT S . -29.77 30.11 -20.23
OXT ACT S . -31.62 31.12 -20.24
CH3 ACT S . -31.31 29.65 -22.11
C ACT T . -29.96 29.37 -25.40
O ACT T . -30.72 28.57 -25.96
OXT ACT T . -29.91 30.51 -25.92
CH3 ACT T . -29.20 28.97 -24.18
CL CL U . -25.79 37.17 -15.67
C ACT V . -10.53 36.93 -18.15
O ACT V . -10.99 37.81 -18.93
OXT ACT V . -11.38 36.17 -17.60
CH3 ACT V . -9.03 36.83 -17.92
C ACT W . -6.70 36.74 -15.75
O ACT W . -5.80 37.61 -15.91
OXT ACT W . -7.43 36.93 -14.77
CH3 ACT W . -6.91 35.53 -16.62
CL CL X . -19.59 39.11 -14.81
CL CL Y . -14.36 12.73 -14.11
C ACT Z . -22.64 32.56 -1.23
O ACT Z . -22.55 32.09 -2.39
OXT ACT Z . -22.23 33.72 -1.16
CH3 ACT Z . -23.18 31.85 0.00
C ACT AA . -26.17 29.99 0.74
O ACT AA . -27.18 30.49 1.30
OXT ACT AA . -26.12 30.11 -0.51
CH3 ACT AA . -25.03 29.30 1.46
CL CL BA . -23.23 37.60 -9.59
C ACT CA . -22.15 -65.52 31.13
O ACT CA . -21.96 -66.14 32.20
OXT ACT CA . -21.86 -64.31 31.17
CH3 ACT CA . -22.68 -66.22 29.90
C ACT DA . -25.69 -65.10 28.28
O ACT DA . -26.64 -65.44 29.05
OXT ACT DA . -25.55 -65.83 27.25
CH3 ACT DA . -24.76 -63.95 28.51
CL CL EA . -13.34 -45.44 20.02
CL CL FA . -21.61 -60.15 40.09
C ACT GA . 17.60 -8.17 -73.00
O ACT GA . 17.53 -7.65 -71.84
OXT ACT GA . 17.08 -7.51 -73.91
CH3 ACT GA . 18.23 -9.49 -73.34
C ACT HA . 21.16 -10.83 -71.87
O ACT HA . 21.15 -12.07 -72.13
OXT ACT HA . 22.07 -10.17 -72.42
CH3 ACT HA . 20.13 -10.22 -70.95
CL CL IA . 13.92 6.84 -72.18
CL CL JA . 9.88 -7.16 -49.41
#